data_5FWL
#
_entry.id   5FWL
#
_cell.length_a   1.000
_cell.length_b   1.000
_cell.length_c   1.000
_cell.angle_alpha   90.00
_cell.angle_beta   90.00
_cell.angle_gamma   90.00
#
_symmetry.space_group_name_H-M   'P 1'
#
loop_
_entity.id
_entity.type
_entity.pdbx_description
1 polymer 'HEAT SHOCK PROTEIN HSP 90 BETA'
2 polymer 'HSP90 CO-CHAPERONE CDC37'
3 polymer 'CYCLIN-DEPENDENT KINASE 4'
4 non-polymer "ADENOSINE-5'-TRIPHOSPHATE"
5 non-polymer 'MAGNESIUM ION'
#
loop_
_entity_poly.entity_id
_entity_poly.type
_entity_poly.pdbx_seq_one_letter_code
_entity_poly.pdbx_strand_id
1 'polypeptide(L)'
;GGFMPEEVHHGEEEVETFAFQAEIAQLMSLIINTFYSNKEIFLRELISNASDALDKIRYESLTDPSKLDSGKELKIDIIP
NPQERTLTLVDTGIGMTKADLINNLGTIAKSGTKAFMEALQAGADISMIGQFGVGFYSAYLVAEKVVVITKHNDDEQYAW
ESSAGGSFTVRADHGEPIGRGTKVILHLKEDQTEYLEERRVKEVVKKHSQFIGYPITLYLEKEREKEISDDEAEEEKGEK
EEEDKDDEEKPKIEDVGSDEEDDSGKDKKKKTKKIKEKYIDQEELNKTKPIWTRNPDDITQEEYGEFYKSLTNDWEDHLA
VKHFSVEGQLEFRALLFIPRRAPFDLFENKKKKNNIKLYVRRVFIMDSCDELIPEYLNFIRGVVDSEDLPLNISREMLQQ
SKILKVIRKNIVKKCLELFSELAEDKENYKKFYEAFSKNLKLGIHEDSTNRRRLSELLRYHTSQSGDEMTSLSEYVSRMK
ETQKSIYYITGESKEQVANSAFVERVRKRGFEVVYMTEPIDEYCVQQLKEFDGKSLVSVTKEGLELPEDEEEKKKMEESK
AKFENLCKLMKEILDKKVEKVTISNRLVSSPCCIVTSTYGWTANMERIMKAQALRDNSTMGYMMAKKHLEINPDHPIVET
LRQKAEADKNDKAVKDLVVLLFETALLSSGFSLEDPQTHSNRIYRMIKLGLGIDEDEVAAEEPNAAVPDEIPPLEGDEDA
SRMEEVD
;
A,B
2 'polypeptide(L)'
;MVDYSVWDHIEV(SEP)DDEDETHPNIDTASLFRWRHQARVERMEQFQKEKEELDRGCRECKRKVAECQRKLKELEVAEG
GKAELERLQAEAQQLRKEERSWEQKLEEMRKKEKSMPWNVDTLSKDGFSKSMVNTKPEKTEEDSEEVREQKHKTFVEKYE
KQIKHFGMLRRWDDSQKYLSDNVHLVCEETANYLVIWCIDLEVEEKCALMEQVAHQTIVMQFILELAKSLKVDPRACFRQ
FFTKIKTADRQYMEGFNDELEAFKERVRGRAKLRIEKAMKEYEEEERKKRLGPGGLDPVEVYESLPEELQKCFDVKDVQM
LQDAISKMDPTDAKYHMQRCIDSGLWVPNSKASEAKEGEEAGPGDPLLEAVPKTGDEKDVSV
;
E
3 'polypeptide(L)'
;GAMDPEFMATSRYEPVAEIGVGAYGTVYKARDPHSGHFVALKSVRVPNGGGGGGGLPISTVREVALLRRLEAFEHPNVVR
LMDVCATSRTDREIKVTLVFEHVDQDLRTYLDKAPPPGLPAETIKDLMRQFLRGLDFLHANCIVHRDLKPENILVTSGGT
VKLADFGLARIYSYQMALTPVVVTLWYRAPEVLLQSTYATPVDMWSVGCIFAEMFRRKPLFCGNSEADQLGKIFDLIGLP
PEDDWPRDVSLPRGAFPPRGPRPVQSVVPEMEESGAQLLLEMLTFNPHKRISAFRALQHSYLHKDEGNPE
;
K
#
loop_
_chem_comp.id
_chem_comp.type
_chem_comp.name
_chem_comp.formula
ATP non-polymer ADENOSINE-5'-TRIPHOSPHATE 'C10 H16 N5 O13 P3'
MG non-polymer 'MAGNESIUM ION' 'Mg 2'
#
# COMPACT_ATOMS: atom_id res chain seq x y z
N GLU A 13 -28.66 -38.58 -36.72
CA GLU A 13 -28.40 -39.96 -37.05
C GLU A 13 -28.19 -40.81 -35.83
N GLU A 14 -27.68 -42.03 -36.03
CA GLU A 14 -27.38 -42.93 -34.93
C GLU A 14 -26.56 -42.22 -33.89
N VAL A 15 -27.03 -42.26 -32.66
CA VAL A 15 -26.38 -41.58 -31.58
C VAL A 15 -25.33 -42.45 -30.94
N GLU A 16 -24.09 -42.05 -31.09
CA GLU A 16 -23.00 -42.79 -30.50
C GLU A 16 -22.71 -42.26 -29.13
N THR A 17 -22.49 -43.14 -28.16
CA THR A 17 -22.24 -42.72 -26.79
C THR A 17 -20.80 -42.96 -26.40
N PHE A 18 -20.19 -41.95 -25.81
CA PHE A 18 -18.80 -42.02 -25.46
C PHE A 18 -18.57 -41.62 -24.02
N ALA A 19 -17.61 -42.22 -23.38
CA ALA A 19 -17.24 -41.77 -22.06
C ALA A 19 -16.22 -40.67 -22.21
N PHE A 20 -16.18 -39.75 -21.24
CA PHE A 20 -15.14 -38.72 -21.31
C PHE A 20 -13.79 -39.33 -21.08
N GLN A 21 -12.80 -38.83 -21.80
CA GLN A 21 -11.45 -39.33 -21.72
C GLN A 21 -10.55 -38.32 -21.04
N ALA A 22 -9.31 -38.71 -20.79
CA ALA A 22 -8.37 -37.80 -20.17
C ALA A 22 -6.94 -38.11 -20.56
N GLU A 23 -6.22 -37.08 -20.98
CA GLU A 23 -4.81 -37.23 -21.30
C GLU A 23 -3.99 -37.05 -20.08
N ILE A 24 -3.89 -38.14 -19.33
CA ILE A 24 -3.19 -38.16 -18.06
C ILE A 24 -1.78 -37.63 -18.15
N ALA A 25 -1.08 -37.95 -19.23
CA ALA A 25 0.27 -37.45 -19.43
C ALA A 25 0.31 -35.92 -19.41
N GLN A 26 -0.71 -35.27 -19.98
CA GLN A 26 -0.78 -33.82 -19.98
C GLN A 26 -1.32 -33.33 -18.66
N LEU A 27 -2.31 -34.04 -18.16
CA LEU A 27 -2.97 -33.72 -16.92
C LEU A 27 -2.00 -33.65 -15.76
N MET A 28 -1.16 -34.66 -15.64
CA MET A 28 -0.17 -34.72 -14.57
C MET A 28 0.73 -33.51 -14.57
N SER A 29 1.18 -33.11 -15.75
CA SER A 29 2.06 -31.97 -15.85
C SER A 29 1.32 -30.70 -15.48
N LEU A 30 0.03 -30.66 -15.74
CA LEU A 30 -0.77 -29.52 -15.36
C LEU A 30 -0.99 -29.49 -13.85
N ILE A 31 -1.17 -30.66 -13.25
CA ILE A 31 -1.36 -30.73 -11.82
C ILE A 31 -0.17 -30.20 -11.08
N ILE A 32 1.00 -30.59 -11.51
CA ILE A 32 2.21 -30.14 -10.87
C ILE A 32 2.56 -28.71 -11.25
N ASN A 33 2.51 -28.41 -12.54
CA ASN A 33 3.01 -27.15 -13.03
C ASN A 33 2.03 -25.97 -12.96
N THR A 34 0.74 -26.21 -13.12
CA THR A 34 -0.20 -25.11 -13.22
C THR A 34 -1.15 -24.96 -12.03
N PHE A 35 -1.23 -25.96 -11.16
CA PHE A 35 -2.18 -25.85 -10.06
C PHE A 35 -1.68 -25.03 -8.87
N TYR A 36 -0.36 -25.00 -8.65
CA TYR A 36 0.17 -24.27 -7.49
C TYR A 36 1.27 -23.30 -7.85
N SER A 37 1.23 -22.14 -7.23
CA SER A 37 2.26 -21.13 -7.40
C SER A 37 3.18 -21.09 -6.18
N ASN A 38 2.66 -21.48 -5.02
CA ASN A 38 3.43 -21.50 -3.80
C ASN A 38 3.85 -22.91 -3.43
N LYS A 39 5.13 -23.20 -3.59
CA LYS A 39 5.67 -24.52 -3.31
C LYS A 39 5.70 -24.89 -1.81
N GLU A 40 5.38 -23.92 -0.92
CA GLU A 40 5.30 -24.18 0.52
C GLU A 40 4.18 -25.16 0.85
N ILE A 41 3.19 -25.27 -0.07
CA ILE A 41 2.09 -26.19 0.10
C ILE A 41 2.55 -27.64 0.04
N PHE A 42 3.82 -27.86 -0.36
CA PHE A 42 4.43 -29.14 -0.38
C PHE A 42 4.33 -29.83 0.95
N LEU A 43 4.86 -29.19 1.99
CA LEU A 43 4.82 -29.78 3.30
C LEU A 43 3.42 -29.79 3.85
N ARG A 44 2.65 -28.74 3.57
CA ARG A 44 1.29 -28.67 4.08
C ARG A 44 0.45 -29.86 3.68
N GLU A 45 0.46 -30.15 2.38
CA GLU A 45 -0.36 -31.22 1.85
C GLU A 45 0.12 -32.58 2.30
N LEU A 46 1.44 -32.75 2.40
CA LEU A 46 2.00 -34.01 2.85
C LEU A 46 1.62 -34.29 4.30
N ILE A 47 1.71 -33.26 5.12
CA ILE A 47 1.33 -33.35 6.52
C ILE A 47 -0.15 -33.58 6.67
N SER A 48 -0.94 -32.88 5.87
CA SER A 48 -2.39 -33.02 5.91
C SER A 48 -2.79 -34.46 5.64
N ASN A 49 -2.13 -35.09 4.67
CA ASN A 49 -2.40 -36.47 4.34
C ASN A 49 -2.05 -37.39 5.48
N ALA A 50 -0.92 -37.08 6.13
CA ALA A 50 -0.51 -37.86 7.28
C ALA A 50 -1.52 -37.76 8.40
N SER A 51 -2.05 -36.55 8.63
CA SER A 51 -3.01 -36.35 9.69
C SER A 51 -4.34 -37.03 9.37
N ASP A 52 -4.65 -37.16 8.09
CA ASP A 52 -5.85 -37.87 7.68
C ASP A 52 -5.74 -39.34 8.04
N ALA A 53 -4.57 -39.91 7.77
CA ALA A 53 -4.32 -41.30 8.10
C ALA A 53 -4.38 -41.52 9.61
N LEU A 54 -3.91 -40.53 10.37
CA LEU A 54 -3.97 -40.59 11.81
C LEU A 54 -5.41 -40.50 12.31
N ASP A 55 -6.24 -39.68 11.62
CA ASP A 55 -7.67 -39.58 11.91
C ASP A 55 -8.35 -40.91 11.66
N LYS A 56 -7.91 -41.61 10.60
CA LYS A 56 -8.45 -42.91 10.25
C LYS A 56 -8.22 -43.89 11.38
N ILE A 57 -7.02 -43.87 11.96
CA ILE A 57 -6.73 -44.69 13.11
C ILE A 57 -7.56 -44.36 14.28
N ARG A 58 -7.67 -43.05 14.56
CA ARG A 58 -8.42 -42.64 15.73
C ARG A 58 -9.79 -43.24 15.70
N TYR A 59 -10.45 -43.15 14.56
CA TYR A 59 -11.76 -43.73 14.44
C TYR A 59 -11.76 -45.23 14.62
N GLU A 60 -10.88 -45.91 13.90
CA GLU A 60 -10.88 -47.36 13.94
C GLU A 60 -10.59 -47.86 15.34
N SER A 61 -9.61 -47.25 15.99
CA SER A 61 -9.25 -47.58 17.35
C SER A 61 -10.31 -47.15 18.35
N LEU A 62 -11.06 -46.10 18.02
CA LEU A 62 -12.16 -45.62 18.85
C LEU A 62 -13.22 -46.69 18.97
N THR A 63 -13.59 -47.27 17.84
CA THR A 63 -14.61 -48.29 17.82
C THR A 63 -14.02 -49.68 18.05
N ASP A 64 -12.71 -49.81 17.86
CA ASP A 64 -12.03 -51.08 18.06
C ASP A 64 -10.57 -50.89 18.46
N PRO A 65 -10.28 -50.77 19.75
CA PRO A 65 -8.99 -50.55 20.41
C PRO A 65 -7.87 -51.50 19.93
N SER A 66 -8.24 -52.71 19.45
CA SER A 66 -7.25 -53.68 18.99
C SER A 66 -6.59 -53.22 17.68
N LYS A 67 -7.16 -52.18 17.08
CA LYS A 67 -6.58 -51.58 15.89
C LYS A 67 -5.22 -50.95 16.20
N LEU A 68 -4.94 -50.71 17.49
CA LEU A 68 -3.68 -50.11 17.92
C LEU A 68 -2.67 -51.15 18.41
N ASP A 69 -2.94 -52.43 18.17
CA ASP A 69 -2.01 -53.47 18.63
C ASP A 69 -0.64 -53.38 17.95
N SER A 70 -0.61 -52.80 16.74
CA SER A 70 0.65 -52.60 16.02
C SER A 70 1.19 -51.16 16.19
N GLY A 71 0.68 -50.44 17.19
CA GLY A 71 1.15 -49.09 17.47
C GLY A 71 0.02 -48.20 17.97
N LYS A 72 0.24 -47.53 19.11
CA LYS A 72 -0.76 -46.67 19.72
C LYS A 72 -0.46 -45.18 19.51
N GLU A 73 0.82 -44.81 19.59
CA GLU A 73 1.23 -43.42 19.46
C GLU A 73 0.91 -42.86 18.08
N LEU A 74 0.20 -41.73 18.06
CA LEU A 74 -0.18 -41.07 16.82
C LEU A 74 0.52 -39.72 16.65
N LYS A 75 1.36 -39.62 15.61
CA LYS A 75 2.12 -38.41 15.37
C LYS A 75 2.69 -38.34 13.94
N ILE A 76 3.23 -37.17 13.62
CA ILE A 76 3.84 -36.92 12.32
C ILE A 76 5.31 -36.47 12.51
N ASP A 77 6.26 -37.26 12.03
CA ASP A 77 7.67 -36.87 12.20
C ASP A 77 8.34 -36.50 10.88
N ILE A 78 9.19 -35.48 10.90
CA ILE A 78 9.91 -35.09 9.69
C ILE A 78 11.41 -35.13 9.90
N ILE A 79 12.08 -35.91 9.06
CA ILE A 79 13.51 -36.09 9.15
C ILE A 79 14.18 -35.74 7.81
N PRO A 80 14.98 -34.67 7.74
CA PRO A 80 15.71 -34.24 6.58
C PRO A 80 16.99 -35.01 6.43
N ASN A 81 17.40 -35.23 5.18
CA ASN A 81 18.64 -35.95 4.90
C ASN A 81 19.45 -35.25 3.81
N PRO A 82 20.15 -34.16 4.16
CA PRO A 82 21.01 -33.32 3.33
C PRO A 82 22.08 -34.09 2.60
N GLN A 83 22.56 -35.16 3.20
CA GLN A 83 23.55 -36.01 2.57
C GLN A 83 22.99 -36.76 1.34
N GLU A 84 21.67 -36.83 1.25
CA GLU A 84 21.00 -37.41 0.11
C GLU A 84 20.26 -36.35 -0.66
N ARG A 85 19.95 -35.24 0.02
CA ARG A 85 19.11 -34.18 -0.49
C ARG A 85 17.70 -34.69 -0.56
N THR A 86 17.29 -35.40 0.49
CA THR A 86 15.97 -35.97 0.55
C THR A 86 15.31 -35.63 1.87
N LEU A 87 14.01 -35.78 1.92
CA LEU A 87 13.26 -35.58 3.14
C LEU A 87 12.46 -36.84 3.47
N THR A 88 12.28 -37.13 4.75
CA THR A 88 11.48 -38.26 5.15
C THR A 88 10.30 -37.84 6.00
N LEU A 89 9.11 -38.18 5.53
CA LEU A 89 7.93 -37.93 6.31
C LEU A 89 7.44 -39.20 6.94
N VAL A 90 7.34 -39.20 8.24
CA VAL A 90 6.89 -40.36 8.96
C VAL A 90 5.46 -40.21 9.36
N ASP A 91 4.62 -40.98 8.71
CA ASP A 91 3.22 -41.01 9.00
C ASP A 91 2.91 -42.21 9.82
N THR A 92 2.60 -42.01 11.09
CA THR A 92 2.21 -43.13 11.96
C THR A 92 0.70 -43.45 11.85
N GLY A 93 0.07 -43.00 10.75
CA GLY A 93 -1.34 -43.20 10.52
C GLY A 93 -1.67 -44.58 10.05
N ILE A 94 -2.90 -44.80 9.62
CA ILE A 94 -3.34 -46.14 9.34
C ILE A 94 -2.62 -46.73 8.14
N GLY A 95 -2.16 -45.87 7.23
CA GLY A 95 -1.41 -46.31 6.06
C GLY A 95 -2.31 -46.74 4.92
N MET A 96 -1.71 -47.40 3.94
CA MET A 96 -2.42 -47.88 2.77
C MET A 96 -2.08 -49.33 2.45
N THR A 97 -3.01 -50.02 1.82
CA THR A 97 -2.77 -51.36 1.35
C THR A 97 -2.14 -51.28 -0.01
N LYS A 98 -1.71 -52.42 -0.53
CA LYS A 98 -1.16 -52.45 -1.88
C LYS A 98 -2.17 -51.89 -2.86
N ALA A 99 -3.42 -52.31 -2.69
CA ALA A 99 -4.52 -51.88 -3.52
C ALA A 99 -4.73 -50.39 -3.42
N ASP A 100 -4.56 -49.83 -2.22
CA ASP A 100 -4.75 -48.39 -2.03
C ASP A 100 -3.64 -47.60 -2.69
N LEU A 101 -2.42 -48.14 -2.66
CA LEU A 101 -1.29 -47.50 -3.31
C LEU A 101 -1.53 -47.41 -4.80
N ILE A 102 -2.13 -48.44 -5.34
CA ILE A 102 -2.42 -48.53 -6.74
C ILE A 102 -3.66 -47.73 -7.12
N ASN A 103 -4.70 -47.90 -6.32
CA ASN A 103 -6.00 -47.32 -6.61
C ASN A 103 -6.14 -45.89 -6.16
N ASN A 104 -5.88 -45.63 -4.90
CA ASN A 104 -6.07 -44.30 -4.38
C ASN A 104 -4.88 -43.43 -4.66
N LEU A 105 -3.73 -43.83 -4.16
CA LEU A 105 -2.52 -43.04 -4.31
C LEU A 105 -2.16 -42.88 -5.78
N GLY A 106 -2.29 -43.96 -6.56
CA GLY A 106 -1.92 -43.97 -7.97
C GLY A 106 -3.02 -43.47 -8.94
N THR A 107 -4.13 -42.93 -8.42
CA THR A 107 -5.18 -42.39 -9.30
C THR A 107 -5.45 -40.92 -9.04
N ILE A 108 -5.50 -40.15 -10.11
CA ILE A 108 -5.78 -38.73 -10.04
C ILE A 108 -7.25 -38.50 -9.77
N ALA A 109 -7.52 -37.64 -8.78
CA ALA A 109 -8.90 -37.35 -8.39
C ALA A 109 -9.49 -38.55 -7.68
N LYS A 110 -8.68 -39.16 -6.83
CA LYS A 110 -9.11 -40.31 -6.07
C LYS A 110 -8.59 -40.24 -4.67
N SER A 111 -9.48 -40.39 -3.71
CA SER A 111 -9.11 -40.28 -2.32
C SER A 111 -9.88 -41.21 -1.45
N GLY A 112 -9.16 -41.88 -0.57
CA GLY A 112 -9.75 -42.80 0.37
C GLY A 112 -10.41 -42.06 1.52
N THR A 113 -10.23 -40.73 1.59
CA THR A 113 -10.89 -39.97 2.63
C THR A 113 -12.36 -39.91 2.35
N LYS A 114 -12.73 -40.03 1.06
CA LYS A 114 -14.12 -40.06 0.66
C LYS A 114 -14.77 -41.31 1.17
N ALA A 115 -14.02 -42.41 1.15
CA ALA A 115 -14.51 -43.65 1.68
C ALA A 115 -14.84 -43.50 3.14
N PHE A 116 -14.00 -42.74 3.86
CA PHE A 116 -14.28 -42.46 5.26
C PHE A 116 -15.39 -41.44 5.42
N MET A 117 -15.53 -40.53 4.48
CA MET A 117 -16.66 -39.61 4.52
C MET A 117 -17.97 -40.38 4.49
N GLU A 118 -18.00 -41.47 3.73
CA GLU A 118 -19.18 -42.30 3.63
C GLU A 118 -19.25 -43.34 4.74
N ALA A 119 -18.12 -43.98 5.04
CA ALA A 119 -18.06 -45.04 6.03
C ALA A 119 -18.32 -44.53 7.42
N LEU A 120 -17.83 -43.34 7.73
CA LEU A 120 -17.93 -42.81 9.07
C LEU A 120 -19.25 -42.16 9.34
N GLN A 121 -20.28 -42.97 9.46
CA GLN A 121 -21.59 -42.49 9.86
C GLN A 121 -21.60 -42.39 11.37
N ALA A 122 -20.94 -43.36 12.01
CA ALA A 122 -20.75 -43.35 13.45
C ALA A 122 -19.66 -42.35 13.81
N GLY A 123 -18.64 -42.24 12.95
CA GLY A 123 -17.53 -41.32 13.16
C GLY A 123 -17.85 -39.91 12.70
N ALA A 124 -18.93 -39.34 13.25
CA ALA A 124 -19.36 -38.00 12.88
C ALA A 124 -18.36 -36.96 13.36
N ASP A 125 -17.62 -37.30 14.42
CA ASP A 125 -16.62 -36.42 14.97
C ASP A 125 -15.23 -36.61 14.34
N ILE A 126 -15.15 -37.41 13.29
CA ILE A 126 -13.89 -37.62 12.60
C ILE A 126 -13.85 -36.74 11.38
N SER A 127 -13.09 -35.66 11.45
CA SER A 127 -13.03 -34.70 10.35
C SER A 127 -11.74 -34.80 9.56
N MET A 128 -11.83 -35.37 8.36
CA MET A 128 -10.67 -35.46 7.47
C MET A 128 -10.40 -34.10 6.87
N ILE A 129 -9.15 -33.81 6.54
CA ILE A 129 -8.82 -32.51 6.01
C ILE A 129 -8.57 -32.55 4.51
N GLY A 130 -9.52 -31.99 3.76
CA GLY A 130 -9.43 -31.92 2.30
C GLY A 130 -10.03 -33.17 1.66
N GLN A 131 -10.31 -33.08 0.36
CA GLN A 131 -10.83 -34.21 -0.38
C GLN A 131 -10.92 -33.94 -1.87
N PHE A 132 -9.77 -33.95 -2.53
CA PHE A 132 -9.73 -33.78 -3.98
C PHE A 132 -9.10 -35.00 -4.65
N GLY A 133 -8.12 -35.62 -3.99
CA GLY A 133 -7.47 -36.81 -4.51
C GLY A 133 -6.38 -36.46 -5.48
N VAL A 134 -5.78 -35.28 -5.32
CA VAL A 134 -4.74 -34.80 -6.25
C VAL A 134 -3.53 -34.16 -5.53
N GLY A 135 -3.75 -33.69 -4.29
CA GLY A 135 -2.73 -32.96 -3.52
C GLY A 135 -1.43 -33.72 -3.38
N PHE A 136 -1.51 -35.04 -3.32
CA PHE A 136 -0.31 -35.85 -3.28
C PHE A 136 0.71 -35.50 -4.34
N TYR A 137 0.22 -35.26 -5.56
CA TYR A 137 1.09 -35.03 -6.70
C TYR A 137 1.78 -33.69 -6.67
N SER A 138 1.41 -32.83 -5.72
CA SER A 138 2.08 -31.57 -5.53
C SER A 138 3.45 -31.80 -4.89
N ALA A 139 3.69 -33.03 -4.42
CA ALA A 139 4.97 -33.41 -3.88
C ALA A 139 6.09 -33.18 -4.90
N TYR A 140 5.75 -33.32 -6.17
CA TYR A 140 6.72 -33.23 -7.23
C TYR A 140 7.02 -31.80 -7.64
N LEU A 141 6.46 -30.83 -6.93
CA LEU A 141 6.82 -29.43 -7.13
C LEU A 141 8.28 -29.22 -6.81
N VAL A 142 8.74 -29.89 -5.76
CA VAL A 142 10.10 -29.71 -5.31
C VAL A 142 10.85 -31.02 -5.29
N ALA A 143 10.11 -32.13 -5.36
CA ALA A 143 10.74 -33.42 -5.36
C ALA A 143 10.88 -33.95 -6.77
N GLU A 144 12.02 -34.54 -7.04
CA GLU A 144 12.28 -35.21 -8.29
C GLU A 144 11.57 -36.55 -8.32
N LYS A 145 11.40 -37.13 -7.15
CA LYS A 145 10.81 -38.44 -7.04
C LYS A 145 10.22 -38.70 -5.66
N VAL A 146 9.13 -39.48 -5.62
CA VAL A 146 8.52 -39.81 -4.34
C VAL A 146 8.30 -41.32 -4.18
N VAL A 147 8.68 -41.84 -3.01
CA VAL A 147 8.45 -43.25 -2.69
C VAL A 147 7.60 -43.36 -1.43
N VAL A 148 6.52 -44.11 -1.50
CA VAL A 148 5.63 -44.24 -0.36
C VAL A 148 5.62 -45.68 0.16
N ILE A 149 6.30 -45.89 1.28
CA ILE A 149 6.41 -47.22 1.88
C ILE A 149 5.38 -47.36 2.96
N THR A 150 4.49 -48.32 2.83
CA THR A 150 3.38 -48.38 3.77
C THR A 150 2.90 -49.76 4.08
N LYS A 151 2.31 -49.89 5.26
CA LYS A 151 1.69 -51.13 5.67
C LYS A 151 0.44 -50.89 6.47
N HIS A 152 -0.68 -50.84 5.78
CA HIS A 152 -1.95 -50.81 6.44
C HIS A 152 -2.13 -52.11 7.17
N ASN A 153 -2.75 -52.07 8.34
CA ASN A 153 -2.95 -53.28 9.15
C ASN A 153 -3.60 -54.44 8.37
N ASP A 154 -4.37 -54.12 7.33
CA ASP A 154 -5.04 -55.13 6.52
C ASP A 154 -4.19 -55.64 5.34
N ASP A 155 -2.90 -55.31 5.34
CA ASP A 155 -2.01 -55.75 4.27
C ASP A 155 -0.54 -55.73 4.74
N GLU A 156 0.37 -56.03 3.83
CA GLU A 156 1.80 -56.05 4.13
C GLU A 156 2.47 -54.76 3.75
N GLN A 157 3.77 -54.71 3.97
CA GLN A 157 4.55 -53.54 3.64
C GLN A 157 4.90 -53.48 2.17
N TYR A 158 4.55 -52.37 1.52
CA TYR A 158 4.87 -52.19 0.11
C TYR A 158 5.49 -50.84 -0.12
N ALA A 159 6.28 -50.73 -1.18
CA ALA A 159 6.93 -49.47 -1.50
C ALA A 159 6.47 -48.93 -2.83
N TRP A 160 5.52 -48.02 -2.77
CA TRP A 160 5.05 -47.34 -3.95
C TRP A 160 6.14 -46.42 -4.45
N GLU A 161 6.36 -46.38 -5.74
CA GLU A 161 7.48 -45.62 -6.26
C GLU A 161 7.20 -44.98 -7.59
N SER A 162 7.41 -43.67 -7.67
CA SER A 162 7.24 -42.97 -8.94
C SER A 162 7.89 -41.61 -8.97
N SER A 163 8.32 -41.22 -10.15
CA SER A 163 8.87 -39.90 -10.37
C SER A 163 7.88 -39.02 -11.14
N ALA A 164 6.60 -39.45 -11.15
CA ALA A 164 5.53 -38.74 -11.88
C ALA A 164 5.78 -38.73 -13.37
N GLY A 165 6.33 -39.82 -13.90
CA GLY A 165 6.64 -39.92 -15.33
C GLY A 165 5.56 -40.68 -16.12
N GLY A 166 4.31 -40.60 -15.68
CA GLY A 166 3.20 -41.25 -16.39
C GLY A 166 2.94 -42.67 -15.88
N SER A 167 3.78 -43.14 -14.96
CA SER A 167 3.64 -44.46 -14.40
C SER A 167 4.19 -44.53 -12.99
N PHE A 168 3.85 -45.60 -12.30
CA PHE A 168 4.29 -45.81 -10.94
C PHE A 168 4.43 -47.26 -10.67
N THR A 169 5.19 -47.61 -9.67
CA THR A 169 5.37 -48.98 -9.36
C THR A 169 5.10 -49.26 -7.91
N VAL A 170 4.89 -50.52 -7.59
CA VAL A 170 4.75 -50.92 -6.21
C VAL A 170 5.64 -52.11 -5.92
N ARG A 171 6.46 -52.00 -4.88
CA ARG A 171 7.38 -53.05 -4.54
C ARG A 171 7.00 -53.77 -3.26
N ALA A 172 7.50 -54.98 -3.12
CA ALA A 172 7.25 -55.79 -1.94
C ALA A 172 8.09 -55.33 -0.74
N ASP A 173 7.65 -55.73 0.47
CA ASP A 173 8.34 -55.46 1.74
C ASP A 173 9.86 -55.56 1.61
N HIS A 174 10.54 -54.46 1.89
CA HIS A 174 11.99 -54.43 1.79
C HIS A 174 12.71 -54.62 3.12
N GLY A 175 11.94 -54.84 4.19
CA GLY A 175 12.53 -55.10 5.50
C GLY A 175 12.64 -53.85 6.38
N GLU A 176 12.42 -52.66 5.81
CA GLU A 176 12.48 -51.44 6.61
C GLU A 176 11.20 -51.32 7.42
N PRO A 177 11.22 -51.82 8.67
CA PRO A 177 10.04 -51.89 9.55
C PRO A 177 9.04 -50.74 9.38
N ILE A 178 7.99 -51.00 8.63
CA ILE A 178 6.81 -50.14 8.60
C ILE A 178 5.64 -51.01 8.93
N GLY A 179 5.21 -50.99 10.17
CA GLY A 179 4.08 -51.81 10.59
C GLY A 179 2.80 -50.99 10.70
N ARG A 180 2.90 -49.72 10.34
CA ARG A 180 1.79 -48.79 10.48
C ARG A 180 2.08 -47.51 9.74
N GLY A 181 1.09 -47.01 9.03
CA GLY A 181 1.23 -45.77 8.32
C GLY A 181 2.18 -45.88 7.18
N THR A 182 2.95 -44.82 6.94
CA THR A 182 3.83 -44.80 5.80
C THR A 182 5.06 -43.91 5.94
N LYS A 183 6.12 -44.34 5.27
CA LYS A 183 7.34 -43.60 5.12
C LYS A 183 7.38 -42.97 3.76
N VAL A 184 7.34 -41.64 3.70
CA VAL A 184 7.35 -40.98 2.42
C VAL A 184 8.73 -40.43 2.13
N ILE A 185 9.32 -40.93 1.07
CA ILE A 185 10.65 -40.53 0.69
C ILE A 185 10.57 -39.48 -0.37
N LEU A 186 11.12 -38.33 -0.05
CA LEU A 186 11.03 -37.18 -0.90
C LEU A 186 12.38 -36.85 -1.47
N HIS A 187 12.56 -37.12 -2.75
CA HIS A 187 13.82 -36.84 -3.40
C HIS A 187 13.76 -35.46 -3.93
N LEU A 188 14.49 -34.54 -3.29
CA LEU A 188 14.40 -33.14 -3.67
C LEU A 188 15.22 -32.81 -4.89
N LYS A 189 14.77 -31.79 -5.60
CA LYS A 189 15.43 -31.29 -6.78
C LYS A 189 16.68 -30.55 -6.39
N GLU A 190 17.63 -30.51 -7.32
CA GLU A 190 18.92 -29.85 -7.11
C GLU A 190 18.78 -28.43 -6.57
N ASP A 191 17.76 -27.72 -7.03
CA ASP A 191 17.56 -26.34 -6.63
C ASP A 191 16.52 -26.16 -5.51
N GLN A 192 16.18 -27.26 -4.81
CA GLN A 192 15.20 -27.18 -3.73
C GLN A 192 15.83 -27.53 -2.39
N THR A 193 17.15 -27.34 -2.29
CA THR A 193 17.90 -27.68 -1.09
C THR A 193 17.59 -26.76 0.09
N GLU A 194 16.89 -25.65 -0.16
CA GLU A 194 16.50 -24.75 0.90
C GLU A 194 15.54 -25.42 1.88
N TYR A 195 14.88 -26.50 1.46
CA TYR A 195 13.95 -27.19 2.31
C TYR A 195 14.64 -28.19 3.22
N LEU A 196 15.97 -28.26 3.12
CA LEU A 196 16.76 -29.04 4.01
C LEU A 196 17.18 -28.18 5.22
N GLU A 197 16.90 -26.86 5.15
CA GLU A 197 17.28 -25.94 6.22
C GLU A 197 16.23 -25.89 7.31
N GLU A 198 16.69 -25.97 8.56
CA GLU A 198 15.85 -25.90 9.74
C GLU A 198 14.92 -24.71 9.71
N ARG A 199 15.50 -23.54 9.48
CA ARG A 199 14.76 -22.30 9.39
C ARG A 199 13.65 -22.37 8.39
N ARG A 200 13.97 -22.84 7.20
CA ARG A 200 13.01 -22.90 6.11
C ARG A 200 11.88 -23.83 6.40
N VAL A 201 12.21 -24.98 6.98
CA VAL A 201 11.19 -25.95 7.35
C VAL A 201 10.26 -25.36 8.36
N LYS A 202 10.82 -24.71 9.37
CA LYS A 202 10.04 -24.09 10.41
C LYS A 202 9.16 -22.98 9.86
N GLU A 203 9.67 -22.20 8.94
CA GLU A 203 8.88 -21.13 8.35
C GLU A 203 7.63 -21.65 7.70
N VAL A 204 7.77 -22.76 7.00
CA VAL A 204 6.64 -23.32 6.29
C VAL A 204 5.63 -23.94 7.22
N VAL A 205 6.09 -24.80 8.12
CA VAL A 205 5.15 -25.54 8.95
C VAL A 205 4.46 -24.66 9.96
N LYS A 206 5.10 -23.56 10.36
CA LYS A 206 4.48 -22.64 11.28
C LYS A 206 3.32 -21.90 10.65
N LYS A 207 3.27 -21.86 9.33
CA LYS A 207 2.22 -21.15 8.64
C LYS A 207 1.13 -22.07 8.13
N HIS A 208 1.23 -23.37 8.39
CA HIS A 208 0.30 -24.29 7.78
C HIS A 208 -0.15 -25.42 8.70
N SER A 209 0.73 -25.86 9.58
CA SER A 209 0.44 -26.96 10.47
C SER A 209 0.40 -26.49 11.91
N GLN A 210 -0.17 -25.32 12.11
CA GLN A 210 -0.23 -24.69 13.42
C GLN A 210 -1.10 -25.46 14.38
N PHE A 211 -2.26 -25.88 13.91
CA PHE A 211 -3.22 -26.53 14.76
C PHE A 211 -3.52 -27.94 14.35
N ILE A 212 -2.47 -28.73 14.21
CA ILE A 212 -2.63 -30.12 13.89
C ILE A 212 -2.82 -30.91 15.16
N GLY A 213 -3.88 -31.70 15.20
CA GLY A 213 -4.23 -32.48 16.39
C GLY A 213 -3.08 -33.36 16.84
N TYR A 214 -2.36 -33.92 15.89
CA TYR A 214 -1.24 -34.77 16.20
C TYR A 214 0.05 -33.98 16.12
N PRO A 215 0.97 -34.19 17.07
CA PRO A 215 2.22 -33.49 17.25
C PRO A 215 3.17 -33.76 16.11
N ILE A 216 3.78 -32.69 15.64
CA ILE A 216 4.79 -32.79 14.60
C ILE A 216 6.15 -32.52 15.15
N THR A 217 7.08 -33.44 14.92
CA THR A 217 8.44 -33.24 15.42
C THR A 217 9.42 -33.23 14.28
N LEU A 218 10.56 -32.61 14.50
CA LEU A 218 11.62 -32.62 13.51
C LEU A 218 12.81 -33.31 14.11
N TYR A 219 13.56 -34.03 13.29
CA TYR A 219 14.81 -34.65 13.73
C TYR A 219 15.94 -33.98 13.04
N LEU A 220 16.56 -33.04 13.73
CA LEU A 220 17.54 -32.20 13.10
C LEU A 220 18.91 -32.37 13.69
N GLU A 221 19.92 -32.20 12.87
CA GLU A 221 21.27 -32.23 13.36
C GLU A 221 21.42 -31.10 14.37
N LYS A 222 21.67 -31.43 15.62
CA LYS A 222 21.72 -30.41 16.65
C LYS A 222 22.99 -29.67 16.67
N GLU A 223 22.90 -28.35 16.59
CA GLU A 223 24.06 -27.51 16.74
C GLU A 223 24.63 -27.80 18.09
N ARG A 224 25.90 -28.13 18.14
CA ARG A 224 26.48 -28.56 19.39
C ARG A 224 27.92 -28.26 19.49
N GLU A 225 28.42 -28.30 20.72
CA GLU A 225 29.81 -28.11 20.96
C GLU A 225 30.55 -29.30 20.48
N LYS A 226 31.74 -29.07 19.93
CA LYS A 226 32.58 -30.12 19.41
C LYS A 226 32.61 -31.24 20.37
N GLU A 227 32.46 -32.45 19.87
CA GLU A 227 32.39 -33.63 20.70
C GLU A 227 33.77 -34.03 21.20
N ILE A 228 34.31 -33.20 22.12
CA ILE A 228 35.66 -33.37 22.63
C ILE A 228 35.68 -33.64 24.12
N SER A 229 34.53 -34.00 24.67
CA SER A 229 34.41 -34.28 26.10
C SER A 229 35.37 -35.39 26.52
N LYS A 273 37.49 -29.80 27.37
CA LYS A 273 36.56 -30.88 27.11
C LYS A 273 35.12 -30.40 27.20
N LYS A 274 34.31 -30.77 26.22
CA LYS A 274 32.92 -30.38 26.17
C LYS A 274 32.18 -31.15 25.09
N ILE A 275 30.88 -31.29 25.25
CA ILE A 275 30.04 -31.94 24.25
C ILE A 275 28.59 -31.59 24.44
N LYS A 276 27.86 -31.36 23.35
CA LYS A 276 26.41 -31.17 23.47
C LYS A 276 25.65 -32.25 22.69
N GLU A 277 24.34 -32.34 22.94
CA GLU A 277 23.47 -33.35 22.30
C GLU A 277 23.54 -33.32 20.77
N LYS A 278 23.45 -34.50 20.17
CA LYS A 278 23.59 -34.66 18.73
C LYS A 278 22.37 -34.28 17.89
N TYR A 279 21.15 -34.50 18.40
CA TYR A 279 19.95 -34.22 17.58
C TYR A 279 18.84 -33.44 18.28
N ILE A 280 18.08 -32.70 17.47
CA ILE A 280 16.97 -31.88 17.94
C ILE A 280 15.65 -32.55 17.70
N ASP A 281 14.86 -32.66 18.75
CA ASP A 281 13.48 -33.16 18.63
C ASP A 281 12.52 -31.97 18.70
N GLN A 282 12.10 -31.47 17.54
CA GLN A 282 11.32 -30.22 17.48
C GLN A 282 9.81 -30.40 17.62
N GLU A 283 9.37 -31.02 18.73
CA GLU A 283 7.94 -31.19 19.02
C GLU A 283 7.23 -29.87 19.16
N GLU A 284 7.97 -28.86 19.66
CA GLU A 284 7.51 -27.49 19.87
C GLU A 284 6.59 -26.93 18.78
N LEU A 285 6.72 -27.42 17.53
CA LEU A 285 5.91 -26.92 16.43
C LEU A 285 4.41 -26.93 16.73
N ASN A 286 3.95 -27.89 17.52
CA ASN A 286 2.54 -27.98 17.84
C ASN A 286 2.22 -27.69 19.30
N LYS A 287 3.05 -26.86 19.94
CA LYS A 287 2.80 -26.49 21.34
C LYS A 287 1.53 -25.66 21.51
N THR A 288 1.08 -25.01 20.43
CA THR A 288 -0.12 -24.21 20.50
C THR A 288 -1.30 -25.01 20.00
N LYS A 289 -2.27 -25.23 20.89
CA LYS A 289 -3.43 -26.01 20.56
C LYS A 289 -4.65 -25.14 20.33
N PRO A 290 -5.67 -25.66 19.65
CA PRO A 290 -6.95 -25.07 19.40
C PRO A 290 -7.63 -24.77 20.70
N ILE A 291 -8.10 -23.56 20.82
CA ILE A 291 -8.77 -23.09 22.01
C ILE A 291 -10.25 -22.93 21.78
N TRP A 292 -10.59 -22.31 20.66
CA TRP A 292 -11.98 -22.08 20.26
C TRP A 292 -12.77 -23.37 20.11
N THR A 293 -12.08 -24.50 19.95
CA THR A 293 -12.71 -25.79 19.81
C THR A 293 -13.29 -26.29 21.13
N ARG A 294 -12.88 -25.68 22.23
CA ARG A 294 -13.39 -26.09 23.51
C ARG A 294 -14.57 -25.22 23.90
N ASN A 295 -15.24 -25.61 24.96
CA ASN A 295 -16.39 -24.88 25.46
C ASN A 295 -15.94 -23.60 26.14
N PRO A 296 -16.34 -22.42 25.63
CA PRO A 296 -16.04 -21.07 26.12
C PRO A 296 -16.16 -20.97 27.63
N ASP A 297 -17.19 -21.60 28.19
CA ASP A 297 -17.44 -21.58 29.63
C ASP A 297 -16.35 -22.30 30.41
N ASP A 298 -15.69 -23.25 29.76
CA ASP A 298 -14.64 -24.03 30.38
C ASP A 298 -13.25 -23.50 30.02
N ILE A 299 -13.19 -22.38 29.32
CA ILE A 299 -11.91 -21.80 28.94
C ILE A 299 -11.59 -20.62 29.82
N THR A 300 -10.51 -20.72 30.57
CA THR A 300 -10.13 -19.65 31.45
C THR A 300 -8.90 -18.95 30.94
N GLN A 301 -8.59 -17.81 31.54
CA GLN A 301 -7.51 -16.95 31.12
C GLN A 301 -6.14 -17.54 31.38
N GLU A 302 -6.05 -18.45 32.34
CA GLU A 302 -4.79 -19.11 32.62
C GLU A 302 -4.24 -19.84 31.39
N GLU A 303 -5.13 -20.20 30.46
CA GLU A 303 -4.73 -20.83 29.22
C GLU A 303 -5.03 -19.93 28.03
N TYR A 304 -6.12 -19.18 28.12
CA TYR A 304 -6.56 -18.32 27.05
C TYR A 304 -5.60 -17.14 26.84
N GLY A 305 -5.12 -16.55 27.93
CA GLY A 305 -4.14 -15.48 27.85
C GLY A 305 -2.83 -16.01 27.31
N GLU A 306 -2.52 -17.28 27.62
CA GLU A 306 -1.33 -17.93 27.11
C GLU A 306 -1.46 -18.12 25.61
N PHE A 307 -2.68 -18.40 25.16
CA PHE A 307 -2.94 -18.49 23.74
C PHE A 307 -2.66 -17.18 23.07
N TYR A 308 -3.13 -16.07 23.65
CA TYR A 308 -2.90 -14.75 23.09
C TYR A 308 -1.42 -14.43 22.89
N LYS A 309 -0.62 -14.61 23.94
CA LYS A 309 0.81 -14.33 23.84
C LYS A 309 1.52 -15.30 22.89
N SER A 310 0.89 -16.47 22.65
CA SER A 310 1.37 -17.43 21.66
C SER A 310 0.87 -17.05 20.25
N LEU A 311 -0.34 -16.50 20.20
CA LEU A 311 -0.99 -16.05 18.97
C LEU A 311 -0.15 -15.02 18.27
N THR A 312 0.34 -14.09 19.06
CA THR A 312 1.25 -13.07 18.58
C THR A 312 2.28 -12.85 19.61
N ASN A 313 3.49 -12.53 19.18
CA ASN A 313 4.59 -12.38 20.11
C ASN A 313 4.41 -11.16 20.97
N ASP A 314 3.66 -11.33 22.04
CA ASP A 314 3.34 -10.27 22.96
C ASP A 314 3.38 -10.80 24.35
N TRP A 315 4.43 -10.46 25.09
CA TRP A 315 4.57 -11.03 26.42
C TRP A 315 3.82 -10.22 27.45
N GLU A 316 2.50 -10.27 27.30
CA GLU A 316 1.55 -9.66 28.18
C GLU A 316 0.18 -10.11 27.76
N ASP A 317 -0.66 -10.40 28.73
CA ASP A 317 -2.00 -10.84 28.42
C ASP A 317 -2.78 -9.77 27.67
N HIS A 318 -3.73 -10.21 26.88
CA HIS A 318 -4.59 -9.34 26.11
C HIS A 318 -5.37 -8.37 26.98
N LEU A 319 -6.00 -7.42 26.35
CA LEU A 319 -6.85 -6.46 27.01
C LEU A 319 -8.27 -6.93 27.06
N ALA A 320 -8.79 -7.34 25.91
CA ALA A 320 -10.16 -7.74 25.82
C ALA A 320 -10.38 -8.78 24.77
N VAL A 321 -11.22 -9.74 25.07
CA VAL A 321 -11.43 -10.85 24.14
C VAL A 321 -12.87 -11.28 24.01
N LYS A 322 -13.17 -11.96 22.91
CA LYS A 322 -14.53 -12.44 22.67
C LYS A 322 -14.58 -13.72 21.86
N HIS A 323 -15.08 -14.80 22.48
CA HIS A 323 -15.28 -16.06 21.75
C HIS A 323 -16.53 -15.93 20.89
N PHE A 324 -16.44 -16.39 19.67
CA PHE A 324 -17.56 -16.34 18.75
C PHE A 324 -17.87 -17.72 18.21
N SER A 325 -19.02 -18.25 18.61
CA SER A 325 -19.42 -19.58 18.17
C SER A 325 -20.62 -19.51 17.22
N VAL A 326 -20.41 -19.97 15.98
CA VAL A 326 -21.47 -19.97 14.97
C VAL A 326 -21.92 -21.37 14.60
N GLU A 327 -23.20 -21.66 14.85
CA GLU A 327 -23.79 -22.97 14.54
C GLU A 327 -24.70 -22.95 13.32
N GLY A 328 -24.67 -21.87 12.55
CA GLY A 328 -25.51 -21.74 11.38
C GLY A 328 -24.90 -22.47 10.19
N GLN A 329 -25.38 -22.17 8.99
CA GLN A 329 -24.86 -22.80 7.78
C GLN A 329 -23.36 -22.65 7.70
N LEU A 330 -22.89 -21.44 7.94
CA LEU A 330 -21.48 -21.19 8.00
C LEU A 330 -20.99 -21.45 9.39
N GLU A 331 -20.90 -22.72 9.76
CA GLU A 331 -20.44 -23.08 11.08
C GLU A 331 -18.98 -22.75 11.24
N PHE A 332 -18.66 -22.02 12.30
CA PHE A 332 -17.28 -21.70 12.60
C PHE A 332 -17.17 -21.15 13.98
N ARG A 333 -15.97 -21.19 14.50
CA ARG A 333 -15.72 -20.58 15.77
C ARG A 333 -14.57 -19.64 15.63
N ALA A 334 -14.61 -18.56 16.37
CA ALA A 334 -13.58 -17.57 16.25
C ALA A 334 -13.23 -16.92 17.57
N LEU A 335 -11.97 -16.52 17.70
CA LEU A 335 -11.53 -15.84 18.91
C LEU A 335 -11.11 -14.43 18.57
N LEU A 336 -11.65 -13.45 19.30
CA LEU A 336 -11.24 -12.06 19.08
C LEU A 336 -10.31 -11.59 20.19
N PHE A 337 -9.20 -10.93 19.80
CA PHE A 337 -8.24 -10.43 20.77
C PHE A 337 -7.90 -8.98 20.60
N ILE A 338 -8.09 -8.22 21.66
CA ILE A 338 -7.73 -6.83 21.69
C ILE A 338 -6.49 -6.64 22.56
N PRO A 339 -5.39 -6.15 21.98
CA PRO A 339 -4.14 -5.80 22.60
C PRO A 339 -4.30 -4.73 23.64
N ARG A 340 -3.44 -4.75 24.65
CA ARG A 340 -3.46 -3.71 25.67
C ARG A 340 -2.87 -2.43 25.13
N ARG A 341 -2.04 -2.56 24.10
CA ARG A 341 -1.45 -1.40 23.48
C ARG A 341 -1.56 -1.47 21.99
N ALA A 342 -1.84 -0.33 21.39
CA ALA A 342 -1.86 -0.22 19.96
C ALA A 342 -0.44 -0.36 19.43
N PRO A 343 -0.27 -0.99 18.28
CA PRO A 343 0.96 -1.22 17.56
C PRO A 343 1.43 0.05 16.89
N PHE A 344 2.73 0.13 16.65
CA PHE A 344 3.29 1.31 16.00
C PHE A 344 2.88 1.37 14.54
N ASP A 345 2.49 0.23 13.99
CA ASP A 345 2.02 0.15 12.64
C ASP A 345 0.51 0.20 12.54
N LEU A 346 -0.18 0.60 13.60
CA LEU A 346 -1.64 0.62 13.60
C LEU A 346 -2.24 1.35 12.41
N PHE A 347 -1.68 2.51 12.08
CA PHE A 347 -2.21 3.28 10.96
C PHE A 347 -1.34 3.17 9.73
N GLU A 348 -0.41 2.23 9.74
CA GLU A 348 0.47 2.02 8.62
C GLU A 348 -0.17 1.05 7.67
N ASN A 349 -1.11 1.56 6.87
CA ASN A 349 -1.87 0.75 5.90
C ASN A 349 -1.00 0.33 4.69
N LYS A 350 0.29 0.66 4.75
CA LYS A 350 1.25 0.22 3.80
C LYS A 350 1.54 -1.26 3.96
N LYS A 351 1.20 -1.83 5.12
CA LYS A 351 1.46 -3.22 5.38
C LYS A 351 0.19 -4.06 5.26
N LYS A 352 0.36 -5.27 4.74
CA LYS A 352 -0.73 -6.20 4.58
C LYS A 352 -1.27 -6.67 5.92
N LYS A 353 -2.58 -6.66 6.06
CA LYS A 353 -3.24 -7.09 7.27
C LYS A 353 -3.03 -8.58 7.53
N ASN A 354 -2.95 -8.95 8.80
CA ASN A 354 -2.74 -10.34 9.17
C ASN A 354 -3.16 -10.61 10.62
N ASN A 355 -4.12 -9.84 11.13
CA ASN A 355 -4.55 -9.97 12.52
C ASN A 355 -5.57 -11.11 12.67
N ILE A 356 -6.70 -11.00 11.98
CA ILE A 356 -7.68 -12.07 11.93
C ILE A 356 -7.33 -13.05 10.82
N LYS A 357 -7.05 -14.29 11.17
CA LYS A 357 -6.68 -15.28 10.17
C LYS A 357 -7.75 -16.36 9.99
N LEU A 358 -7.87 -16.86 8.78
CA LEU A 358 -8.89 -17.85 8.45
C LEU A 358 -8.32 -19.25 8.29
N TYR A 359 -8.84 -20.15 9.08
CA TYR A 359 -8.46 -21.52 9.07
C TYR A 359 -9.60 -22.39 8.62
N VAL A 360 -9.27 -23.43 7.92
CA VAL A 360 -10.27 -24.39 7.55
C VAL A 360 -9.87 -25.71 8.10
N ARG A 361 -10.72 -26.27 8.95
CA ARG A 361 -10.39 -27.52 9.62
C ARG A 361 -9.06 -27.40 10.37
N ARG A 362 -8.89 -26.25 11.05
CA ARG A 362 -7.69 -25.92 11.82
C ARG A 362 -6.41 -25.82 10.96
N VAL A 363 -6.57 -25.53 9.68
CA VAL A 363 -5.42 -25.34 8.82
C VAL A 363 -5.41 -23.97 8.27
N PHE A 364 -4.32 -23.27 8.45
CA PHE A 364 -4.23 -21.92 7.95
C PHE A 364 -4.45 -21.86 6.46
N ILE A 365 -5.48 -21.14 6.05
CA ILE A 365 -5.76 -20.99 4.65
C ILE A 365 -5.56 -19.55 4.18
N MET A 366 -6.33 -18.64 4.77
CA MET A 366 -6.27 -17.24 4.36
C MET A 366 -6.00 -16.35 5.55
N ASP A 367 -5.61 -15.14 5.29
CA ASP A 367 -5.44 -14.13 6.33
C ASP A 367 -6.05 -12.86 5.85
N SER A 368 -7.10 -13.02 5.02
CA SER A 368 -7.80 -11.91 4.40
C SER A 368 -8.58 -11.06 5.38
N CYS A 369 -7.88 -10.34 6.25
CA CYS A 369 -8.50 -9.42 7.20
C CYS A 369 -9.23 -8.37 6.44
N ASP A 370 -8.73 -8.07 5.25
CA ASP A 370 -9.35 -7.14 4.35
C ASP A 370 -10.83 -7.48 4.09
N GLU A 371 -11.18 -8.77 4.10
CA GLU A 371 -12.56 -9.20 3.89
C GLU A 371 -13.20 -9.64 5.21
N LEU A 372 -12.38 -10.15 6.12
CA LEU A 372 -12.87 -10.65 7.41
C LEU A 372 -13.29 -9.53 8.37
N ILE A 373 -12.59 -8.40 8.35
CA ILE A 373 -12.93 -7.26 9.21
C ILE A 373 -12.85 -5.90 8.51
N PRO A 374 -13.51 -4.91 9.11
CA PRO A 374 -13.45 -3.49 8.76
C PRO A 374 -12.07 -2.91 9.04
N GLU A 375 -11.70 -1.89 8.27
CA GLU A 375 -10.39 -1.25 8.38
C GLU A 375 -10.10 -0.74 9.78
N TYR A 376 -11.07 -0.08 10.39
CA TYR A 376 -10.89 0.48 11.72
C TYR A 376 -10.81 -0.59 12.80
N LEU A 377 -11.19 -1.84 12.46
CA LEU A 377 -11.07 -2.92 13.39
C LEU A 377 -9.80 -3.67 13.24
N ASN A 378 -8.87 -3.12 12.43
CA ASN A 378 -7.58 -3.75 12.18
C ASN A 378 -6.62 -3.59 13.37
N PHE A 379 -7.03 -4.12 14.48
CA PHE A 379 -6.27 -4.17 15.70
C PHE A 379 -6.68 -5.41 16.48
N ILE A 380 -7.86 -5.95 16.16
CA ILE A 380 -8.32 -7.14 16.79
C ILE A 380 -7.66 -8.32 16.10
N ARG A 381 -6.96 -9.11 16.87
CA ARG A 381 -6.26 -10.26 16.35
C ARG A 381 -7.03 -11.49 16.67
N GLY A 382 -6.98 -12.49 15.82
CA GLY A 382 -7.78 -13.64 16.13
C GLY A 382 -7.74 -14.75 15.12
N VAL A 383 -8.52 -15.77 15.42
CA VAL A 383 -8.62 -16.98 14.63
C VAL A 383 -10.04 -17.26 14.24
N VAL A 384 -10.25 -17.54 12.97
CA VAL A 384 -11.56 -17.99 12.47
C VAL A 384 -11.39 -19.39 11.94
N ASP A 385 -12.15 -20.33 12.45
CA ASP A 385 -11.96 -21.71 12.05
C ASP A 385 -13.27 -22.37 11.63
N SER A 386 -13.38 -22.67 10.34
CA SER A 386 -14.59 -23.29 9.80
C SER A 386 -14.26 -24.56 9.07
N GLU A 387 -15.14 -25.53 9.13
CA GLU A 387 -14.91 -26.76 8.40
C GLU A 387 -15.87 -26.90 7.23
N ASP A 388 -16.66 -25.84 6.97
CA ASP A 388 -17.67 -25.88 5.93
C ASP A 388 -17.37 -24.99 4.73
N LEU A 389 -16.10 -24.68 4.50
CA LEU A 389 -15.79 -23.72 3.44
C LEU A 389 -15.36 -24.36 2.11
N PRO A 390 -15.89 -23.85 0.98
CA PRO A 390 -15.67 -24.25 -0.41
C PRO A 390 -14.41 -23.66 -0.97
N LEU A 391 -13.28 -24.18 -0.54
CA LEU A 391 -12.02 -23.71 -1.06
C LEU A 391 -11.83 -24.24 -2.47
N ASN A 392 -11.07 -23.54 -3.29
CA ASN A 392 -10.86 -24.00 -4.66
C ASN A 392 -9.83 -25.13 -4.69
N ILE A 393 -9.51 -25.61 -5.89
CA ILE A 393 -8.63 -26.77 -6.04
C ILE A 393 -7.24 -26.59 -5.42
N SER A 394 -6.78 -25.34 -5.34
CA SER A 394 -5.49 -25.07 -4.74
C SER A 394 -5.61 -24.94 -3.24
N ARG A 395 -6.84 -24.68 -2.78
CA ARG A 395 -7.14 -24.44 -1.38
C ARG A 395 -6.55 -23.13 -0.87
N GLU A 396 -6.03 -22.30 -1.78
CA GLU A 396 -5.38 -21.06 -1.39
C GLU A 396 -6.34 -19.90 -1.37
N MET A 397 -7.56 -20.14 -1.84
CA MET A 397 -8.56 -19.12 -1.89
C MET A 397 -9.93 -19.70 -1.81
N LEU A 398 -10.74 -19.08 -0.99
CA LEU A 398 -12.11 -19.47 -0.80
C LEU A 398 -12.99 -19.02 -1.94
N GLN A 399 -13.73 -19.97 -2.49
CA GLN A 399 -14.66 -19.68 -3.54
C GLN A 399 -15.90 -19.08 -2.95
N GLN A 400 -16.58 -18.24 -3.72
CA GLN A 400 -17.80 -17.58 -3.27
C GLN A 400 -17.53 -16.67 -2.09
N SER A 401 -16.87 -15.53 -2.36
CA SER A 401 -16.54 -14.51 -1.34
C SER A 401 -17.72 -14.03 -0.49
N LYS A 402 -18.96 -14.27 -0.96
CA LYS A 402 -20.15 -13.95 -0.22
C LYS A 402 -20.20 -14.63 1.15
N ILE A 403 -19.45 -15.69 1.30
CA ILE A 403 -19.32 -16.38 2.53
C ILE A 403 -18.63 -15.49 3.54
N LEU A 404 -17.51 -14.90 3.14
CA LEU A 404 -16.75 -14.01 3.99
C LEU A 404 -17.52 -12.76 4.28
N LYS A 405 -18.38 -12.36 3.34
CA LYS A 405 -19.22 -11.20 3.53
C LYS A 405 -20.14 -11.39 4.72
N VAL A 406 -20.81 -12.54 4.76
CA VAL A 406 -21.68 -12.89 5.87
C VAL A 406 -20.90 -13.06 7.16
N ILE A 407 -19.76 -13.76 7.06
CA ILE A 407 -18.91 -14.00 8.22
C ILE A 407 -18.46 -12.71 8.87
N ARG A 408 -18.01 -11.76 8.05
CA ARG A 408 -17.58 -10.46 8.54
C ARG A 408 -18.65 -9.80 9.34
N LYS A 409 -19.85 -9.72 8.78
CA LYS A 409 -20.94 -9.05 9.44
C LYS A 409 -21.22 -9.63 10.81
N ASN A 410 -21.24 -10.95 10.88
CA ASN A 410 -21.52 -11.62 12.12
C ASN A 410 -20.41 -11.40 13.15
N ILE A 411 -19.15 -11.38 12.70
CA ILE A 411 -18.02 -11.11 13.59
C ILE A 411 -18.08 -9.70 14.14
N VAL A 412 -18.38 -8.74 13.28
CA VAL A 412 -18.48 -7.35 13.67
C VAL A 412 -19.49 -7.16 14.77
N LYS A 413 -20.61 -7.86 14.66
CA LYS A 413 -21.63 -7.80 15.68
C LYS A 413 -21.04 -8.17 17.05
N LYS A 414 -20.17 -9.19 17.07
CA LYS A 414 -19.56 -9.63 18.31
C LYS A 414 -18.49 -8.68 18.79
N CYS A 415 -17.81 -8.03 17.86
CA CYS A 415 -16.87 -6.96 18.22
C CYS A 415 -17.59 -5.87 18.99
N LEU A 416 -18.76 -5.47 18.50
CA LEU A 416 -19.55 -4.46 19.15
C LEU A 416 -20.00 -4.90 20.51
N GLU A 417 -20.34 -6.18 20.64
CA GLU A 417 -20.76 -6.71 21.91
C GLU A 417 -19.63 -6.70 22.89
N LEU A 418 -18.42 -7.01 22.41
CA LEU A 418 -17.24 -6.96 23.24
C LEU A 418 -16.99 -5.56 23.73
N PHE A 419 -17.09 -4.59 22.84
CA PHE A 419 -16.88 -3.20 23.19
C PHE A 419 -17.87 -2.75 24.25
N SER A 420 -19.11 -3.21 24.10
CA SER A 420 -20.17 -2.89 25.03
C SER A 420 -19.90 -3.51 26.37
N GLU A 421 -19.39 -4.75 26.36
CA GLU A 421 -19.01 -5.42 27.58
C GLU A 421 -17.92 -4.66 28.30
N LEU A 422 -16.95 -4.17 27.52
CA LEU A 422 -15.85 -3.41 28.06
C LEU A 422 -16.30 -2.15 28.69
N ALA A 423 -17.32 -1.51 28.11
CA ALA A 423 -17.85 -0.26 28.64
C ALA A 423 -18.26 -0.37 30.11
N GLU A 424 -18.61 -1.59 30.57
CA GLU A 424 -18.98 -1.79 31.96
C GLU A 424 -17.74 -1.70 32.83
N ASP A 425 -16.63 -2.21 32.33
CA ASP A 425 -15.37 -2.14 33.04
C ASP A 425 -14.68 -0.85 32.73
N LYS A 426 -15.11 0.20 33.41
CA LYS A 426 -14.64 1.55 33.15
C LYS A 426 -13.12 1.69 33.20
N GLU A 427 -12.47 0.98 34.12
CA GLU A 427 -11.02 1.07 34.22
C GLU A 427 -10.33 0.59 32.97
N ASN A 428 -10.66 -0.63 32.55
CA ASN A 428 -10.04 -1.20 31.38
C ASN A 428 -10.68 -0.66 30.12
N TYR A 429 -11.87 -0.09 30.25
CA TYR A 429 -12.51 0.52 29.12
C TYR A 429 -11.78 1.74 28.73
N LYS A 430 -11.44 2.57 29.71
CA LYS A 430 -10.69 3.77 29.44
C LYS A 430 -9.33 3.43 28.84
N LYS A 431 -8.72 2.33 29.33
CA LYS A 431 -7.46 1.86 28.76
C LYS A 431 -7.66 1.46 27.31
N PHE A 432 -8.73 0.72 27.04
CA PHE A 432 -9.11 0.31 25.72
C PHE A 432 -9.40 1.47 24.82
N TYR A 433 -10.23 2.36 25.33
CA TYR A 433 -10.68 3.49 24.62
C TYR A 433 -9.52 4.31 24.18
N GLU A 434 -8.64 4.63 25.10
CA GLU A 434 -7.51 5.48 24.75
C GLU A 434 -6.56 4.78 23.80
N ALA A 435 -6.40 3.47 23.96
CA ALA A 435 -5.55 2.71 23.07
C ALA A 435 -6.09 2.70 21.64
N PHE A 436 -7.41 2.65 21.50
CA PHE A 436 -8.00 2.54 20.17
C PHE A 436 -9.11 3.57 19.89
N SER A 437 -9.06 4.74 20.56
CA SER A 437 -10.10 5.77 20.39
C SER A 437 -10.18 6.26 18.97
N LYS A 438 -9.04 6.28 18.30
CA LYS A 438 -9.03 6.73 16.94
C LYS A 438 -9.74 5.74 16.06
N ASN A 439 -9.55 4.45 16.34
CA ASN A 439 -10.22 3.40 15.58
C ASN A 439 -11.70 3.48 15.78
N LEU A 440 -12.12 3.77 17.00
CA LEU A 440 -13.51 3.95 17.29
C LEU A 440 -14.06 5.05 16.45
N LYS A 441 -13.37 6.17 16.46
CA LYS A 441 -13.75 7.35 15.74
C LYS A 441 -13.73 7.12 14.23
N LEU A 442 -12.77 6.33 13.75
CA LEU A 442 -12.71 5.96 12.34
C LEU A 442 -13.89 5.12 11.97
N GLY A 443 -14.30 4.23 12.87
CA GLY A 443 -15.45 3.40 12.65
C GLY A 443 -16.69 4.23 12.60
N ILE A 444 -16.83 5.11 13.56
CA ILE A 444 -17.99 5.98 13.60
C ILE A 444 -18.08 6.79 12.34
N HIS A 445 -16.95 7.29 11.89
CA HIS A 445 -16.95 8.13 10.73
C HIS A 445 -17.22 7.35 9.44
N GLU A 446 -16.44 6.29 9.21
CA GLU A 446 -16.53 5.55 7.97
C GLU A 446 -17.57 4.43 8.00
N ASP A 447 -17.57 3.63 9.08
CA ASP A 447 -18.49 2.50 9.19
C ASP A 447 -19.86 2.92 9.63
N SER A 448 -20.64 3.35 8.67
CA SER A 448 -21.97 3.81 8.92
C SER A 448 -22.95 2.70 9.32
N THR A 449 -22.56 1.41 9.24
CA THR A 449 -23.49 0.31 9.57
C THR A 449 -23.56 0.03 11.04
N ASN A 450 -22.67 0.62 11.82
CA ASN A 450 -22.67 0.33 13.25
C ASN A 450 -22.53 1.56 14.12
N ARG A 451 -22.96 2.72 13.61
CA ARG A 451 -22.78 3.99 14.33
C ARG A 451 -23.60 4.07 15.59
N ARG A 452 -24.74 3.41 15.60
CA ARG A 452 -25.59 3.40 16.79
C ARG A 452 -24.88 2.82 17.99
N ARG A 453 -23.94 1.92 17.75
CA ARG A 453 -23.26 1.28 18.83
C ARG A 453 -21.93 1.95 19.07
N LEU A 454 -21.25 2.30 18.00
CA LEU A 454 -19.94 2.90 18.10
C LEU A 454 -19.98 4.29 18.74
N SER A 455 -21.00 5.07 18.40
CA SER A 455 -21.13 6.41 18.97
C SER A 455 -21.45 6.41 20.48
N GLU A 456 -21.89 5.27 21.01
CA GLU A 456 -22.18 5.16 22.43
C GLU A 456 -20.92 4.84 23.22
N LEU A 457 -19.86 4.49 22.49
CA LEU A 457 -18.59 4.15 23.08
C LEU A 457 -17.72 5.41 23.25
N LEU A 458 -18.19 6.53 22.70
CA LEU A 458 -17.46 7.78 22.79
C LEU A 458 -17.38 8.31 24.20
N ARG A 459 -16.21 8.86 24.52
CA ARG A 459 -15.95 9.40 25.83
C ARG A 459 -15.18 10.71 25.69
N TYR A 460 -15.63 11.76 26.38
CA TYR A 460 -15.01 13.08 26.25
C TYR A 460 -14.80 13.82 27.55
N HIS A 461 -13.87 14.75 27.53
CA HIS A 461 -13.67 15.66 28.63
C HIS A 461 -14.55 16.85 28.38
N THR A 462 -15.28 17.29 29.39
CA THR A 462 -16.19 18.40 29.19
C THR A 462 -15.95 19.50 30.19
N SER A 463 -16.73 20.57 30.06
CA SER A 463 -16.60 21.71 30.96
C SER A 463 -17.11 21.41 32.36
N GLN A 464 -17.87 20.33 32.52
CA GLN A 464 -18.40 20.01 33.84
C GLN A 464 -17.70 18.79 34.41
N SER A 465 -17.24 17.91 33.53
CA SER A 465 -16.50 16.73 33.96
C SER A 465 -15.03 17.02 34.13
N GLY A 466 -14.56 18.07 33.48
CA GLY A 466 -13.18 18.50 33.63
C GLY A 466 -12.21 17.48 33.10
N ASP A 467 -11.37 16.96 33.98
CA ASP A 467 -10.37 15.96 33.63
C ASP A 467 -10.92 14.55 33.61
N GLU A 468 -12.17 14.40 34.03
CA GLU A 468 -12.83 13.12 33.93
C GLU A 468 -13.46 12.96 32.56
N MET A 469 -13.03 11.95 31.85
CA MET A 469 -13.58 11.66 30.55
C MET A 469 -14.90 10.91 30.72
N THR A 470 -15.98 11.43 30.13
CA THR A 470 -17.31 10.85 30.35
C THR A 470 -18.04 10.46 29.08
N SER A 471 -19.05 9.64 29.24
CA SER A 471 -19.88 9.16 28.13
C SER A 471 -20.84 10.19 27.66
N LEU A 472 -21.14 10.16 26.38
CA LEU A 472 -22.13 11.05 25.83
C LEU A 472 -23.49 10.74 26.41
N SER A 473 -23.73 9.49 26.81
CA SER A 473 -25.00 9.13 27.42
C SER A 473 -25.10 9.76 28.80
N GLU A 474 -23.96 9.85 29.48
CA GLU A 474 -23.88 10.52 30.76
C GLU A 474 -24.09 12.01 30.58
N TYR A 475 -23.49 12.56 29.52
CA TYR A 475 -23.68 13.95 29.18
C TYR A 475 -25.14 14.25 29.01
N VAL A 476 -25.81 13.44 28.18
CA VAL A 476 -27.22 13.62 27.88
C VAL A 476 -28.11 13.48 29.09
N SER A 477 -27.87 12.49 29.92
CA SER A 477 -28.68 12.28 31.10
C SER A 477 -28.53 13.43 32.09
N ARG A 478 -27.42 14.14 32.01
CA ARG A 478 -27.16 15.25 32.89
C ARG A 478 -27.44 16.61 32.22
N MET A 479 -28.11 16.61 31.07
CA MET A 479 -28.44 17.86 30.40
C MET A 479 -29.58 18.57 31.10
N LYS A 480 -29.57 19.89 31.02
CA LYS A 480 -30.61 20.73 31.59
C LYS A 480 -31.88 20.64 30.77
N GLU A 481 -32.99 21.06 31.35
CA GLU A 481 -34.28 21.04 30.65
C GLU A 481 -34.32 22.05 29.47
N THR A 482 -33.39 23.01 29.49
CA THR A 482 -33.25 23.96 28.40
C THR A 482 -32.14 23.50 27.46
N GLN A 483 -31.28 22.65 27.98
CA GLN A 483 -30.20 22.10 27.21
C GLN A 483 -30.77 20.98 26.34
N LYS A 484 -31.29 21.37 25.19
CA LYS A 484 -31.93 20.47 24.25
C LYS A 484 -30.99 20.04 23.15
N SER A 485 -29.75 20.50 23.21
CA SER A 485 -28.75 20.13 22.25
C SER A 485 -27.40 20.00 22.93
N ILE A 486 -26.56 19.16 22.35
CA ILE A 486 -25.27 18.87 22.92
C ILE A 486 -24.28 19.91 22.53
N TYR A 487 -23.71 20.57 23.50
CA TYR A 487 -22.79 21.64 23.19
C TYR A 487 -21.38 21.14 23.19
N TYR A 488 -20.62 21.51 22.18
CA TYR A 488 -19.26 21.09 22.10
C TYR A 488 -18.42 22.08 21.39
N ILE A 489 -17.12 21.92 21.50
CA ILE A 489 -16.18 22.77 20.83
C ILE A 489 -14.99 21.97 20.39
N THR A 490 -14.54 22.24 19.17
CA THR A 490 -13.35 21.58 18.67
C THR A 490 -12.22 22.58 18.63
N GLY A 491 -11.00 22.10 18.62
CA GLY A 491 -9.86 23.01 18.55
C GLY A 491 -8.56 22.26 18.47
N GLU A 492 -7.48 22.95 18.78
CA GLU A 492 -6.15 22.38 18.73
C GLU A 492 -5.78 21.69 20.04
N SER A 493 -6.28 22.20 21.15
CA SER A 493 -5.99 21.61 22.45
C SER A 493 -7.05 21.94 23.47
N LYS A 494 -7.05 21.18 24.57
CA LYS A 494 -8.06 21.32 25.62
C LYS A 494 -8.02 22.68 26.29
N GLU A 495 -6.82 23.12 26.66
CA GLU A 495 -6.69 24.41 27.33
C GLU A 495 -7.00 25.58 26.38
N GLN A 496 -6.97 25.32 25.08
CA GLN A 496 -7.34 26.32 24.12
C GLN A 496 -8.82 26.50 24.15
N VAL A 497 -9.54 25.42 23.92
CA VAL A 497 -10.99 25.47 23.86
C VAL A 497 -11.61 25.74 25.23
N ALA A 498 -10.90 25.37 26.29
CA ALA A 498 -11.38 25.61 27.64
C ALA A 498 -11.22 27.07 28.04
N ASN A 499 -10.42 27.81 27.29
CA ASN A 499 -10.23 29.21 27.55
C ASN A 499 -10.67 30.02 26.37
N SER A 500 -11.48 29.41 25.51
CA SER A 500 -11.97 30.11 24.34
C SER A 500 -13.11 31.00 24.67
N ALA A 501 -13.20 32.11 23.96
CA ALA A 501 -14.31 33.02 24.12
C ALA A 501 -15.63 32.34 23.74
N PHE A 502 -15.55 31.30 22.91
CA PHE A 502 -16.71 30.57 22.45
C PHE A 502 -17.48 29.88 23.55
N VAL A 503 -16.81 29.53 24.65
CA VAL A 503 -17.47 28.79 25.71
C VAL A 503 -17.72 29.64 26.94
N GLU A 504 -17.46 30.94 26.85
CA GLU A 504 -17.61 31.79 28.01
C GLU A 504 -19.08 31.93 28.42
N ARG A 505 -19.91 32.42 27.50
CA ARG A 505 -21.32 32.57 27.80
C ARG A 505 -21.99 31.23 28.00
N VAL A 506 -21.51 30.22 27.30
CA VAL A 506 -22.08 28.89 27.37
C VAL A 506 -22.02 28.41 28.82
N ARG A 507 -20.86 28.63 29.45
CA ARG A 507 -20.69 28.32 30.85
C ARG A 507 -21.56 29.21 31.72
N LYS A 508 -21.72 30.48 31.31
CA LYS A 508 -22.56 31.42 32.06
C LYS A 508 -24.02 30.99 32.02
N ARG A 509 -24.42 30.27 30.96
CA ARG A 509 -25.76 29.78 30.84
C ARG A 509 -25.92 28.39 31.47
N GLY A 510 -24.84 27.88 32.09
CA GLY A 510 -24.88 26.61 32.80
C GLY A 510 -24.85 25.41 31.88
N PHE A 511 -24.24 25.56 30.72
CA PHE A 511 -24.22 24.44 29.79
C PHE A 511 -22.88 23.74 29.77
N GLU A 512 -22.91 22.43 29.60
CA GLU A 512 -21.73 21.62 29.55
C GLU A 512 -21.17 21.54 28.16
N VAL A 513 -19.88 21.82 28.02
CA VAL A 513 -19.23 21.81 26.73
C VAL A 513 -18.34 20.64 26.55
N VAL A 514 -18.57 19.87 25.52
CA VAL A 514 -17.73 18.76 25.21
C VAL A 514 -16.49 19.24 24.52
N TYR A 515 -15.34 18.96 25.11
CA TYR A 515 -14.09 19.41 24.54
C TYR A 515 -13.55 18.40 23.56
N MET A 516 -13.26 18.87 22.35
CA MET A 516 -12.76 18.04 21.28
C MET A 516 -11.46 18.64 20.75
N THR A 517 -10.44 17.81 20.54
CA THR A 517 -9.11 18.32 20.23
C THR A 517 -8.41 17.64 19.06
N GLU A 518 -8.85 16.44 18.70
CA GLU A 518 -8.20 15.72 17.61
C GLU A 518 -8.81 16.12 16.28
N PRO A 519 -8.04 15.98 15.20
CA PRO A 519 -8.53 16.21 13.87
C PRO A 519 -9.57 15.20 13.53
N ILE A 520 -9.41 13.99 14.07
CA ILE A 520 -10.40 12.96 13.88
C ILE A 520 -11.71 13.33 14.60
N ASP A 521 -11.62 14.16 15.66
CA ASP A 521 -12.82 14.66 16.33
C ASP A 521 -13.50 15.62 15.38
N GLU A 522 -12.70 16.51 14.77
CA GLU A 522 -13.19 17.45 13.77
C GLU A 522 -13.85 16.71 12.60
N TYR A 523 -13.36 15.52 12.30
CA TYR A 523 -13.98 14.72 11.27
C TYR A 523 -15.25 14.04 11.77
N CYS A 524 -15.23 13.51 12.98
CA CYS A 524 -16.37 12.76 13.51
C CYS A 524 -17.62 13.59 13.68
N VAL A 525 -17.46 14.86 14.03
CA VAL A 525 -18.60 15.76 14.17
C VAL A 525 -19.28 16.08 12.82
N GLN A 526 -18.62 15.69 11.72
CA GLN A 526 -19.21 15.86 10.40
C GLN A 526 -20.13 14.68 10.09
N GLN A 527 -20.17 13.68 10.99
CA GLN A 527 -21.02 12.52 10.81
C GLN A 527 -22.02 12.40 11.91
N LEU A 528 -21.58 12.61 13.15
CA LEU A 528 -22.48 12.54 14.28
C LEU A 528 -23.24 13.83 14.39
N LYS A 529 -24.51 13.77 14.04
CA LYS A 529 -25.35 14.94 14.03
C LYS A 529 -26.25 14.97 15.24
N GLU A 530 -26.74 13.81 15.63
CA GLU A 530 -27.60 13.67 16.80
C GLU A 530 -27.17 12.51 17.65
N PHE A 531 -27.39 12.62 18.95
CA PHE A 531 -27.08 11.54 19.86
C PHE A 531 -28.11 11.51 20.96
N ASP A 532 -28.70 10.34 21.17
CA ASP A 532 -29.81 10.16 22.10
C ASP A 532 -30.99 11.10 21.78
N GLY A 533 -31.17 11.40 20.49
CA GLY A 533 -32.29 12.21 20.04
C GLY A 533 -32.00 13.71 20.01
N LYS A 534 -30.87 14.14 20.59
CA LYS A 534 -30.54 15.56 20.60
C LYS A 534 -29.40 15.88 19.67
N SER A 535 -29.52 16.99 18.96
CA SER A 535 -28.50 17.38 18.01
C SER A 535 -27.26 17.89 18.70
N LEU A 536 -26.15 17.88 17.97
CA LEU A 536 -24.90 18.39 18.48
C LEU A 536 -24.61 19.76 17.88
N VAL A 537 -24.28 20.71 18.74
CA VAL A 537 -24.03 22.10 18.33
C VAL A 537 -22.63 22.56 18.65
N SER A 538 -21.89 22.96 17.62
CA SER A 538 -20.59 23.52 17.84
C SER A 538 -20.71 24.93 18.24
N VAL A 539 -20.04 25.28 19.31
CA VAL A 539 -20.06 26.64 19.79
C VAL A 539 -19.18 27.56 18.94
N THR A 540 -18.46 27.00 17.96
CA THR A 540 -17.58 27.78 17.12
C THR A 540 -18.29 28.38 15.92
N LYS A 541 -19.52 27.91 15.66
CA LYS A 541 -20.27 28.39 14.51
C LYS A 541 -21.20 29.52 14.85
N GLU A 542 -21.50 30.32 13.84
CA GLU A 542 -22.46 31.39 13.96
C GLU A 542 -23.84 30.82 14.31
N GLY A 543 -24.65 31.60 15.00
CA GLY A 543 -26.00 31.17 15.34
C GLY A 543 -26.04 30.25 16.57
N LEU A 544 -25.16 30.47 17.53
CA LEU A 544 -25.15 29.66 18.75
C LEU A 544 -26.29 30.04 19.68
N GLU A 545 -27.47 29.53 19.38
CA GLU A 545 -28.68 29.82 20.14
C GLU A 545 -28.70 29.19 21.51
N LEU A 546 -28.02 29.81 22.45
CA LEU A 546 -28.07 29.37 23.82
C LEU A 546 -29.42 29.78 24.40
N PRO A 547 -29.99 28.96 25.27
CA PRO A 547 -31.20 29.28 25.98
C PRO A 547 -30.94 30.42 26.91
N GLU A 548 -31.78 31.44 26.83
CA GLU A 548 -31.57 32.63 27.60
C GLU A 548 -32.84 33.43 27.79
N ASP A 549 -32.80 34.37 28.73
CA ASP A 549 -33.93 35.22 29.02
C ASP A 549 -34.26 36.13 27.86
N GLU A 550 -35.48 36.00 27.34
CA GLU A 550 -36.00 36.86 26.25
C GLU A 550 -35.72 38.34 26.50
N GLU A 551 -35.78 38.77 27.76
CA GLU A 551 -35.52 40.15 28.11
C GLU A 551 -34.07 40.52 27.86
N GLU A 552 -33.18 39.57 28.07
CA GLU A 552 -31.78 39.79 27.80
C GLU A 552 -31.57 39.82 26.31
N LYS A 553 -32.38 39.06 25.57
CA LYS A 553 -32.33 39.12 24.12
C LYS A 553 -32.75 40.51 23.66
N LYS A 554 -33.75 41.08 24.33
CA LYS A 554 -34.21 42.43 24.04
C LYS A 554 -33.10 43.43 24.31
N LYS A 555 -32.36 43.20 25.39
CA LYS A 555 -31.22 44.04 25.74
C LYS A 555 -30.15 43.96 24.65
N MET A 556 -29.98 42.76 24.08
CA MET A 556 -29.03 42.58 23.01
C MET A 556 -29.48 43.30 21.76
N GLU A 557 -30.79 43.35 21.52
CA GLU A 557 -31.31 44.06 20.36
C GLU A 557 -31.14 45.55 20.53
N GLU A 558 -31.26 46.02 21.77
CA GLU A 558 -31.02 47.40 22.08
C GLU A 558 -29.56 47.73 21.88
N SER A 559 -28.69 46.78 22.25
CA SER A 559 -27.25 46.91 22.06
C SER A 559 -26.91 46.92 20.58
N LYS A 560 -27.63 46.13 19.79
CA LYS A 560 -27.41 46.11 18.36
C LYS A 560 -27.72 47.46 17.75
N ALA A 561 -28.77 48.11 18.21
CA ALA A 561 -29.07 49.46 17.76
C ALA A 561 -27.96 50.43 18.20
N LYS A 562 -27.54 50.29 19.46
CA LYS A 562 -26.47 51.10 20.04
C LYS A 562 -25.17 51.01 19.24
N PHE A 563 -24.80 49.79 18.87
CA PHE A 563 -23.58 49.56 18.12
C PHE A 563 -23.84 49.28 16.65
N GLU A 564 -25.02 49.67 16.16
CA GLU A 564 -25.39 49.45 14.77
C GLU A 564 -24.43 50.09 13.80
N ASN A 565 -24.17 51.37 14.02
CA ASN A 565 -23.27 52.12 13.18
C ASN A 565 -21.85 51.65 13.32
N LEU A 566 -21.50 51.17 14.51
CA LEU A 566 -20.19 50.63 14.76
C LEU A 566 -19.96 49.39 13.91
N CYS A 567 -20.95 48.48 13.92
CA CYS A 567 -20.88 47.26 13.12
C CYS A 567 -20.73 47.58 11.65
N LYS A 568 -21.48 48.57 11.17
CA LYS A 568 -21.44 48.99 9.78
C LYS A 568 -20.07 49.52 9.42
N LEU A 569 -19.52 50.37 10.29
CA LEU A 569 -18.21 50.93 10.10
C LEU A 569 -17.15 49.86 10.06
N MET A 570 -17.20 48.95 11.03
CA MET A 570 -16.24 47.87 11.11
C MET A 570 -16.30 46.98 9.89
N LYS A 571 -17.50 46.73 9.37
CA LYS A 571 -17.65 45.94 8.17
C LYS A 571 -16.95 46.60 7.00
N GLU A 572 -17.09 47.94 6.89
CA GLU A 572 -16.43 48.69 5.84
C GLU A 572 -14.90 48.66 6.04
N ILE A 573 -14.47 48.80 7.30
CA ILE A 573 -13.06 48.73 7.65
C ILE A 573 -12.49 47.38 7.29
N LEU A 574 -13.28 46.34 7.53
CA LEU A 574 -12.88 44.99 7.28
C LEU A 574 -13.50 44.43 5.99
N ASP A 575 -13.72 45.31 5.01
CA ASP A 575 -14.24 44.89 3.73
C ASP A 575 -13.28 43.90 3.09
N LYS A 576 -13.82 42.76 2.67
CA LYS A 576 -13.04 41.65 2.09
C LYS A 576 -12.17 40.92 3.12
N LYS A 577 -12.37 41.23 4.40
CA LYS A 577 -11.67 40.57 5.47
C LYS A 577 -12.64 39.67 6.22
N VAL A 578 -13.84 40.18 6.41
CA VAL A 578 -14.90 39.45 7.08
C VAL A 578 -16.19 39.56 6.31
N GLU A 579 -16.98 38.48 6.28
CA GLU A 579 -18.21 38.48 5.53
C GLU A 579 -19.31 39.34 6.16
N LYS A 580 -19.37 39.33 7.48
CA LYS A 580 -20.36 40.12 8.18
C LYS A 580 -19.96 40.40 9.61
N VAL A 581 -20.04 41.68 9.98
CA VAL A 581 -19.75 42.10 11.34
C VAL A 581 -21.05 42.22 12.13
N THR A 582 -21.11 41.57 13.28
CA THR A 582 -22.33 41.55 14.07
C THR A 582 -22.06 41.40 15.55
N ILE A 583 -23.11 41.20 16.32
CA ILE A 583 -23.06 41.13 17.77
C ILE A 583 -23.52 39.82 18.36
N SER A 584 -22.79 39.36 19.37
CA SER A 584 -23.08 38.10 20.00
C SER A 584 -22.71 38.09 21.46
N ASN A 585 -23.64 37.66 22.28
CA ASN A 585 -23.39 37.57 23.69
C ASN A 585 -22.68 36.29 24.06
N ARG A 586 -22.24 35.49 23.07
CA ARG A 586 -21.48 34.30 23.44
C ARG A 586 -20.14 34.75 24.02
N LEU A 587 -19.74 35.99 23.69
CA LEU A 587 -18.50 36.56 24.12
C LEU A 587 -18.66 37.26 25.44
N VAL A 588 -17.67 37.12 26.31
CA VAL A 588 -17.67 37.79 27.59
C VAL A 588 -16.45 38.68 27.76
N SER A 589 -15.26 38.07 27.89
CA SER A 589 -14.04 38.84 28.13
C SER A 589 -13.45 39.47 26.87
N SER A 590 -13.80 38.93 25.70
CA SER A 590 -13.29 39.47 24.45
C SER A 590 -14.24 40.48 23.88
N PRO A 591 -13.73 41.51 23.17
CA PRO A 591 -14.43 42.55 22.47
C PRO A 591 -15.01 42.05 21.17
N CYS A 592 -14.47 40.94 20.68
CA CYS A 592 -14.91 40.43 19.41
C CYS A 592 -14.39 39.01 19.14
N CYS A 593 -14.92 38.36 18.11
CA CYS A 593 -14.50 37.01 17.79
C CYS A 593 -14.83 36.59 16.39
N ILE A 594 -13.87 36.00 15.70
CA ILE A 594 -14.13 35.47 14.38
C ILE A 594 -14.78 34.13 14.51
N VAL A 595 -15.87 33.93 13.83
CA VAL A 595 -16.59 32.71 13.97
C VAL A 595 -16.71 32.03 12.66
N THR A 596 -16.97 30.75 12.70
CA THR A 596 -17.16 30.01 11.48
C THR A 596 -18.61 30.13 11.09
N SER A 597 -18.90 29.90 9.84
CA SER A 597 -20.29 30.01 9.41
C SER A 597 -20.98 28.69 9.63
N THR A 598 -22.26 28.63 9.29
CA THR A 598 -23.00 27.38 9.37
C THR A 598 -22.54 26.38 8.29
N TYR A 599 -21.78 26.87 7.31
CA TYR A 599 -21.22 26.01 6.28
C TYR A 599 -19.73 26.25 6.14
N GLY A 600 -19.07 25.39 5.40
CA GLY A 600 -17.66 25.53 5.17
C GLY A 600 -16.82 24.80 6.18
N TRP A 601 -15.53 25.08 6.17
CA TRP A 601 -14.60 24.49 7.10
C TRP A 601 -14.46 25.39 8.28
N THR A 602 -14.27 24.80 9.45
CA THR A 602 -14.01 25.57 10.63
C THR A 602 -12.56 25.91 10.62
N ALA A 603 -12.13 26.82 11.48
CA ALA A 603 -10.73 27.20 11.51
C ALA A 603 -9.84 25.98 11.74
N ASN A 604 -10.30 25.09 12.60
CA ASN A 604 -9.60 23.87 12.88
C ASN A 604 -9.65 22.94 11.68
N MET A 605 -10.84 22.83 11.07
CA MET A 605 -11.02 21.96 9.92
C MET A 605 -10.15 22.41 8.76
N GLU A 606 -10.03 23.73 8.56
CA GLU A 606 -9.18 24.26 7.51
C GLU A 606 -7.76 23.87 7.79
N ARG A 607 -7.32 24.09 9.02
CA ARG A 607 -5.98 23.74 9.45
C ARG A 607 -5.66 22.30 9.12
N ILE A 608 -6.57 21.44 9.49
CA ILE A 608 -6.44 20.03 9.32
C ILE A 608 -6.39 19.62 7.89
N MET A 609 -7.39 20.00 7.13
CA MET A 609 -7.52 19.57 5.76
C MET A 609 -6.49 20.18 4.85
N LYS A 610 -6.23 21.47 5.03
CA LYS A 610 -5.28 22.15 4.17
C LYS A 610 -3.86 21.60 4.36
N ALA A 611 -3.49 21.24 5.60
CA ALA A 611 -2.16 20.72 5.85
C ALA A 611 -2.06 19.19 5.70
N GLN A 612 -3.13 18.48 6.06
CA GLN A 612 -3.11 17.01 6.02
C GLN A 612 -3.36 16.44 4.63
N ALA A 613 -4.35 16.97 3.92
CA ALA A 613 -4.67 16.43 2.61
C ALA A 613 -3.54 16.69 1.62
N LEU A 614 -3.27 15.71 0.77
CA LEU A 614 -2.23 15.86 -0.24
C LEU A 614 -2.80 16.48 -1.50
N ARG A 615 -4.13 16.51 -1.61
CA ARG A 615 -4.78 17.10 -2.75
C ARG A 615 -5.05 18.57 -2.53
N ASP A 616 -4.49 19.42 -3.37
CA ASP A 616 -4.70 20.85 -3.25
C ASP A 616 -5.97 21.26 -3.93
N ASN A 617 -7.09 20.90 -3.30
CA ASN A 617 -8.38 21.22 -3.85
C ASN A 617 -8.77 22.61 -3.46
N SER A 618 -8.26 23.58 -4.22
CA SER A 618 -8.52 24.99 -3.98
C SER A 618 -9.98 25.35 -4.20
N THR A 619 -10.68 24.55 -4.99
CA THR A 619 -12.09 24.78 -5.24
C THR A 619 -12.88 24.58 -3.96
N MET A 620 -12.61 23.49 -3.29
CA MET A 620 -13.26 23.18 -2.04
C MET A 620 -12.83 24.12 -0.96
N GLY A 621 -11.52 24.37 -0.88
CA GLY A 621 -11.00 25.30 0.13
C GLY A 621 -11.66 26.66 -0.02
N TYR A 622 -11.81 27.12 -1.25
CA TYR A 622 -12.46 28.38 -1.57
C TYR A 622 -13.88 28.44 -1.07
N MET A 623 -14.67 27.44 -1.40
CA MET A 623 -16.05 27.41 -1.00
C MET A 623 -16.20 27.22 0.50
N MET A 624 -15.27 26.50 1.09
CA MET A 624 -15.30 26.20 2.50
C MET A 624 -14.74 27.32 3.39
N ALA A 625 -13.98 28.25 2.82
CA ALA A 625 -13.36 29.32 3.61
C ALA A 625 -14.35 30.44 3.95
N LYS A 626 -15.24 30.17 4.90
CA LYS A 626 -16.25 31.16 5.32
C LYS A 626 -16.08 31.55 6.81
N LYS A 627 -16.35 32.83 7.13
CA LYS A 627 -16.21 33.31 8.51
C LYS A 627 -16.84 34.71 8.73
N HIS A 628 -17.25 34.97 9.98
CA HIS A 628 -17.88 36.23 10.36
C HIS A 628 -17.22 36.82 11.61
N LEU A 629 -17.56 38.07 11.95
CA LEU A 629 -17.00 38.72 13.14
C LEU A 629 -18.08 39.09 14.10
N GLU A 630 -17.99 38.58 15.32
CA GLU A 630 -18.94 38.92 16.34
C GLU A 630 -18.39 39.95 17.28
N ILE A 631 -19.27 40.75 17.84
CA ILE A 631 -18.90 41.85 18.72
C ILE A 631 -19.48 41.69 20.09
N ASN A 632 -18.66 42.00 21.09
CA ASN A 632 -19.11 42.00 22.45
C ASN A 632 -19.43 43.43 22.89
N PRO A 633 -20.71 43.85 22.82
CA PRO A 633 -21.26 45.17 23.09
C PRO A 633 -21.04 45.62 24.54
N ASP A 634 -20.69 44.69 25.42
CA ASP A 634 -20.45 45.03 26.80
C ASP A 634 -18.98 45.30 27.08
N HIS A 635 -18.12 44.94 26.14
CA HIS A 635 -16.70 45.13 26.31
C HIS A 635 -16.33 46.62 26.24
N PRO A 636 -15.46 47.11 27.15
CA PRO A 636 -14.96 48.48 27.30
C PRO A 636 -14.39 49.04 26.00
N ILE A 637 -13.69 48.20 25.24
CA ILE A 637 -13.12 48.63 23.97
C ILE A 637 -14.22 48.82 22.97
N VAL A 638 -15.14 47.87 22.91
CA VAL A 638 -16.27 47.96 21.99
C VAL A 638 -17.07 49.22 22.29
N GLU A 639 -17.32 49.46 23.57
CA GLU A 639 -17.99 50.65 24.01
C GLU A 639 -17.26 51.89 23.56
N THR A 640 -15.95 51.88 23.75
CA THR A 640 -15.11 52.99 23.34
C THR A 640 -15.13 53.18 21.85
N LEU A 641 -15.07 52.08 21.10
CA LEU A 641 -15.07 52.14 19.65
C LEU A 641 -16.31 52.81 19.13
N ARG A 642 -17.45 52.51 19.75
CA ARG A 642 -18.69 53.17 19.39
C ARG A 642 -18.55 54.64 19.56
N GLN A 643 -18.03 55.04 20.72
CA GLN A 643 -17.85 56.43 21.05
C GLN A 643 -16.88 57.08 20.08
N LYS A 644 -15.86 56.33 19.66
CA LYS A 644 -14.87 56.83 18.76
C LYS A 644 -15.43 56.97 17.36
N ALA A 645 -16.30 56.03 16.97
CA ALA A 645 -16.95 56.09 15.69
C ALA A 645 -17.86 57.30 15.63
N GLU A 646 -18.58 57.53 16.72
CA GLU A 646 -19.47 58.66 16.80
C GLU A 646 -18.69 59.96 16.79
N ALA A 647 -17.54 59.97 17.45
CA ALA A 647 -16.67 61.12 17.46
C ALA A 647 -16.14 61.40 16.06
N ASP A 648 -15.76 60.35 15.35
CA ASP A 648 -15.25 60.46 14.00
C ASP A 648 -15.11 59.10 13.35
N LYS A 649 -16.09 58.73 12.53
CA LYS A 649 -16.05 57.46 11.82
C LYS A 649 -14.89 57.37 10.83
N ASN A 650 -14.32 58.52 10.45
CA ASN A 650 -13.22 58.57 9.51
C ASN A 650 -11.86 58.59 10.21
N ASP A 651 -11.85 58.44 11.53
CA ASP A 651 -10.59 58.44 12.24
C ASP A 651 -9.85 57.17 11.93
N LYS A 652 -8.91 57.27 11.01
CA LYS A 652 -8.08 56.17 10.59
C LYS A 652 -7.46 55.40 11.73
N ALA A 653 -7.07 56.11 12.80
CA ALA A 653 -6.45 55.46 13.94
C ALA A 653 -7.42 54.45 14.56
N VAL A 654 -8.69 54.81 14.59
CA VAL A 654 -9.73 53.94 15.11
C VAL A 654 -9.92 52.80 14.16
N LYS A 655 -9.90 53.11 12.87
CA LYS A 655 -10.06 52.09 11.86
C LYS A 655 -8.94 51.06 11.92
N ASP A 656 -7.73 51.53 12.18
CA ASP A 656 -6.57 50.68 12.32
C ASP A 656 -6.70 49.81 13.55
N LEU A 657 -7.25 50.38 14.62
CA LEU A 657 -7.52 49.64 15.84
C LEU A 657 -8.48 48.49 15.56
N VAL A 658 -9.53 48.78 14.78
CA VAL A 658 -10.50 47.75 14.39
C VAL A 658 -9.82 46.63 13.66
N VAL A 659 -8.92 46.98 12.73
CA VAL A 659 -8.17 45.99 11.98
C VAL A 659 -7.30 45.15 12.90
N LEU A 660 -6.63 45.80 13.85
CA LEU A 660 -5.83 45.10 14.84
C LEU A 660 -6.66 44.10 15.60
N LEU A 661 -7.80 44.55 16.09
CA LEU A 661 -8.69 43.68 16.84
C LEU A 661 -9.18 42.53 16.01
N PHE A 662 -9.47 42.80 14.75
CA PHE A 662 -9.86 41.77 13.81
C PHE A 662 -8.80 40.71 13.68
N GLU A 663 -7.57 41.13 13.49
CA GLU A 663 -6.47 40.20 13.35
C GLU A 663 -6.28 39.39 14.62
N THR A 664 -6.45 40.03 15.79
CA THR A 664 -6.32 39.29 17.04
C THR A 664 -7.53 38.40 17.26
N ALA A 665 -8.67 38.79 16.70
CA ALA A 665 -9.87 37.96 16.76
C ALA A 665 -9.65 36.70 15.96
N LEU A 666 -9.01 36.85 14.79
CA LEU A 666 -8.67 35.70 13.97
C LEU A 666 -7.75 34.78 14.73
N LEU A 667 -6.75 35.37 15.40
CA LEU A 667 -5.79 34.59 16.15
C LEU A 667 -6.45 33.84 17.29
N SER A 668 -7.35 34.51 18.02
CA SER A 668 -8.03 33.88 19.14
C SER A 668 -8.98 32.79 18.69
N SER A 669 -9.46 32.89 17.45
CA SER A 669 -10.37 31.90 16.90
C SER A 669 -9.66 30.83 16.07
N GLY A 670 -8.32 30.90 15.98
CA GLY A 670 -7.56 29.87 15.27
C GLY A 670 -7.43 30.12 13.76
N PHE A 671 -7.81 31.30 13.30
CA PHE A 671 -7.67 31.64 11.89
C PHE A 671 -6.31 32.24 11.61
N SER A 672 -5.57 31.61 10.71
CA SER A 672 -4.24 32.09 10.34
C SER A 672 -4.33 33.43 9.63
N LEU A 673 -3.39 34.31 9.94
CA LEU A 673 -3.34 35.62 9.31
C LEU A 673 -2.74 35.50 7.92
N GLU A 674 -3.22 36.34 7.00
CA GLU A 674 -2.71 36.31 5.63
C GLU A 674 -1.29 36.87 5.51
N ASP A 675 -0.85 37.58 6.56
CA ASP A 675 0.49 38.15 6.58
C ASP A 675 0.93 38.55 8.00
N PRO A 676 1.15 37.55 8.88
CA PRO A 676 1.55 37.63 10.28
C PRO A 676 2.69 38.62 10.52
N GLN A 677 3.57 38.77 9.52
CA GLN A 677 4.67 39.69 9.63
C GLN A 677 4.20 41.13 9.77
N THR A 678 3.14 41.50 9.06
CA THR A 678 2.63 42.87 9.15
C THR A 678 1.87 43.08 10.43
N HIS A 679 1.33 42.01 10.97
CA HIS A 679 0.70 42.06 12.27
C HIS A 679 1.74 42.40 13.30
N SER A 680 2.86 41.66 13.25
CA SER A 680 3.95 41.88 14.17
C SER A 680 4.58 43.23 13.96
N ASN A 681 4.54 43.72 12.73
CA ASN A 681 5.08 45.03 12.43
C ASN A 681 4.26 46.09 13.09
N ARG A 682 2.93 45.93 13.07
CA ARG A 682 2.07 46.87 13.75
C ARG A 682 2.40 46.86 15.20
N ILE A 683 2.62 45.66 15.73
CA ILE A 683 3.00 45.51 17.11
C ILE A 683 4.28 46.23 17.40
N TYR A 684 5.29 46.06 16.53
CA TYR A 684 6.57 46.71 16.72
C TYR A 684 6.43 48.22 16.66
N ARG A 685 5.55 48.70 15.78
CA ARG A 685 5.28 50.12 15.69
C ARG A 685 4.68 50.63 16.98
N MET A 686 3.70 49.89 17.50
CA MET A 686 3.04 50.26 18.74
C MET A 686 4.02 50.21 19.90
N ILE A 687 4.93 49.24 19.87
CA ILE A 687 5.99 49.16 20.84
C ILE A 687 6.89 50.36 20.80
N LYS A 688 7.30 50.76 19.59
CA LYS A 688 8.15 51.92 19.43
C LYS A 688 7.48 53.16 19.95
N LEU A 689 6.17 53.26 19.75
CA LEU A 689 5.42 54.39 20.27
C LEU A 689 5.47 54.40 21.79
N GLY A 690 5.32 53.22 22.39
CA GLY A 690 5.40 53.09 23.84
C GLY A 690 6.80 53.38 24.36
N LEU A 691 7.81 53.06 23.56
CA LEU A 691 9.20 53.29 23.93
C LEU A 691 9.69 54.69 23.59
N GLY A 692 8.87 55.48 22.88
CA GLY A 692 9.28 56.83 22.50
C GLY A 692 10.29 56.80 21.35
N ILE A 693 10.28 55.72 20.57
CA ILE A 693 11.20 55.57 19.46
C ILE A 693 10.67 56.23 18.20
N GLU B 13 8.08 -59.25 -10.62
CA GLU B 13 8.88 -59.92 -9.59
C GLU B 13 8.63 -59.32 -8.22
N GLU B 14 9.56 -58.47 -7.76
CA GLU B 14 9.40 -57.78 -6.49
C GLU B 14 8.84 -56.39 -6.71
N VAL B 15 8.54 -56.07 -7.97
CA VAL B 15 8.03 -54.78 -8.32
C VAL B 15 7.06 -54.90 -9.48
N GLU B 16 5.96 -54.18 -9.38
CA GLU B 16 4.97 -54.17 -10.44
C GLU B 16 4.85 -52.77 -10.99
N THR B 17 4.64 -52.65 -12.30
CA THR B 17 4.54 -51.35 -12.95
C THR B 17 3.14 -51.03 -13.38
N PHE B 18 2.70 -49.83 -13.07
CA PHE B 18 1.35 -49.41 -13.37
C PHE B 18 1.36 -48.07 -14.06
N ALA B 19 0.41 -47.83 -14.93
CA ALA B 19 0.30 -46.49 -15.50
C ALA B 19 -0.50 -45.63 -14.55
N PHE B 20 -0.24 -44.35 -14.51
CA PHE B 20 -1.06 -43.49 -13.67
C PHE B 20 -2.45 -43.43 -14.19
N GLN B 21 -3.40 -43.40 -13.26
CA GLN B 21 -4.80 -43.39 -13.60
C GLN B 21 -5.41 -42.07 -13.27
N ALA B 22 -6.65 -41.88 -13.68
CA ALA B 22 -7.37 -40.65 -13.39
C ALA B 22 -8.84 -40.90 -13.32
N GLU B 23 -9.42 -40.65 -12.16
CA GLU B 23 -10.83 -40.83 -11.98
C GLU B 23 -11.58 -39.68 -12.53
N ILE B 24 -11.96 -39.81 -13.78
CA ILE B 24 -12.66 -38.78 -14.53
C ILE B 24 -13.97 -38.37 -13.89
N ALA B 25 -14.68 -39.32 -13.29
CA ALA B 25 -15.96 -38.98 -12.67
C ALA B 25 -15.79 -37.91 -11.58
N GLN B 26 -14.68 -37.99 -10.86
CA GLN B 26 -14.40 -37.03 -9.80
C GLN B 26 -13.66 -35.85 -10.37
N LEU B 27 -12.72 -36.13 -11.26
CA LEU B 27 -11.93 -35.11 -11.90
C LEU B 27 -12.80 -34.10 -12.58
N MET B 28 -13.80 -34.59 -13.32
CA MET B 28 -14.73 -33.73 -14.02
C MET B 28 -15.44 -32.80 -13.07
N SER B 29 -15.87 -33.32 -11.92
CA SER B 29 -16.54 -32.48 -10.96
C SER B 29 -15.60 -31.48 -10.36
N LEU B 30 -14.31 -31.83 -10.29
CA LEU B 30 -13.33 -30.88 -9.80
C LEU B 30 -13.14 -29.78 -10.83
N ILE B 31 -13.13 -30.17 -12.10
CA ILE B 31 -12.98 -29.24 -13.20
C ILE B 31 -14.04 -28.18 -13.22
N ILE B 32 -15.28 -28.57 -12.94
CA ILE B 32 -16.36 -27.62 -13.04
C ILE B 32 -16.83 -27.14 -11.67
N ASN B 33 -15.98 -27.27 -10.65
CA ASN B 33 -16.32 -26.76 -9.33
C ASN B 33 -15.14 -26.12 -8.62
N THR B 34 -13.98 -26.80 -8.61
CA THR B 34 -12.84 -26.34 -7.84
C THR B 34 -11.75 -25.70 -8.69
N PHE B 35 -11.69 -26.03 -9.97
CA PHE B 35 -10.65 -25.47 -10.83
C PHE B 35 -10.86 -23.98 -11.11
N TYR B 36 -12.10 -23.53 -11.02
CA TYR B 36 -12.40 -22.14 -11.29
C TYR B 36 -13.10 -21.49 -10.13
N SER B 37 -12.99 -20.18 -10.05
CA SER B 37 -13.65 -19.40 -9.01
C SER B 37 -14.73 -18.54 -9.66
N ASN B 38 -14.31 -17.68 -10.57
CA ASN B 38 -15.24 -16.88 -11.34
C ASN B 38 -15.87 -17.76 -12.39
N LYS B 39 -17.13 -17.48 -12.72
CA LYS B 39 -17.83 -18.32 -13.67
C LYS B 39 -18.10 -17.64 -14.99
N GLU B 40 -18.12 -16.29 -14.99
CA GLU B 40 -18.41 -15.50 -16.20
C GLU B 40 -17.34 -15.67 -17.28
N ILE B 41 -16.20 -16.22 -16.88
CA ILE B 41 -15.07 -16.50 -17.73
C ILE B 41 -15.35 -17.55 -18.80
N PHE B 42 -16.50 -18.23 -18.70
CA PHE B 42 -16.89 -19.22 -19.69
C PHE B 42 -16.98 -18.61 -21.09
N LEU B 43 -17.29 -17.30 -21.16
CA LEU B 43 -17.36 -16.63 -22.43
C LEU B 43 -15.98 -16.43 -22.99
N ARG B 44 -15.06 -16.03 -22.12
CA ARG B 44 -13.68 -15.83 -22.49
C ARG B 44 -13.09 -17.08 -23.09
N GLU B 45 -13.28 -18.20 -22.42
CA GLU B 45 -12.70 -19.44 -22.84
C GLU B 45 -13.27 -19.94 -24.16
N LEU B 46 -14.58 -19.78 -24.33
CA LEU B 46 -15.21 -20.21 -25.56
C LEU B 46 -14.85 -19.31 -26.74
N ILE B 47 -14.81 -18.01 -26.51
CA ILE B 47 -14.44 -17.06 -27.53
C ILE B 47 -12.98 -17.21 -27.90
N SER B 48 -12.13 -17.43 -26.90
CA SER B 48 -10.71 -17.64 -27.15
C SER B 48 -10.53 -18.80 -28.09
N ASN B 49 -11.26 -19.87 -27.85
CA ASN B 49 -11.19 -21.05 -28.68
C ASN B 49 -11.71 -20.77 -30.07
N ALA B 50 -12.71 -19.92 -30.16
CA ALA B 50 -13.23 -19.52 -31.45
C ALA B 50 -12.16 -18.81 -32.25
N SER B 51 -11.47 -17.87 -31.61
CA SER B 51 -10.44 -17.09 -32.29
C SER B 51 -9.25 -17.96 -32.65
N ASP B 52 -9.01 -19.01 -31.87
CA ASP B 52 -7.95 -19.95 -32.19
C ASP B 52 -8.29 -20.65 -33.50
N ALA B 53 -9.54 -21.07 -33.61
CA ALA B 53 -10.03 -21.74 -34.81
C ALA B 53 -10.05 -20.80 -36.01
N LEU B 54 -10.33 -19.53 -35.77
CA LEU B 54 -10.32 -18.56 -36.84
C LEU B 54 -8.91 -18.35 -37.35
N ASP B 55 -7.93 -18.40 -36.45
CA ASP B 55 -6.53 -18.38 -36.82
C ASP B 55 -6.15 -19.67 -37.54
N LYS B 56 -6.77 -20.80 -37.15
CA LYS B 56 -6.52 -22.06 -37.83
C LYS B 56 -6.91 -21.95 -39.28
N ILE B 57 -8.07 -21.34 -39.53
CA ILE B 57 -8.53 -21.15 -40.88
C ILE B 57 -7.60 -20.31 -41.64
N ARG B 58 -7.23 -19.17 -41.04
CA ARG B 58 -6.35 -18.24 -41.69
C ARG B 58 -5.09 -18.91 -42.14
N TYR B 59 -4.45 -19.65 -41.24
CA TYR B 59 -3.23 -20.35 -41.56
C TYR B 59 -3.42 -21.33 -42.68
N GLU B 60 -4.46 -22.12 -42.58
CA GLU B 60 -4.70 -23.13 -43.58
C GLU B 60 -4.98 -22.50 -44.94
N SER B 61 -5.72 -21.38 -44.96
CA SER B 61 -6.02 -20.67 -46.19
C SER B 61 -4.78 -20.01 -46.80
N LEU B 62 -3.74 -19.78 -45.95
CA LEU B 62 -2.48 -19.24 -46.47
C LEU B 62 -1.82 -20.24 -47.40
N THR B 63 -2.12 -21.54 -47.21
CA THR B 63 -1.53 -22.58 -48.02
C THR B 63 -2.51 -23.03 -49.07
N ASP B 64 -3.80 -22.90 -48.79
CA ASP B 64 -4.83 -23.27 -49.72
C ASP B 64 -6.10 -22.46 -49.52
N PRO B 65 -6.21 -21.32 -50.21
CA PRO B 65 -7.31 -20.34 -50.22
C PRO B 65 -8.68 -20.97 -50.52
N SER B 66 -8.71 -22.13 -51.18
CA SER B 66 -9.99 -22.79 -51.47
C SER B 66 -10.63 -23.35 -50.20
N LYS B 67 -9.86 -23.39 -49.11
CA LYS B 67 -10.39 -23.77 -47.81
C LYS B 67 -11.35 -22.69 -47.28
N LEU B 68 -11.33 -21.51 -47.90
CA LEU B 68 -12.22 -20.44 -47.58
C LEU B 68 -13.51 -20.51 -48.40
N ASP B 69 -13.63 -21.50 -49.28
CA ASP B 69 -14.83 -21.62 -50.08
C ASP B 69 -16.05 -21.87 -49.21
N SER B 70 -15.87 -22.62 -48.11
CA SER B 70 -16.96 -22.85 -47.16
C SER B 70 -17.12 -21.67 -46.19
N GLY B 71 -17.29 -20.47 -46.75
CA GLY B 71 -17.39 -19.24 -45.97
C GLY B 71 -16.04 -18.53 -45.93
N LYS B 72 -16.01 -17.26 -46.29
CA LYS B 72 -14.77 -16.51 -46.32
C LYS B 72 -14.68 -15.48 -45.19
N GLU B 73 -15.49 -15.67 -44.15
CA GLU B 73 -15.55 -14.69 -43.06
C GLU B 73 -15.12 -15.30 -41.71
N LEU B 74 -14.29 -14.55 -40.98
CA LEU B 74 -13.76 -15.00 -39.69
C LEU B 74 -14.32 -14.18 -38.53
N LYS B 75 -15.25 -14.77 -37.77
CA LYS B 75 -15.87 -14.04 -36.67
C LYS B 75 -16.55 -14.94 -35.64
N ILE B 76 -16.97 -14.31 -34.55
CA ILE B 76 -17.67 -14.96 -33.44
C ILE B 76 -19.06 -14.32 -33.24
N ASP B 77 -20.12 -15.12 -33.36
CA ASP B 77 -21.48 -14.58 -33.22
C ASP B 77 -22.16 -15.02 -31.91
N ILE B 78 -22.56 -14.05 -31.09
CA ILE B 78 -23.20 -14.34 -29.81
C ILE B 78 -24.70 -14.10 -29.89
N ILE B 79 -25.48 -15.17 -29.78
CA ILE B 79 -26.94 -15.09 -29.90
C ILE B 79 -27.67 -15.73 -28.71
N PRO B 80 -27.99 -14.93 -27.69
CA PRO B 80 -28.74 -15.25 -26.49
C PRO B 80 -30.13 -15.71 -26.84
N ASN B 81 -30.66 -16.65 -26.08
CA ASN B 81 -32.02 -17.11 -26.30
C ASN B 81 -32.79 -17.33 -25.00
N PRO B 82 -33.33 -16.24 -24.42
CA PRO B 82 -34.14 -16.14 -23.21
C PRO B 82 -35.38 -17.01 -23.23
N GLN B 83 -35.91 -17.26 -24.42
CA GLN B 83 -37.08 -18.10 -24.56
C GLN B 83 -36.77 -19.54 -24.19
N GLU B 84 -35.51 -19.91 -24.31
CA GLU B 84 -35.05 -21.22 -23.91
C GLU B 84 -34.18 -21.14 -22.70
N ARG B 85 -33.67 -19.93 -22.42
CA ARG B 85 -32.72 -19.70 -21.36
C ARG B 85 -31.41 -20.33 -21.72
N THR B 86 -31.03 -20.15 -22.97
CA THR B 86 -29.81 -20.70 -23.49
C THR B 86 -29.01 -19.64 -24.18
N LEU B 87 -27.79 -19.98 -24.53
CA LEU B 87 -26.94 -19.06 -25.27
C LEU B 87 -26.28 -19.74 -26.44
N THR B 88 -26.53 -19.22 -27.64
CA THR B 88 -25.94 -19.78 -28.84
C THR B 88 -24.69 -19.04 -29.26
N LEU B 89 -23.59 -19.74 -29.31
CA LEU B 89 -22.35 -19.14 -29.74
C LEU B 89 -21.92 -19.75 -31.05
N VAL B 90 -21.78 -18.94 -32.08
CA VAL B 90 -21.39 -19.48 -33.37
C VAL B 90 -19.95 -19.16 -33.67
N ASP B 91 -19.15 -20.18 -33.76
CA ASP B 91 -17.74 -20.04 -34.04
C ASP B 91 -17.48 -20.40 -35.49
N THR B 92 -17.11 -19.44 -36.30
CA THR B 92 -16.90 -19.72 -37.71
C THR B 92 -15.48 -20.22 -37.99
N GLY B 93 -15.07 -21.28 -37.28
CA GLY B 93 -13.74 -21.87 -37.39
C GLY B 93 -13.74 -22.95 -38.45
N ILE B 94 -12.72 -23.80 -38.43
CA ILE B 94 -12.68 -24.88 -39.41
C ILE B 94 -13.75 -25.89 -39.11
N GLY B 95 -13.85 -26.27 -37.84
CA GLY B 95 -14.80 -27.25 -37.41
C GLY B 95 -14.07 -28.44 -36.88
N MET B 96 -14.79 -29.40 -36.35
CA MET B 96 -14.19 -30.59 -35.81
C MET B 96 -14.79 -31.81 -36.48
N THR B 97 -13.95 -32.81 -36.75
CA THR B 97 -14.46 -34.04 -37.32
C THR B 97 -15.04 -34.83 -36.22
N LYS B 98 -15.77 -35.90 -36.56
CA LYS B 98 -16.30 -36.74 -35.50
C LYS B 98 -15.19 -37.24 -34.62
N ALA B 99 -14.07 -37.60 -35.24
CA ALA B 99 -12.90 -38.05 -34.52
C ALA B 99 -12.39 -36.98 -33.58
N ASP B 100 -12.40 -35.73 -34.02
CA ASP B 100 -11.93 -34.65 -33.17
C ASP B 100 -12.88 -34.40 -32.02
N LEU B 101 -14.17 -34.55 -32.27
CA LEU B 101 -15.15 -34.38 -31.22
C LEU B 101 -14.98 -35.41 -30.12
N ILE B 102 -14.67 -36.63 -30.50
CA ILE B 102 -14.54 -37.69 -29.52
C ILE B 102 -13.11 -37.81 -28.99
N ASN B 103 -12.15 -37.28 -29.74
CA ASN B 103 -10.75 -37.35 -29.32
C ASN B 103 -10.31 -36.12 -28.58
N ASN B 104 -10.58 -34.96 -29.14
CA ASN B 104 -10.11 -33.72 -28.55
C ASN B 104 -11.15 -33.06 -27.65
N LEU B 105 -12.36 -32.86 -28.18
CA LEU B 105 -13.39 -32.14 -27.43
C LEU B 105 -13.80 -32.89 -26.19
N GLY B 106 -14.10 -34.18 -26.35
CA GLY B 106 -14.49 -35.01 -25.22
C GLY B 106 -13.30 -35.62 -24.43
N THR B 107 -12.14 -34.92 -24.41
CA THR B 107 -10.99 -35.40 -23.65
C THR B 107 -10.40 -34.31 -22.76
N ILE B 108 -10.15 -34.68 -21.52
CA ILE B 108 -9.59 -33.78 -20.52
C ILE B 108 -8.10 -33.57 -20.73
N ALA B 109 -7.69 -32.32 -20.64
CA ALA B 109 -6.30 -31.92 -20.82
C ALA B 109 -5.82 -32.31 -22.19
N LYS B 110 -6.55 -31.90 -23.20
CA LYS B 110 -6.19 -32.19 -24.56
C LYS B 110 -6.73 -31.15 -25.50
N SER B 111 -5.89 -30.67 -26.38
CA SER B 111 -6.33 -29.70 -27.36
C SER B 111 -5.60 -29.85 -28.65
N GLY B 112 -6.37 -29.81 -29.73
CA GLY B 112 -5.87 -29.88 -31.07
C GLY B 112 -5.11 -28.62 -31.42
N THR B 113 -5.25 -27.58 -30.58
CA THR B 113 -4.51 -26.36 -30.75
C THR B 113 -3.03 -26.68 -30.76
N LYS B 114 -2.61 -27.60 -29.89
CA LYS B 114 -1.23 -27.99 -29.77
C LYS B 114 -0.74 -28.65 -31.02
N ALA B 115 -1.56 -29.55 -31.55
CA ALA B 115 -1.24 -30.23 -32.78
C ALA B 115 -1.17 -29.24 -33.93
N PHE B 116 -2.03 -28.24 -33.89
CA PHE B 116 -2.02 -27.22 -34.88
C PHE B 116 -0.76 -26.40 -34.74
N MET B 117 -0.38 -26.11 -33.49
CA MET B 117 0.85 -25.39 -33.21
C MET B 117 2.07 -26.17 -33.67
N GLU B 118 1.96 -27.50 -33.62
CA GLU B 118 3.01 -28.34 -34.18
C GLU B 118 3.09 -28.14 -35.69
N ALA B 119 1.93 -28.03 -36.34
CA ALA B 119 1.89 -27.72 -37.77
C ALA B 119 2.49 -26.33 -38.04
N LEU B 120 2.26 -25.40 -37.11
CA LEU B 120 2.76 -24.03 -37.21
C LEU B 120 4.30 -23.94 -37.04
N GLN B 121 4.94 -25.06 -36.62
CA GLN B 121 6.39 -25.11 -36.44
C GLN B 121 7.12 -24.98 -37.78
N ALA B 122 6.38 -25.18 -38.89
CA ALA B 122 6.94 -25.04 -40.22
C ALA B 122 7.09 -23.56 -40.64
N GLY B 123 6.71 -22.62 -39.76
CA GLY B 123 6.84 -21.21 -40.05
C GLY B 123 5.47 -20.58 -40.20
N ALA B 124 5.17 -19.62 -39.32
CA ALA B 124 3.88 -18.97 -39.35
C ALA B 124 3.87 -17.68 -38.53
N ASP B 125 2.89 -16.82 -38.82
CA ASP B 125 2.68 -15.61 -38.05
C ASP B 125 1.41 -15.78 -37.19
N ILE B 126 1.11 -17.03 -36.86
CA ILE B 126 -0.07 -17.42 -36.13
C ILE B 126 0.19 -17.47 -34.64
N SER B 127 -0.76 -16.96 -33.85
CA SER B 127 -0.61 -16.92 -32.42
C SER B 127 -1.88 -17.39 -31.71
N MET B 128 -1.81 -18.58 -31.11
CA MET B 128 -2.96 -19.17 -30.43
C MET B 128 -2.65 -19.49 -29.00
N ILE B 129 -3.70 -19.75 -28.22
CA ILE B 129 -3.53 -20.17 -26.85
C ILE B 129 -4.30 -21.45 -26.64
N GLY B 130 -3.98 -22.15 -25.58
CA GLY B 130 -4.68 -23.39 -25.31
C GLY B 130 -3.76 -24.52 -24.96
N GLN B 131 -2.84 -24.27 -24.03
CA GLN B 131 -1.90 -25.27 -23.60
C GLN B 131 -2.46 -26.19 -22.50
N PHE B 132 -3.65 -25.88 -21.96
CA PHE B 132 -4.18 -26.69 -20.89
C PHE B 132 -5.07 -27.81 -21.42
N GLY B 133 -5.97 -27.49 -22.37
CA GLY B 133 -6.85 -28.49 -22.96
C GLY B 133 -8.06 -28.80 -22.08
N VAL B 134 -8.57 -27.78 -21.36
CA VAL B 134 -9.68 -28.01 -20.42
C VAL B 134 -10.77 -26.90 -20.44
N GLY B 135 -10.42 -25.73 -20.98
CA GLY B 135 -11.26 -24.52 -20.96
C GLY B 135 -12.70 -24.76 -21.39
N PHE B 136 -12.91 -25.67 -22.32
CA PHE B 136 -14.24 -26.03 -22.74
C PHE B 136 -15.18 -26.35 -21.59
N TYR B 137 -14.66 -27.08 -20.62
CA TYR B 137 -15.48 -27.56 -19.53
C TYR B 137 -15.89 -26.46 -18.55
N SER B 138 -15.28 -25.27 -18.68
CA SER B 138 -15.68 -24.12 -17.89
C SER B 138 -17.08 -23.67 -18.27
N ALA B 139 -17.56 -24.10 -19.44
CA ALA B 139 -18.90 -23.80 -19.88
C ALA B 139 -19.93 -24.38 -18.91
N TYR B 140 -19.57 -25.48 -18.23
CA TYR B 140 -20.48 -26.15 -17.33
C TYR B 140 -20.51 -25.52 -15.95
N LEU B 141 -19.74 -24.44 -15.76
CA LEU B 141 -19.82 -23.67 -14.55
C LEU B 141 -21.13 -22.92 -14.53
N VAL B 142 -21.60 -22.58 -15.73
CA VAL B 142 -22.79 -21.78 -15.93
C VAL B 142 -23.89 -22.59 -16.59
N ALA B 143 -23.54 -23.30 -17.64
CA ALA B 143 -24.51 -24.09 -18.36
C ALA B 143 -24.72 -25.44 -17.71
N GLU B 144 -25.96 -25.87 -17.70
CA GLU B 144 -26.32 -27.18 -17.22
C GLU B 144 -25.91 -28.23 -18.22
N LYS B 145 -26.14 -27.92 -19.49
CA LYS B 145 -25.78 -28.82 -20.58
C LYS B 145 -25.19 -28.05 -21.73
N VAL B 146 -24.24 -28.66 -22.42
CA VAL B 146 -23.62 -28.00 -23.55
C VAL B 146 -23.69 -28.85 -24.79
N VAL B 147 -24.16 -28.27 -25.89
CA VAL B 147 -24.21 -28.99 -27.15
C VAL B 147 -23.31 -28.31 -28.16
N VAL B 148 -22.40 -29.08 -28.72
CA VAL B 148 -21.48 -28.55 -29.70
C VAL B 148 -21.77 -29.14 -31.07
N ILE B 149 -22.20 -28.31 -31.99
CA ILE B 149 -22.53 -28.78 -33.32
C ILE B 149 -21.48 -28.29 -34.28
N THR B 150 -20.92 -29.16 -35.07
CA THR B 150 -19.81 -28.74 -35.91
C THR B 150 -19.78 -29.40 -37.24
N LYS B 151 -19.14 -28.75 -38.19
CA LYS B 151 -19.00 -29.30 -39.52
C LYS B 151 -17.63 -28.98 -40.08
N HIS B 152 -16.71 -29.91 -39.90
CA HIS B 152 -15.36 -29.75 -40.42
C HIS B 152 -15.39 -29.74 -41.92
N ASN B 153 -14.49 -28.97 -42.53
CA ASN B 153 -14.41 -28.93 -43.98
C ASN B 153 -14.27 -30.32 -44.61
N ASP B 154 -13.59 -31.24 -43.89
CA ASP B 154 -13.36 -32.58 -44.38
C ASP B 154 -14.31 -33.65 -43.78
N ASP B 155 -15.42 -33.23 -43.17
CA ASP B 155 -16.33 -34.22 -42.58
C ASP B 155 -17.79 -33.71 -42.55
N GLU B 156 -18.69 -34.60 -42.14
CA GLU B 156 -20.12 -34.31 -42.01
C GLU B 156 -20.39 -33.45 -40.78
N GLN B 157 -21.54 -32.80 -40.76
CA GLN B 157 -21.94 -32.03 -39.62
C GLN B 157 -22.44 -32.95 -38.50
N TYR B 158 -21.92 -32.75 -37.28
CA TYR B 158 -22.30 -33.59 -36.15
C TYR B 158 -22.73 -32.78 -34.95
N ALA B 159 -23.60 -33.38 -34.15
CA ALA B 159 -24.05 -32.79 -32.92
C ALA B 159 -23.45 -33.55 -31.74
N TRP B 160 -22.68 -32.83 -30.94
CA TRP B 160 -22.00 -33.35 -29.76
C TRP B 160 -22.72 -32.90 -28.50
N GLU B 161 -23.35 -33.82 -27.80
CA GLU B 161 -24.18 -33.44 -26.68
C GLU B 161 -23.76 -34.04 -25.36
N SER B 162 -23.61 -33.19 -24.34
CA SER B 162 -23.25 -33.68 -23.02
C SER B 162 -23.54 -32.69 -21.92
N SER B 163 -23.87 -33.23 -20.75
CA SER B 163 -24.07 -32.42 -19.58
C SER B 163 -22.91 -32.59 -18.60
N ALA B 164 -21.77 -33.10 -19.10
CA ALA B 164 -20.59 -33.37 -18.28
C ALA B 164 -20.86 -34.42 -17.22
N GLY B 165 -21.70 -35.39 -17.56
CA GLY B 165 -22.07 -36.44 -16.61
C GLY B 165 -21.26 -37.73 -16.79
N GLY B 166 -19.99 -37.59 -17.19
CA GLY B 166 -19.13 -38.76 -17.38
C GLY B 166 -19.18 -39.31 -18.80
N SER B 167 -20.07 -38.76 -19.62
CA SER B 167 -20.22 -39.23 -20.99
C SER B 167 -20.75 -38.14 -21.91
N PHE B 168 -20.65 -38.39 -23.20
CA PHE B 168 -21.13 -37.49 -24.22
C PHE B 168 -21.54 -38.26 -25.44
N THR B 169 -22.39 -37.68 -26.25
CA THR B 169 -22.84 -38.39 -27.42
C THR B 169 -22.62 -37.62 -28.70
N VAL B 170 -22.46 -38.35 -29.80
CA VAL B 170 -22.28 -37.72 -31.10
C VAL B 170 -23.16 -38.35 -32.17
N ARG B 171 -23.84 -37.51 -32.92
CA ARG B 171 -24.72 -37.95 -34.00
C ARG B 171 -24.65 -36.97 -35.14
N ALA B 172 -24.81 -37.42 -36.36
CA ALA B 172 -24.81 -36.47 -37.45
C ALA B 172 -26.01 -35.56 -37.34
N ASP B 173 -25.77 -34.27 -37.48
CA ASP B 173 -26.82 -33.28 -37.32
C ASP B 173 -27.73 -33.23 -38.53
N HIS B 174 -28.91 -32.65 -38.34
CA HIS B 174 -29.91 -32.53 -39.39
C HIS B 174 -30.53 -31.14 -39.39
N GLY B 175 -30.97 -30.69 -40.55
CA GLY B 175 -31.64 -29.40 -40.67
C GLY B 175 -30.68 -28.31 -41.11
N GLU B 176 -30.51 -27.30 -40.28
CA GLU B 176 -29.62 -26.21 -40.59
C GLU B 176 -28.18 -26.71 -40.76
N PRO B 177 -27.54 -26.38 -41.88
CA PRO B 177 -26.19 -26.72 -42.25
C PRO B 177 -25.18 -25.71 -41.72
N ILE B 178 -24.00 -26.22 -41.42
CA ILE B 178 -22.87 -25.41 -41.04
C ILE B 178 -21.81 -25.53 -42.11
N GLY B 179 -21.47 -24.41 -42.74
CA GLY B 179 -20.44 -24.42 -43.77
C GLY B 179 -19.12 -24.87 -43.19
N ARG B 180 -18.79 -24.30 -42.03
CA ARG B 180 -17.61 -24.66 -41.30
C ARG B 180 -17.70 -24.17 -39.87
N GLY B 181 -16.87 -24.69 -39.02
CA GLY B 181 -16.82 -24.24 -37.64
C GLY B 181 -17.74 -25.01 -36.75
N THR B 182 -18.13 -24.39 -35.66
CA THR B 182 -18.96 -25.04 -34.68
C THR B 182 -19.84 -24.09 -33.89
N LYS B 183 -20.99 -24.59 -33.46
CA LYS B 183 -21.89 -23.82 -32.65
C LYS B 183 -21.98 -24.42 -31.27
N VAL B 184 -21.99 -23.57 -30.25
CA VAL B 184 -22.10 -24.02 -28.89
C VAL B 184 -23.42 -23.59 -28.29
N ILE B 185 -24.18 -24.55 -27.78
CA ILE B 185 -25.45 -24.26 -27.17
C ILE B 185 -25.32 -24.42 -25.69
N LEU B 186 -25.45 -23.33 -24.99
CA LEU B 186 -25.33 -23.35 -23.58
C LEU B 186 -26.65 -23.40 -22.92
N HIS B 187 -27.00 -24.57 -22.42
CA HIS B 187 -28.25 -24.72 -21.72
C HIS B 187 -28.04 -24.19 -20.37
N LEU B 188 -28.27 -22.88 -20.23
CA LEU B 188 -27.90 -22.18 -19.03
C LEU B 188 -28.74 -22.62 -17.87
N LYS B 189 -28.10 -22.77 -16.71
CA LYS B 189 -28.81 -23.13 -15.51
C LYS B 189 -29.84 -22.08 -15.18
N GLU B 190 -30.85 -22.46 -14.42
CA GLU B 190 -31.97 -21.59 -14.12
C GLU B 190 -31.56 -20.35 -13.34
N ASP B 191 -30.51 -20.48 -12.53
CA ASP B 191 -30.00 -19.35 -11.76
C ASP B 191 -28.86 -18.61 -12.48
N GLN B 192 -28.64 -18.90 -13.78
CA GLN B 192 -27.59 -18.27 -14.55
C GLN B 192 -28.16 -17.39 -15.66
N THR B 193 -29.42 -17.01 -15.51
CA THR B 193 -30.11 -16.21 -16.51
C THR B 193 -29.61 -14.78 -16.58
N GLU B 194 -28.77 -14.37 -15.62
CA GLU B 194 -28.17 -13.06 -15.65
C GLU B 194 -27.22 -12.89 -16.84
N TYR B 195 -26.79 -14.00 -17.44
CA TYR B 195 -25.92 -13.95 -18.58
C TYR B 195 -26.69 -13.76 -19.87
N LEU B 196 -28.01 -13.64 -19.76
CA LEU B 196 -28.84 -13.30 -20.88
C LEU B 196 -29.00 -11.79 -20.97
N GLU B 197 -28.50 -11.07 -19.95
CA GLU B 197 -28.58 -9.63 -19.93
C GLU B 197 -27.50 -9.02 -20.79
N GLU B 198 -27.90 -8.08 -21.66
CA GLU B 198 -26.98 -7.36 -22.53
C GLU B 198 -25.80 -6.80 -21.80
N ARG B 199 -26.10 -6.07 -20.74
CA ARG B 199 -25.11 -5.44 -19.90
C ARG B 199 -24.11 -6.44 -19.36
N ARG B 200 -24.62 -7.57 -18.85
CA ARG B 200 -23.77 -8.58 -18.25
C ARG B 200 -22.85 -9.20 -19.27
N VAL B 201 -23.37 -9.43 -20.47
CA VAL B 201 -22.56 -9.99 -21.54
C VAL B 201 -21.47 -9.02 -21.93
N LYS B 202 -21.85 -7.77 -22.14
CA LYS B 202 -20.91 -6.74 -22.52
C LYS B 202 -19.87 -6.52 -21.46
N GLU B 203 -20.26 -6.65 -20.19
CA GLU B 203 -19.34 -6.52 -19.09
C GLU B 203 -18.20 -7.50 -19.24
N VAL B 204 -18.54 -8.77 -19.48
CA VAL B 204 -17.55 -9.82 -19.64
C VAL B 204 -16.72 -9.59 -20.89
N VAL B 205 -17.37 -9.16 -21.97
CA VAL B 205 -16.66 -8.86 -23.21
C VAL B 205 -15.60 -7.82 -23.02
N LYS B 206 -15.95 -6.75 -22.32
CA LYS B 206 -15.01 -5.69 -22.08
C LYS B 206 -13.98 -6.10 -21.06
N LYS B 207 -14.33 -7.07 -20.23
CA LYS B 207 -13.45 -7.57 -19.22
C LYS B 207 -12.29 -8.39 -19.82
N HIS B 208 -12.59 -9.31 -20.76
CA HIS B 208 -11.52 -10.19 -21.29
C HIS B 208 -11.38 -10.30 -22.82
N SER B 209 -12.31 -9.71 -23.58
CA SER B 209 -12.26 -9.87 -25.04
C SER B 209 -12.15 -8.55 -25.79
N GLN B 210 -11.76 -7.50 -25.09
CA GLN B 210 -11.66 -6.17 -25.67
C GLN B 210 -10.60 -6.04 -26.77
N PHE B 211 -9.65 -6.96 -26.84
CA PHE B 211 -8.64 -6.92 -27.90
C PHE B 211 -8.61 -8.16 -28.76
N ILE B 212 -9.75 -8.83 -28.91
CA ILE B 212 -9.80 -9.98 -29.81
C ILE B 212 -9.71 -9.48 -31.24
N GLY B 213 -8.80 -10.08 -32.01
CA GLY B 213 -8.53 -9.67 -33.38
C GLY B 213 -9.73 -9.88 -34.29
N TYR B 214 -10.48 -10.93 -34.05
CA TYR B 214 -11.64 -11.22 -34.87
C TYR B 214 -12.87 -10.55 -34.32
N PRO B 215 -13.79 -10.14 -35.20
CA PRO B 215 -15.06 -9.53 -34.91
C PRO B 215 -15.89 -10.42 -34.05
N ILE B 216 -16.39 -9.87 -32.97
CA ILE B 216 -17.31 -10.58 -32.12
C ILE B 216 -18.58 -9.79 -32.14
N THR B 217 -19.67 -10.44 -32.39
CA THR B 217 -20.92 -9.74 -32.50
C THR B 217 -21.88 -10.16 -31.43
N LEU B 218 -22.72 -9.24 -31.00
CA LEU B 218 -23.75 -9.55 -30.03
C LEU B 218 -25.11 -9.29 -30.58
N TYR B 219 -25.90 -10.33 -30.67
CA TYR B 219 -27.22 -10.22 -31.22
C TYR B 219 -28.25 -9.97 -30.16
N LEU B 220 -29.00 -8.88 -30.32
CA LEU B 220 -30.00 -8.52 -29.33
C LEU B 220 -31.36 -8.32 -29.94
N GLU B 221 -32.39 -8.86 -29.30
CA GLU B 221 -33.78 -8.75 -29.81
C GLU B 221 -34.32 -7.34 -29.68
N LYS B 222 -33.92 -6.48 -30.60
CA LYS B 222 -34.32 -5.08 -30.57
C LYS B 222 -34.90 -4.64 -31.89
N GLU B 223 -35.66 -3.56 -31.87
CA GLU B 223 -36.31 -3.02 -33.07
C GLU B 223 -35.48 -3.28 -34.32
N LYS B 276 -40.91 -5.70 -33.80
CA LYS B 276 -39.65 -5.47 -34.49
C LYS B 276 -38.47 -5.95 -33.68
N GLU B 277 -38.74 -6.59 -32.56
CA GLU B 277 -37.70 -7.09 -31.65
C GLU B 277 -36.94 -8.25 -32.27
N LYS B 278 -35.96 -7.91 -33.10
CA LYS B 278 -35.19 -8.89 -33.84
C LYS B 278 -33.75 -8.82 -33.48
N TYR B 279 -33.02 -9.90 -33.66
CA TYR B 279 -31.61 -9.93 -33.32
C TYR B 279 -30.80 -8.91 -34.10
N ILE B 280 -30.39 -7.86 -33.42
CA ILE B 280 -29.60 -6.80 -33.99
C ILE B 280 -28.14 -7.11 -33.84
N ASP B 281 -27.41 -7.09 -34.94
CA ASP B 281 -26.02 -7.47 -34.96
C ASP B 281 -25.10 -6.38 -34.43
N GLN B 282 -24.80 -6.43 -33.13
CA GLN B 282 -23.88 -5.48 -32.50
C GLN B 282 -22.45 -5.76 -32.91
N GLU B 283 -22.08 -5.32 -34.11
CA GLU B 283 -20.74 -5.54 -34.66
C GLU B 283 -19.64 -4.79 -33.91
N GLU B 284 -20.02 -3.70 -33.26
CA GLU B 284 -19.07 -2.88 -32.54
C GLU B 284 -18.68 -3.43 -31.18
N LEU B 285 -19.28 -4.56 -30.78
CA LEU B 285 -19.03 -5.18 -29.49
C LEU B 285 -17.54 -5.15 -29.09
N ASN B 286 -16.64 -5.51 -30.03
CA ASN B 286 -15.21 -5.49 -29.76
C ASN B 286 -14.45 -4.75 -30.85
N LYS B 287 -15.00 -3.63 -31.31
CA LYS B 287 -14.35 -2.84 -32.36
C LYS B 287 -12.98 -2.28 -31.97
N THR B 288 -12.68 -2.24 -30.68
CA THR B 288 -11.39 -1.76 -30.20
C THR B 288 -10.26 -2.63 -30.72
N LYS B 289 -9.27 -2.01 -31.34
CA LYS B 289 -8.16 -2.75 -31.90
C LYS B 289 -6.85 -2.50 -31.16
N PRO B 290 -5.97 -3.50 -31.14
CA PRO B 290 -4.63 -3.48 -30.64
C PRO B 290 -3.78 -2.50 -31.39
N ILE B 291 -3.00 -1.73 -30.68
CA ILE B 291 -2.15 -0.72 -31.26
C ILE B 291 -0.68 -1.06 -31.09
N TRP B 292 -0.32 -1.54 -29.90
CA TRP B 292 1.06 -1.95 -29.63
C TRP B 292 1.52 -3.12 -30.53
N THR B 293 0.56 -3.83 -31.14
CA THR B 293 0.87 -4.93 -32.05
C THR B 293 1.29 -4.40 -33.40
N ARG B 294 0.94 -3.15 -33.66
CA ARG B 294 1.30 -2.49 -34.88
C ARG B 294 2.68 -1.89 -34.76
N ASN B 295 3.29 -1.57 -35.89
CA ASN B 295 4.61 -0.95 -35.90
C ASN B 295 4.49 0.53 -35.51
N PRO B 296 4.98 0.94 -34.33
CA PRO B 296 4.94 2.27 -33.73
C PRO B 296 5.40 3.35 -34.66
N ASP B 297 6.37 3.06 -35.52
CA ASP B 297 6.85 4.04 -36.49
C ASP B 297 5.80 4.35 -37.55
N ASP B 298 4.84 3.44 -37.72
CA ASP B 298 3.77 3.61 -38.66
C ASP B 298 2.48 4.05 -37.96
N ILE B 299 2.56 4.36 -36.66
CA ILE B 299 1.39 4.78 -35.91
C ILE B 299 1.46 6.28 -35.69
N THR B 300 0.43 6.97 -36.12
CA THR B 300 0.39 8.40 -35.99
C THR B 300 -0.12 8.83 -34.65
N GLN B 301 0.05 10.11 -34.36
CA GLN B 301 -0.44 10.70 -33.13
C GLN B 301 -1.94 10.65 -33.04
N GLU B 302 -2.62 10.85 -34.16
CA GLU B 302 -4.06 10.73 -34.18
C GLU B 302 -4.48 9.37 -33.68
N GLU B 303 -3.81 8.34 -34.18
CA GLU B 303 -4.09 6.98 -33.78
C GLU B 303 -3.75 6.72 -32.32
N TYR B 304 -2.63 7.27 -31.84
CA TYR B 304 -2.26 7.13 -30.43
C TYR B 304 -3.27 7.85 -29.54
N GLY B 305 -3.74 9.00 -30.01
CA GLY B 305 -4.71 9.79 -29.29
C GLY B 305 -6.04 9.09 -29.23
N GLU B 306 -6.48 8.52 -30.34
CA GLU B 306 -7.75 7.83 -30.36
C GLU B 306 -7.70 6.58 -29.52
N PHE B 307 -6.55 5.92 -29.51
CA PHE B 307 -6.38 4.76 -28.66
C PHE B 307 -6.47 5.15 -27.23
N TYR B 308 -5.74 6.20 -26.85
CA TYR B 308 -5.78 6.71 -25.50
C TYR B 308 -7.18 7.08 -25.08
N LYS B 309 -7.86 7.82 -25.92
CA LYS B 309 -9.20 8.24 -25.60
C LYS B 309 -10.13 7.03 -25.46
N SER B 310 -9.89 5.99 -26.27
CA SER B 310 -10.66 4.74 -26.17
C SER B 310 -10.27 3.96 -24.92
N LEU B 311 -8.97 3.96 -24.63
CA LEU B 311 -8.37 3.30 -23.49
C LEU B 311 -8.92 3.83 -22.18
N THR B 312 -8.98 5.14 -22.09
CA THR B 312 -9.29 5.82 -20.88
C THR B 312 -10.71 6.34 -20.86
N ASN B 313 -11.33 6.43 -22.05
CA ASN B 313 -12.66 7.02 -22.22
C ASN B 313 -12.63 8.54 -21.96
N ASP B 314 -11.42 9.13 -21.99
CA ASP B 314 -11.22 10.55 -21.78
C ASP B 314 -11.35 11.30 -23.08
N TRP B 315 -12.34 12.19 -23.16
CA TRP B 315 -12.52 13.03 -24.35
C TRP B 315 -11.24 13.76 -24.76
N GLU B 316 -10.39 14.11 -23.77
CA GLU B 316 -9.15 14.82 -24.03
C GLU B 316 -8.10 13.81 -24.30
N ASP B 317 -7.30 14.04 -25.30
CA ASP B 317 -6.26 13.07 -25.60
C ASP B 317 -5.07 13.20 -24.65
N HIS B 318 -4.09 12.34 -24.84
CA HIS B 318 -2.94 12.27 -23.94
C HIS B 318 -1.94 13.36 -24.14
N LEU B 319 -1.15 13.59 -23.10
CA LEU B 319 -0.04 14.51 -23.13
C LEU B 319 1.15 13.89 -23.83
N ALA B 320 1.40 12.61 -23.54
CA ALA B 320 2.51 11.90 -24.16
C ALA B 320 2.24 10.37 -24.23
N VAL B 321 2.89 9.71 -25.20
CA VAL B 321 2.75 8.27 -25.40
C VAL B 321 4.09 7.63 -25.69
N LYS B 322 4.29 6.42 -25.19
CA LYS B 322 5.53 5.75 -25.46
C LYS B 322 5.40 4.25 -25.62
N HIS B 323 5.78 3.74 -26.78
CA HIS B 323 5.76 2.31 -27.02
C HIS B 323 6.98 1.68 -26.40
N PHE B 324 6.79 0.50 -25.85
CA PHE B 324 7.89 -0.20 -25.22
C PHE B 324 7.74 -1.70 -25.30
N SER B 325 8.76 -2.35 -25.81
CA SER B 325 8.78 -3.77 -25.95
C SER B 325 10.10 -4.37 -25.53
N VAL B 326 10.04 -5.56 -24.97
CA VAL B 326 11.26 -6.24 -24.58
C VAL B 326 11.32 -7.57 -25.25
N GLU B 327 12.53 -8.06 -25.42
CA GLU B 327 12.73 -9.35 -26.08
C GLU B 327 13.68 -10.22 -25.29
N GLY B 328 13.45 -11.53 -25.35
CA GLY B 328 14.29 -12.48 -24.63
C GLY B 328 13.45 -13.50 -23.89
N GLN B 329 13.89 -13.86 -22.70
CA GLN B 329 13.15 -14.79 -21.85
C GLN B 329 11.85 -14.13 -21.44
N LEU B 330 11.92 -12.83 -21.21
CA LEU B 330 10.77 -11.99 -21.01
C LEU B 330 10.50 -11.25 -22.31
N GLU B 331 9.26 -11.31 -22.78
CA GLU B 331 8.94 -10.66 -24.03
C GLU B 331 7.54 -10.09 -24.03
N PHE B 332 7.43 -8.82 -24.38
CA PHE B 332 6.13 -8.14 -24.46
C PHE B 332 6.20 -6.88 -25.25
N ARG B 333 5.03 -6.37 -25.62
CA ARG B 333 4.90 -5.05 -26.23
C ARG B 333 4.00 -4.21 -25.37
N ALA B 334 4.17 -2.89 -25.42
CA ALA B 334 3.37 -2.06 -24.53
C ALA B 334 3.26 -0.62 -24.97
N LEU B 335 2.20 0.04 -24.50
CA LEU B 335 2.00 1.47 -24.69
C LEU B 335 1.81 2.17 -23.35
N LEU B 336 2.60 3.21 -23.11
CA LEU B 336 2.48 4.00 -21.90
C LEU B 336 1.92 5.37 -22.25
N PHE B 337 1.00 5.89 -21.43
CA PHE B 337 0.40 7.17 -21.71
C PHE B 337 0.40 8.13 -20.54
N ILE B 338 0.81 9.35 -20.80
CA ILE B 338 0.73 10.41 -19.83
C ILE B 338 -0.48 11.28 -20.15
N PRO B 339 -1.43 11.40 -19.23
CA PRO B 339 -2.63 12.21 -19.30
C PRO B 339 -2.29 13.68 -19.17
N ARG B 340 -3.11 14.53 -19.77
CA ARG B 340 -2.88 15.97 -19.71
C ARG B 340 -3.32 16.58 -18.39
N ARG B 341 -4.15 15.86 -17.65
CA ARG B 341 -4.65 16.37 -16.39
C ARG B 341 -4.79 15.28 -15.37
N ALA B 342 -4.60 15.64 -14.12
CA ALA B 342 -4.77 14.71 -13.04
C ALA B 342 -6.23 14.49 -12.79
N PRO B 343 -6.61 13.29 -12.40
CA PRO B 343 -7.94 12.90 -12.06
C PRO B 343 -8.29 13.41 -10.70
N PHE B 344 -9.56 13.71 -10.49
CA PHE B 344 -10.03 14.17 -9.21
C PHE B 344 -9.82 13.11 -8.12
N ASP B 345 -9.67 11.84 -8.55
CA ASP B 345 -9.39 10.72 -7.68
C ASP B 345 -7.88 10.39 -7.58
N LEU B 346 -6.99 11.30 -8.03
CA LEU B 346 -5.54 11.01 -8.00
C LEU B 346 -5.06 10.66 -6.59
N PHE B 347 -5.54 11.40 -5.60
CA PHE B 347 -5.18 11.16 -4.22
C PHE B 347 -6.32 10.48 -3.48
N GLU B 348 -7.02 9.60 -4.20
CA GLU B 348 -8.13 8.88 -3.66
C GLU B 348 -7.69 7.52 -3.20
N ASN B 349 -7.78 7.26 -1.90
CA ASN B 349 -7.40 5.94 -1.40
C ASN B 349 -8.41 4.86 -1.76
N LYS B 350 -9.57 5.28 -2.33
CA LYS B 350 -10.53 4.31 -2.81
C LYS B 350 -10.43 4.04 -4.31
N LYS B 351 -9.41 4.63 -4.95
CA LYS B 351 -9.18 4.37 -6.37
C LYS B 351 -8.49 3.04 -6.59
N LYS B 352 -8.99 2.25 -7.52
CA LYS B 352 -8.34 1.00 -7.86
C LYS B 352 -7.15 1.25 -8.75
N LYS B 353 -6.02 0.72 -8.38
CA LYS B 353 -4.83 0.91 -9.16
C LYS B 353 -4.81 -0.06 -10.31
N ASN B 354 -5.30 0.40 -11.45
CA ASN B 354 -5.39 -0.41 -12.65
C ASN B 354 -5.29 0.43 -13.91
N ASN B 355 -4.39 1.40 -13.90
CA ASN B 355 -4.20 2.30 -15.02
C ASN B 355 -3.61 1.61 -16.26
N ILE B 356 -2.71 0.67 -16.02
CA ILE B 356 -2.09 -0.13 -17.05
C ILE B 356 -2.52 -1.60 -16.93
N LYS B 357 -3.18 -2.11 -17.96
CA LYS B 357 -3.71 -3.46 -17.89
C LYS B 357 -2.77 -4.50 -18.50
N LEU B 358 -2.78 -5.72 -17.93
CA LEU B 358 -1.89 -6.78 -18.38
C LEU B 358 -2.61 -7.84 -19.22
N TYR B 359 -2.03 -8.10 -20.38
CA TYR B 359 -2.55 -9.06 -21.32
C TYR B 359 -1.50 -10.09 -21.72
N VAL B 360 -1.97 -11.28 -22.08
CA VAL B 360 -1.13 -12.30 -22.68
C VAL B 360 -1.75 -12.65 -24.00
N ARG B 361 -1.03 -12.41 -25.08
CA ARG B 361 -1.60 -12.64 -26.41
C ARG B 361 -2.89 -11.85 -26.60
N ARG B 362 -2.91 -10.61 -26.09
CA ARG B 362 -4.07 -9.72 -26.09
C ARG B 362 -5.26 -10.26 -25.29
N VAL B 363 -5.00 -11.15 -24.34
CA VAL B 363 -6.05 -11.68 -23.49
C VAL B 363 -5.91 -11.13 -22.11
N PHE B 364 -6.93 -10.42 -21.66
CA PHE B 364 -6.86 -9.80 -20.35
C PHE B 364 -6.65 -10.80 -19.28
N ILE B 365 -5.56 -10.66 -18.58
CA ILE B 365 -5.24 -11.52 -17.48
C ILE B 365 -5.52 -10.84 -16.18
N MET B 366 -4.99 -9.66 -16.03
CA MET B 366 -5.15 -8.92 -14.82
C MET B 366 -4.77 -7.49 -15.01
N ASP B 367 -5.19 -6.67 -14.08
CA ASP B 367 -4.85 -5.26 -14.12
C ASP B 367 -3.98 -4.90 -12.93
N SER B 368 -3.19 -5.90 -12.47
CA SER B 368 -2.27 -5.85 -11.32
C SER B 368 -1.22 -4.73 -11.30
N CYS B 369 -1.65 -3.48 -11.42
CA CYS B 369 -0.75 -2.37 -11.37
C CYS B 369 -0.12 -2.23 -10.02
N ASP B 370 -0.82 -2.70 -9.00
CA ASP B 370 -0.32 -2.71 -7.64
C ASP B 370 1.16 -3.14 -7.57
N GLU B 371 1.53 -4.15 -8.37
CA GLU B 371 2.89 -4.61 -8.43
C GLU B 371 3.59 -4.06 -9.66
N LEU B 372 2.86 -4.00 -10.77
CA LEU B 372 3.41 -3.57 -12.06
C LEU B 372 4.08 -2.21 -12.03
N ILE B 373 3.48 -1.23 -11.35
CA ILE B 373 4.07 0.11 -11.29
C ILE B 373 4.11 0.70 -9.87
N PRO B 374 5.00 1.68 -9.64
CA PRO B 374 5.16 2.47 -8.44
C PRO B 374 3.95 3.28 -8.14
N GLU B 375 3.69 3.56 -6.89
CA GLU B 375 2.53 4.31 -6.51
C GLU B 375 2.62 5.74 -6.97
N TYR B 376 3.83 6.30 -6.92
CA TYR B 376 4.02 7.65 -7.40
C TYR B 376 3.89 7.76 -8.93
N LEU B 377 3.82 6.62 -9.64
CA LEU B 377 3.59 6.64 -11.07
C LEU B 377 2.17 6.22 -11.39
N ASN B 378 1.30 6.17 -10.37
CA ASN B 378 -0.08 5.73 -10.52
C ASN B 378 -0.97 6.78 -11.18
N PHE B 379 -0.64 7.10 -12.41
CA PHE B 379 -1.42 8.01 -13.23
C PHE B 379 -1.24 7.67 -14.72
N ILE B 380 -0.17 6.94 -15.03
CA ILE B 380 0.13 6.56 -16.38
C ILE B 380 -0.78 5.47 -16.84
N ARG B 381 -1.47 5.70 -17.95
CA ARG B 381 -2.40 4.73 -18.50
C ARG B 381 -1.73 3.91 -19.56
N GLY B 382 -2.17 2.67 -19.76
CA GLY B 382 -1.54 1.91 -20.83
C GLY B 382 -1.94 0.46 -20.89
N VAL B 383 -1.26 -0.25 -21.80
CA VAL B 383 -1.44 -1.68 -22.01
C VAL B 383 -0.11 -2.40 -22.16
N VAL B 384 0.05 -3.49 -21.42
CA VAL B 384 1.22 -4.36 -21.60
C VAL B 384 0.75 -5.71 -22.06
N ASP B 385 1.23 -6.14 -23.21
CA ASP B 385 0.79 -7.37 -23.82
C ASP B 385 1.95 -8.33 -24.01
N SER B 386 2.06 -9.29 -23.12
CA SER B 386 3.14 -10.24 -23.16
C SER B 386 2.90 -11.35 -24.14
N GLU B 387 3.97 -12.04 -24.48
CA GLU B 387 3.90 -13.12 -25.43
C GLU B 387 3.80 -14.48 -24.77
N ASP B 388 4.50 -14.67 -23.65
CA ASP B 388 4.47 -15.96 -22.99
C ASP B 388 4.76 -15.86 -21.50
N LEU B 389 3.72 -15.95 -20.68
CA LEU B 389 3.85 -15.93 -19.24
C LEU B 389 3.34 -17.23 -18.60
N PRO B 390 3.86 -17.58 -17.41
CA PRO B 390 3.56 -18.76 -16.61
C PRO B 390 2.25 -18.65 -15.88
N LEU B 391 1.17 -18.59 -16.62
CA LEU B 391 -0.14 -18.48 -16.03
C LEU B 391 -0.56 -19.76 -15.34
N ASN B 392 -1.28 -19.61 -14.26
CA ASN B 392 -1.85 -20.70 -13.52
C ASN B 392 -2.92 -21.39 -14.34
N ILE B 393 -3.36 -22.58 -13.90
CA ILE B 393 -4.44 -23.31 -14.58
C ILE B 393 -5.68 -22.41 -14.63
N SER B 394 -5.81 -21.55 -13.61
CA SER B 394 -6.76 -20.49 -13.61
C SER B 394 -6.05 -19.28 -14.18
N ARG B 395 -6.32 -18.97 -15.46
CA ARG B 395 -5.61 -17.90 -16.21
C ARG B 395 -5.72 -16.51 -15.59
N GLU B 396 -6.59 -16.35 -14.62
CA GLU B 396 -6.73 -15.11 -13.90
C GLU B 396 -5.52 -14.80 -13.01
N MET B 397 -4.68 -15.82 -12.77
CA MET B 397 -3.50 -15.65 -11.93
C MET B 397 -2.24 -16.10 -12.61
N LEU B 398 -1.21 -15.31 -12.43
CA LEU B 398 0.10 -15.54 -12.99
C LEU B 398 1.08 -16.06 -11.94
N GLN B 399 1.77 -17.15 -12.27
CA GLN B 399 2.76 -17.68 -11.36
C GLN B 399 4.05 -16.88 -11.48
N GLN B 400 4.85 -16.88 -10.41
CA GLN B 400 6.12 -16.15 -10.37
C GLN B 400 5.91 -14.65 -10.51
N SER B 401 5.39 -14.03 -9.46
CA SER B 401 5.10 -12.59 -9.43
C SER B 401 6.34 -11.72 -9.57
N LYS B 402 7.52 -12.30 -9.34
CA LYS B 402 8.77 -11.59 -9.54
C LYS B 402 8.91 -11.09 -10.97
N ILE B 403 8.22 -11.77 -11.90
CA ILE B 403 8.17 -11.37 -13.28
C ILE B 403 7.59 -9.98 -13.40
N LEU B 404 6.54 -9.70 -12.64
CA LEU B 404 5.89 -8.40 -12.68
C LEU B 404 6.80 -7.32 -12.14
N LYS B 405 7.62 -7.68 -11.15
CA LYS B 405 8.60 -6.76 -10.61
C LYS B 405 9.66 -6.42 -11.65
N VAL B 406 10.08 -7.42 -12.42
CA VAL B 406 11.04 -7.21 -13.49
C VAL B 406 10.47 -6.28 -14.53
N ILE B 407 9.23 -6.53 -14.91
CA ILE B 407 8.53 -5.71 -15.89
C ILE B 407 8.42 -4.29 -15.40
N ARG B 408 8.06 -4.13 -14.12
CA ARG B 408 7.98 -2.84 -13.48
C ARG B 408 9.21 -2.04 -13.68
N LYS B 409 10.34 -2.63 -13.35
CA LYS B 409 11.61 -1.96 -13.42
C LYS B 409 11.88 -1.44 -14.81
N ASN B 410 11.58 -2.25 -15.80
CA ASN B 410 11.77 -1.85 -17.18
C ASN B 410 10.85 -0.68 -17.55
N ILE B 411 9.60 -0.74 -17.08
CA ILE B 411 8.64 0.34 -17.32
C ILE B 411 9.08 1.64 -16.69
N VAL B 412 9.54 1.57 -15.45
CA VAL B 412 9.98 2.74 -14.71
C VAL B 412 11.08 3.43 -15.44
N LYS B 413 12.04 2.66 -15.92
CA LYS B 413 13.15 3.23 -16.65
C LYS B 413 12.66 4.00 -17.87
N LYS B 414 11.66 3.46 -18.55
CA LYS B 414 11.12 4.09 -19.74
C LYS B 414 10.25 5.28 -19.41
N CYS B 415 9.59 5.24 -18.26
CA CYS B 415 8.80 6.35 -17.82
C CYS B 415 9.69 7.53 -17.51
N LEU B 416 10.81 7.25 -16.85
CA LEU B 416 11.76 8.27 -16.50
C LEU B 416 12.37 8.91 -17.74
N GLU B 417 12.63 8.09 -18.77
CA GLU B 417 13.11 8.61 -20.03
C GLU B 417 12.08 9.54 -20.67
N LEU B 418 10.82 9.11 -20.64
CA LEU B 418 9.73 9.88 -21.20
C LEU B 418 9.59 11.22 -20.47
N PHE B 419 9.72 11.18 -19.15
CA PHE B 419 9.63 12.39 -18.34
C PHE B 419 10.75 13.34 -18.67
N SER B 420 11.94 12.80 -18.89
CA SER B 420 13.09 13.61 -19.26
C SER B 420 12.86 14.31 -20.58
N GLU B 421 12.36 13.57 -21.55
CA GLU B 421 12.06 14.13 -22.85
C GLU B 421 10.91 15.10 -22.78
N LEU B 422 9.96 14.82 -21.91
CA LEU B 422 8.88 15.74 -21.69
C LEU B 422 9.43 17.02 -21.11
N ALA B 423 10.40 16.90 -20.18
CA ALA B 423 11.07 18.07 -19.61
C ALA B 423 11.75 18.90 -20.67
N GLU B 424 12.29 18.24 -21.71
CA GLU B 424 12.88 18.97 -22.83
C GLU B 424 11.81 19.85 -23.47
N ASP B 425 10.59 19.33 -23.55
CA ASP B 425 9.46 20.12 -24.00
C ASP B 425 8.94 20.94 -22.85
N LYS B 426 9.65 22.02 -22.55
CA LYS B 426 9.37 22.89 -21.43
C LYS B 426 7.91 23.22 -21.24
N GLU B 427 7.23 23.59 -22.32
CA GLU B 427 5.85 24.04 -22.18
C GLU B 427 4.92 22.95 -21.72
N ASN B 428 5.04 21.76 -22.32
CA ASN B 428 4.21 20.66 -21.91
C ASN B 428 4.68 20.06 -20.62
N TYR B 429 5.96 20.22 -20.31
CA TYR B 429 6.46 19.78 -19.05
C TYR B 429 5.87 20.57 -17.96
N LYS B 430 5.83 21.89 -18.13
CA LYS B 430 5.24 22.76 -17.14
C LYS B 430 3.83 22.32 -16.85
N LYS B 431 3.07 22.04 -17.91
CA LYS B 431 1.69 21.57 -17.77
C LYS B 431 1.65 20.26 -16.99
N PHE B 432 2.55 19.34 -17.35
CA PHE B 432 2.68 18.06 -16.70
C PHE B 432 2.98 18.19 -15.25
N TYR B 433 4.02 18.95 -14.96
CA TYR B 433 4.52 19.16 -13.64
C TYR B 433 3.45 19.75 -12.77
N GLU B 434 2.76 20.77 -13.27
CA GLU B 434 1.70 21.39 -12.51
C GLU B 434 0.66 20.36 -12.09
N ALA B 435 0.35 19.42 -12.99
CA ALA B 435 -0.60 18.37 -12.71
C ALA B 435 -0.03 17.23 -11.84
N PHE B 436 1.25 16.86 -12.04
CA PHE B 436 1.79 15.68 -11.36
C PHE B 436 3.12 15.88 -10.59
N SER B 437 3.42 17.12 -10.20
CA SER B 437 4.62 17.38 -9.40
C SER B 437 4.52 16.77 -8.03
N LYS B 438 3.31 16.59 -7.56
CA LYS B 438 3.09 15.99 -6.28
C LYS B 438 3.55 14.57 -6.30
N ASN B 439 3.24 13.87 -7.39
CA ASN B 439 3.66 12.51 -7.57
C ASN B 439 5.15 12.42 -7.66
N LEU B 440 5.75 13.39 -8.33
CA LEU B 440 7.19 13.47 -8.42
C LEU B 440 7.80 13.56 -7.03
N LYS B 441 7.25 14.44 -6.21
CA LYS B 441 7.72 14.64 -4.85
C LYS B 441 7.48 13.40 -4.01
N LEU B 442 6.38 12.70 -4.28
CA LEU B 442 6.12 11.45 -3.61
C LEU B 442 7.15 10.42 -4.00
N GLY B 443 7.60 10.47 -5.25
CA GLY B 443 8.65 9.60 -5.72
C GLY B 443 9.94 9.88 -4.98
N ILE B 444 10.24 11.17 -4.75
CA ILE B 444 11.43 11.55 -3.99
C ILE B 444 11.36 10.97 -2.59
N HIS B 445 10.18 11.07 -1.99
CA HIS B 445 9.94 10.58 -0.66
C HIS B 445 10.01 9.05 -0.57
N GLU B 446 9.35 8.38 -1.50
CA GLU B 446 9.21 6.93 -1.50
C GLU B 446 10.41 6.15 -2.09
N ASP B 447 10.81 6.53 -3.30
CA ASP B 447 11.80 5.77 -4.06
C ASP B 447 13.24 6.22 -3.80
N SER B 448 13.98 5.40 -3.04
CA SER B 448 15.36 5.70 -2.68
C SER B 448 16.39 5.43 -3.79
N THR B 449 15.95 4.80 -4.89
CA THR B 449 16.89 4.42 -5.94
C THR B 449 16.80 5.30 -7.19
N ASN B 450 15.61 5.79 -7.47
CA ASN B 450 15.42 6.67 -8.63
C ASN B 450 15.25 8.11 -8.22
N ARG B 451 15.44 8.38 -6.94
CA ARG B 451 15.31 9.72 -6.40
C ARG B 451 16.15 10.72 -7.13
N ARG B 452 17.39 10.34 -7.42
CA ARG B 452 18.31 11.21 -8.12
C ARG B 452 17.72 11.66 -9.45
N ARG B 453 17.20 10.72 -10.22
CA ARG B 453 16.56 11.03 -11.48
C ARG B 453 15.37 11.92 -11.29
N LEU B 454 14.57 11.61 -10.29
CA LEU B 454 13.38 12.34 -10.03
C LEU B 454 13.69 13.78 -9.63
N SER B 455 14.81 14.00 -8.95
CA SER B 455 15.18 15.33 -8.52
C SER B 455 15.52 16.24 -9.70
N GLU B 456 15.84 15.64 -10.85
CA GLU B 456 16.14 16.38 -12.06
C GLU B 456 14.90 17.05 -12.60
N LEU B 457 13.75 16.48 -12.25
CA LEU B 457 12.48 16.94 -12.71
C LEU B 457 11.86 17.98 -11.77
N LEU B 458 12.50 18.22 -10.62
CA LEU B 458 11.95 19.15 -9.64
C LEU B 458 12.10 20.58 -10.10
N ARG B 459 11.07 21.38 -9.82
CA ARG B 459 11.05 22.76 -10.22
C ARG B 459 10.42 23.62 -9.11
N TYR B 460 11.08 24.71 -8.77
CA TYR B 460 10.60 25.57 -7.69
C TYR B 460 10.66 27.02 -8.05
N HIS B 461 9.88 27.84 -7.37
CA HIS B 461 10.04 29.26 -7.57
C HIS B 461 11.18 29.71 -6.69
N THR B 462 12.00 30.61 -7.19
CA THR B 462 13.16 31.07 -6.44
C THR B 462 13.25 32.59 -6.47
N SER B 463 14.11 33.15 -5.62
CA SER B 463 14.22 34.63 -5.47
C SER B 463 14.45 35.38 -6.77
N GLN B 464 15.27 34.82 -7.66
CA GLN B 464 15.60 35.54 -8.90
C GLN B 464 14.60 35.23 -10.01
N SER B 465 13.67 34.33 -9.74
CA SER B 465 12.64 34.00 -10.70
C SER B 465 11.42 34.85 -10.42
N GLY B 466 10.44 34.78 -11.30
CA GLY B 466 9.19 35.46 -11.08
C GLY B 466 8.21 34.46 -10.53
N ASP B 467 7.20 34.12 -11.34
CA ASP B 467 6.28 33.04 -11.00
C ASP B 467 6.62 31.81 -11.82
N GLU B 468 7.81 31.82 -12.41
CA GLU B 468 8.29 30.71 -13.20
C GLU B 468 9.18 29.83 -12.37
N MET B 469 8.84 28.57 -12.33
CA MET B 469 9.61 27.60 -11.60
C MET B 469 10.93 27.31 -12.28
N THR B 470 11.89 26.84 -11.52
CA THR B 470 13.22 26.60 -12.01
C THR B 470 13.80 25.37 -11.38
N SER B 471 14.65 24.69 -12.11
CA SER B 471 15.20 23.47 -11.60
C SER B 471 16.22 23.75 -10.57
N LEU B 472 16.53 22.74 -9.80
CA LEU B 472 17.56 22.85 -8.81
C LEU B 472 18.91 23.03 -9.47
N SER B 473 19.05 22.48 -10.69
CA SER B 473 20.30 22.64 -11.46
C SER B 473 20.43 24.04 -12.00
N GLU B 474 19.31 24.67 -12.31
CA GLU B 474 19.31 26.06 -12.71
C GLU B 474 19.63 26.94 -11.52
N TYR B 475 19.12 26.56 -10.35
CA TYR B 475 19.50 27.23 -9.13
C TYR B 475 21.01 27.14 -8.97
N VAL B 476 21.54 25.91 -9.12
CA VAL B 476 22.97 25.67 -9.03
C VAL B 476 23.78 26.53 -9.99
N SER B 477 23.28 26.69 -11.22
CA SER B 477 23.99 27.51 -12.21
C SER B 477 24.05 29.00 -11.81
N ARG B 478 23.18 29.41 -10.88
CA ARG B 478 23.16 30.78 -10.41
C ARG B 478 23.79 30.93 -9.02
N MET B 479 24.40 29.85 -8.53
CA MET B 479 25.06 29.91 -7.24
C MET B 479 26.33 30.68 -7.34
N LYS B 480 26.72 31.32 -6.24
CA LYS B 480 27.93 32.09 -6.21
C LYS B 480 29.15 31.20 -6.16
N GLU B 481 30.29 31.75 -6.53
CA GLU B 481 31.55 31.01 -6.50
C GLU B 481 32.00 30.65 -5.06
N THR B 482 31.38 31.28 -4.06
CA THR B 482 31.64 30.99 -2.66
C THR B 482 30.42 30.33 -2.02
N GLN B 483 29.45 29.94 -2.83
CA GLN B 483 28.24 29.35 -2.33
C GLN B 483 28.29 27.84 -2.47
N LYS B 484 28.23 27.15 -1.34
CA LYS B 484 28.30 25.70 -1.30
C LYS B 484 26.97 25.07 -0.88
N SER B 485 25.93 25.90 -0.75
CA SER B 485 24.65 25.41 -0.29
C SER B 485 23.50 26.13 -0.96
N ILE B 486 22.40 25.42 -1.06
CA ILE B 486 21.19 25.91 -1.65
C ILE B 486 20.30 26.45 -0.60
N TYR B 487 20.04 27.72 -0.66
CA TYR B 487 19.23 28.31 0.37
C TYR B 487 17.80 28.11 0.03
N TYR B 488 17.00 27.82 1.04
CA TYR B 488 15.60 27.66 0.80
C TYR B 488 14.79 27.98 2.00
N ILE B 489 13.50 28.08 1.77
CA ILE B 489 12.56 28.36 2.82
C ILE B 489 11.25 27.70 2.51
N THR B 490 10.72 26.98 3.51
CA THR B 490 9.44 26.35 3.34
C THR B 490 8.37 27.17 4.01
N GLY B 491 7.11 26.92 3.66
CA GLY B 491 6.00 27.65 4.30
C GLY B 491 4.65 27.32 3.69
N GLU B 492 3.62 28.08 4.10
CA GLU B 492 2.26 27.90 3.62
C GLU B 492 2.03 28.57 2.27
N SER B 493 2.68 29.71 2.07
CA SER B 493 2.50 30.43 0.82
C SER B 493 3.75 31.14 0.40
N LYS B 494 3.82 31.44 -0.88
CA LYS B 494 4.96 32.12 -1.47
C LYS B 494 5.13 33.49 -0.87
N GLU B 495 4.01 34.15 -0.61
CA GLU B 495 4.05 35.47 -0.02
C GLU B 495 4.54 35.41 1.40
N GLN B 496 4.10 34.40 2.15
CA GLN B 496 4.52 34.22 3.52
C GLN B 496 6.02 34.09 3.63
N VAL B 497 6.60 33.23 2.79
CA VAL B 497 8.04 33.01 2.82
C VAL B 497 8.80 34.16 2.19
N ALA B 498 8.16 34.84 1.24
CA ALA B 498 8.78 36.00 0.61
C ALA B 498 8.95 37.13 1.60
N ASN B 499 8.04 37.21 2.57
CA ASN B 499 8.10 38.26 3.57
C ASN B 499 8.81 37.84 4.85
N SER B 500 9.42 36.66 4.84
CA SER B 500 10.11 36.19 6.03
C SER B 500 11.37 36.97 6.29
N ALA B 501 11.62 37.23 7.57
CA ALA B 501 12.84 37.91 7.98
C ALA B 501 14.07 37.07 7.65
N PHE B 502 13.88 35.76 7.54
CA PHE B 502 14.97 34.85 7.33
C PHE B 502 15.59 34.95 5.96
N VAL B 503 14.88 35.53 5.01
CA VAL B 503 15.42 35.66 3.68
C VAL B 503 15.81 37.08 3.38
N GLU B 504 15.68 37.97 4.36
CA GLU B 504 15.99 39.36 4.13
C GLU B 504 17.48 39.57 4.07
N ARG B 505 18.21 39.02 5.06
CA ARG B 505 19.66 39.14 5.04
C ARG B 505 20.24 38.37 3.91
N VAL B 506 19.61 37.25 3.58
CA VAL B 506 20.03 36.41 2.49
C VAL B 506 20.02 37.23 1.20
N ARG B 507 18.94 37.99 1.01
CA ARG B 507 18.82 38.90 -0.11
C ARG B 507 19.84 40.02 -0.03
N LYS B 508 20.10 40.51 1.19
CA LYS B 508 21.08 41.57 1.40
C LYS B 508 22.49 41.09 1.04
N ARG B 509 22.71 39.78 1.21
CA ARG B 509 23.98 39.18 0.87
C ARG B 509 24.04 38.73 -0.60
N GLY B 510 22.97 38.98 -1.36
CA GLY B 510 22.92 38.65 -2.78
C GLY B 510 22.60 37.19 -3.08
N PHE B 511 21.92 36.50 -2.18
CA PHE B 511 21.62 35.09 -2.38
C PHE B 511 20.19 34.82 -2.74
N GLU B 512 19.99 33.76 -3.51
CA GLU B 512 18.70 33.29 -3.95
C GLU B 512 18.20 32.16 -3.08
N VAL B 513 16.92 32.16 -2.73
CA VAL B 513 16.39 31.04 -1.99
C VAL B 513 15.36 30.33 -2.80
N VAL B 514 15.14 29.09 -2.46
CA VAL B 514 14.14 28.29 -3.07
C VAL B 514 12.87 28.35 -2.26
N TYR B 515 11.80 28.75 -2.89
CA TYR B 515 10.53 28.85 -2.20
C TYR B 515 9.80 27.52 -2.27
N MET B 516 9.47 26.99 -1.10
CA MET B 516 8.78 25.71 -0.99
C MET B 516 7.48 25.89 -0.22
N THR B 517 6.36 25.82 -0.94
CA THR B 517 5.08 26.20 -0.35
C THR B 517 4.06 25.05 -0.16
N GLU B 518 4.49 23.81 -0.37
CA GLU B 518 3.56 22.68 -0.15
C GLU B 518 3.97 21.91 1.09
N PRO B 519 3.03 21.23 1.76
CA PRO B 519 3.24 20.44 2.97
C PRO B 519 4.05 19.20 2.66
N ILE B 520 3.93 18.73 1.42
CA ILE B 520 4.70 17.60 0.97
C ILE B 520 6.18 17.94 0.89
N ASP B 521 6.50 19.24 0.77
CA ASP B 521 7.87 19.70 0.66
C ASP B 521 8.66 19.39 1.91
N GLU B 522 7.96 19.24 3.04
CA GLU B 522 8.63 18.89 4.27
C GLU B 522 9.14 17.46 4.22
N TYR B 523 8.44 16.62 3.45
CA TYR B 523 8.80 15.24 3.28
C TYR B 523 9.80 15.10 2.16
N CYS B 524 9.62 15.91 1.13
CA CYS B 524 10.49 15.91 -0.03
C CYS B 524 11.87 16.41 0.33
N VAL B 525 11.93 17.60 0.95
CA VAL B 525 13.21 18.22 1.30
C VAL B 525 13.95 17.38 2.32
N GLN B 526 13.22 16.56 3.08
CA GLN B 526 13.82 15.63 4.02
C GLN B 526 14.80 14.71 3.29
N GLN B 527 14.48 14.39 2.04
CA GLN B 527 15.29 13.51 1.24
C GLN B 527 16.26 14.30 0.37
N LEU B 528 15.94 15.56 0.10
CA LEU B 528 16.83 16.40 -0.73
C LEU B 528 17.98 16.96 0.10
N LYS B 529 18.95 16.09 0.37
CA LYS B 529 20.10 16.44 1.20
C LYS B 529 21.24 17.10 0.41
N GLU B 530 21.42 16.68 -0.84
CA GLU B 530 22.48 17.24 -1.69
C GLU B 530 22.10 17.13 -3.18
N PHE B 531 22.36 18.21 -3.92
CA PHE B 531 22.02 18.26 -5.34
C PHE B 531 23.21 18.75 -6.15
N ASP B 532 23.71 17.89 -7.04
CA ASP B 532 24.89 18.20 -7.86
C ASP B 532 26.09 18.66 -7.02
N GLY B 533 26.29 18.04 -5.87
CA GLY B 533 27.43 18.37 -5.03
C GLY B 533 27.16 19.56 -4.10
N LYS B 534 25.98 20.17 -4.22
CA LYS B 534 25.66 21.31 -3.40
C LYS B 534 24.75 20.90 -2.28
N SER B 535 25.03 21.41 -1.09
CA SER B 535 24.21 21.08 0.05
C SER B 535 23.00 21.96 0.06
N LEU B 536 22.06 21.68 0.93
CA LEU B 536 20.86 22.50 1.05
C LEU B 536 20.73 23.03 2.47
N VAL B 537 20.20 24.24 2.61
CA VAL B 537 20.07 24.85 3.94
C VAL B 537 18.82 25.70 4.09
N SER B 538 18.10 25.49 5.19
CA SER B 538 16.92 26.29 5.47
C SER B 538 17.28 27.52 6.21
N VAL B 539 16.76 28.62 5.75
CA VAL B 539 16.98 29.91 6.37
C VAL B 539 16.26 30.03 7.73
N THR B 540 15.35 29.09 8.02
CA THR B 540 14.54 29.15 9.22
C THR B 540 15.20 28.46 10.39
N LYS B 541 16.27 27.71 10.13
CA LYS B 541 16.95 27.00 11.19
C LYS B 541 18.15 27.72 11.69
N GLU B 542 18.59 27.33 12.87
CA GLU B 542 19.81 27.84 13.47
C GLU B 542 21.01 27.49 12.62
N GLY B 543 22.07 28.30 12.72
CA GLY B 543 23.30 28.02 11.99
C GLY B 543 23.26 28.48 10.52
N LEU B 544 22.41 29.44 10.19
CA LEU B 544 22.36 29.94 8.82
C LEU B 544 23.64 30.69 8.48
N GLU B 545 24.37 30.17 7.48
CA GLU B 545 25.63 30.75 7.10
C GLU B 545 25.54 31.64 5.87
N LEU B 546 25.88 32.89 6.08
CA LEU B 546 25.98 33.89 5.02
C LEU B 546 27.34 34.56 5.17
N PRO B 547 27.94 35.03 4.06
CA PRO B 547 29.26 35.67 3.98
C PRO B 547 29.53 36.56 5.17
N GLU B 548 30.62 36.28 5.87
CA GLU B 548 30.98 37.02 7.06
C GLU B 548 32.28 37.80 6.88
N ASP B 549 32.16 39.09 6.60
CA ASP B 549 33.31 39.98 6.48
C ASP B 549 33.98 40.10 7.81
N GLU B 550 35.25 39.73 7.89
CA GLU B 550 36.03 39.77 9.13
C GLU B 550 35.79 41.03 9.96
N GLU B 551 35.68 42.19 9.29
CA GLU B 551 35.37 43.43 9.97
C GLU B 551 34.02 43.33 10.66
N GLU B 552 33.01 42.87 9.93
CA GLU B 552 31.69 42.70 10.45
C GLU B 552 31.67 41.68 11.56
N LYS B 553 32.49 40.63 11.42
CA LYS B 553 32.57 39.58 12.42
C LYS B 553 33.02 40.14 13.74
N LYS B 554 34.04 41.01 13.70
CA LYS B 554 34.52 41.67 14.90
C LYS B 554 33.43 42.53 15.50
N LYS B 555 32.71 43.26 14.64
CA LYS B 555 31.63 44.11 15.07
C LYS B 555 30.50 43.32 15.69
N MET B 556 30.25 42.11 15.17
CA MET B 556 29.23 41.25 15.72
C MET B 556 29.64 40.72 17.07
N GLU B 557 30.94 40.44 17.25
CA GLU B 557 31.42 39.98 18.55
C GLU B 557 31.33 41.08 19.57
N GLU B 558 31.57 42.32 19.12
CA GLU B 558 31.41 43.47 19.98
C GLU B 558 29.95 43.65 20.36
N SER B 559 29.07 43.41 19.38
CA SER B 559 27.65 43.50 19.60
C SER B 559 27.17 42.42 20.55
N LYS B 560 27.75 41.23 20.45
CA LYS B 560 27.41 40.14 21.34
C LYS B 560 27.71 40.51 22.77
N ALA B 561 28.86 41.14 22.99
CA ALA B 561 29.22 41.62 24.31
C ALA B 561 28.28 42.74 24.74
N LYS B 562 28.01 43.66 23.81
CA LYS B 562 27.12 44.79 24.04
C LYS B 562 25.75 44.37 24.53
N PHE B 563 25.18 43.37 23.89
CA PHE B 563 23.87 42.89 24.24
C PHE B 563 23.93 41.57 25.02
N GLU B 564 25.09 41.24 25.59
CA GLU B 564 25.28 39.99 26.32
C GLU B 564 24.36 39.88 27.51
N ASN B 565 24.41 40.88 28.36
CA ASN B 565 23.60 40.89 29.57
C ASN B 565 22.13 41.07 29.24
N LEU B 566 21.85 41.75 28.13
CA LEU B 566 20.49 41.92 27.69
C LEU B 566 19.89 40.57 27.33
N CYS B 567 20.64 39.77 26.57
CA CYS B 567 20.20 38.44 26.19
C CYS B 567 20.00 37.56 27.42
N LYS B 568 20.90 37.70 28.39
CA LYS B 568 20.80 36.97 29.64
C LYS B 568 19.53 37.33 30.38
N LEU B 569 19.21 38.62 30.40
CA LEU B 569 17.99 39.13 31.02
C LEU B 569 16.77 38.56 30.35
N MET B 570 16.74 38.62 29.02
CA MET B 570 15.64 38.08 28.24
C MET B 570 15.42 36.62 28.54
N LYS B 571 16.53 35.87 28.64
CA LYS B 571 16.46 34.47 28.97
C LYS B 571 15.87 34.25 30.34
N GLU B 572 16.24 35.10 31.29
CA GLU B 572 15.68 35.00 32.64
C GLU B 572 14.17 35.25 32.62
N ILE B 573 13.76 36.20 31.79
CA ILE B 573 12.35 36.53 31.62
C ILE B 573 11.59 35.38 30.96
N LEU B 574 12.20 34.79 29.95
CA LEU B 574 11.59 33.74 29.16
C LEU B 574 12.34 32.42 29.27
N ASP B 575 12.78 32.10 30.48
CA ASP B 575 13.60 30.91 30.71
C ASP B 575 12.97 29.63 30.19
N LYS B 576 11.66 29.51 30.34
CA LYS B 576 10.96 28.31 29.92
C LYS B 576 10.22 28.49 28.60
N LYS B 577 10.46 29.61 27.92
CA LYS B 577 9.78 29.87 26.67
C LYS B 577 10.73 29.77 25.50
N VAL B 578 12.01 30.05 25.75
CA VAL B 578 13.03 29.97 24.71
C VAL B 578 14.25 29.25 25.24
N GLU B 579 14.86 28.42 24.40
CA GLU B 579 16.03 27.64 24.77
C GLU B 579 17.30 28.50 24.81
N LYS B 580 17.43 29.41 23.85
CA LYS B 580 18.58 30.31 23.83
C LYS B 580 18.25 31.65 23.24
N VAL B 581 18.75 32.70 23.87
CA VAL B 581 18.57 34.07 23.40
C VAL B 581 19.91 34.62 22.90
N THR B 582 19.94 35.06 21.66
CA THR B 582 21.19 35.56 21.06
C THR B 582 20.93 36.48 19.87
N ILE B 583 21.88 37.34 19.57
CA ILE B 583 21.73 38.20 18.40
C ILE B 583 22.16 37.44 17.15
N SER B 584 21.66 37.89 16.01
CA SER B 584 22.02 37.29 14.73
C SER B 584 21.79 38.21 13.59
N ASN B 585 22.79 38.30 12.72
CA ASN B 585 22.71 39.15 11.57
C ASN B 585 21.85 38.57 10.46
N ARG B 586 21.21 37.41 10.70
CA ARG B 586 20.29 36.89 9.71
C ARG B 586 19.06 37.78 9.62
N LEU B 587 18.83 38.58 10.66
CA LEU B 587 17.69 39.45 10.67
C LEU B 587 18.02 40.81 10.10
N VAL B 588 17.03 41.42 9.46
CA VAL B 588 17.20 42.75 8.89
C VAL B 588 16.17 43.72 9.45
N SER B 589 14.90 43.56 9.03
CA SER B 589 13.84 44.46 9.45
C SER B 589 13.23 44.11 10.82
N SER B 590 13.43 42.88 11.27
CA SER B 590 12.86 42.49 12.56
C SER B 590 13.86 42.56 13.68
N PRO B 591 13.42 42.98 14.90
CA PRO B 591 14.15 43.09 16.17
C PRO B 591 14.43 41.75 16.75
N CYS B 592 13.70 40.75 16.31
CA CYS B 592 13.88 39.43 16.84
C CYS B 592 13.13 38.40 16.02
N CYS B 593 13.42 37.14 16.24
CA CYS B 593 12.78 36.09 15.47
C CYS B 593 13.11 34.71 16.01
N ILE B 594 12.16 33.80 15.91
CA ILE B 594 12.37 32.47 16.47
C ILE B 594 12.86 31.48 15.42
N VAL B 595 13.95 30.76 15.76
CA VAL B 595 14.50 29.77 14.83
C VAL B 595 14.38 28.38 15.34
N THR B 596 14.51 27.45 14.42
CA THR B 596 14.40 26.04 14.71
C THR B 596 15.75 25.36 14.79
N SER B 597 15.97 24.58 15.86
CA SER B 597 17.19 23.81 15.97
C SER B 597 17.33 22.86 14.82
N THR B 598 18.57 22.56 14.45
CA THR B 598 18.79 21.64 13.35
C THR B 598 18.23 20.25 13.64
N TYR B 599 18.05 19.93 14.92
CA TYR B 599 17.42 18.68 15.31
C TYR B 599 15.93 18.85 15.58
N GLY B 600 15.10 18.06 14.88
CA GLY B 600 13.66 18.04 15.11
C GLY B 600 12.85 18.78 14.02
N TRP B 601 11.54 18.91 14.28
CA TRP B 601 10.60 19.56 13.37
C TRP B 601 10.77 21.05 13.25
N THR B 602 10.51 21.57 12.07
CA THR B 602 10.49 22.99 11.84
C THR B 602 9.15 23.51 12.21
N ALA B 603 9.01 24.82 12.24
CA ALA B 603 7.72 25.42 12.56
C ALA B 603 6.67 24.91 11.60
N ASN B 604 7.07 24.74 10.35
CA ASN B 604 6.21 24.30 9.32
C ASN B 604 5.92 22.83 9.45
N MET B 605 6.96 22.04 9.65
CA MET B 605 6.81 20.60 9.77
C MET B 605 5.97 20.27 10.97
N GLU B 606 6.24 20.96 12.06
CA GLU B 606 5.50 20.79 13.28
C GLU B 606 4.03 21.08 13.10
N ARG B 607 3.72 22.24 12.53
CA ARG B 607 2.34 22.63 12.28
C ARG B 607 1.61 21.62 11.41
N ILE B 608 2.27 21.20 10.33
CA ILE B 608 1.71 20.26 9.40
C ILE B 608 1.50 18.90 10.03
N MET B 609 2.50 18.40 10.75
CA MET B 609 2.39 17.11 11.40
C MET B 609 1.32 17.10 12.46
N LYS B 610 1.12 18.24 13.10
CA LYS B 610 0.08 18.37 14.12
C LYS B 610 -1.32 18.54 13.53
N ALA B 611 -1.43 18.55 12.20
CA ALA B 611 -2.71 18.57 11.54
C ALA B 611 -3.17 17.16 11.17
N GLN B 612 -2.31 16.16 11.40
CA GLN B 612 -2.61 14.78 11.06
C GLN B 612 -3.50 14.10 12.10
N ALA B 613 -4.69 13.66 11.66
CA ALA B 613 -5.67 13.02 12.54
C ALA B 613 -5.17 11.76 13.20
N LEU B 614 -4.39 10.99 12.48
CA LEU B 614 -3.94 9.69 12.96
C LEU B 614 -2.50 9.70 13.50
N ARG B 615 -1.96 10.88 13.77
CA ARG B 615 -0.60 10.98 14.28
C ARG B 615 -0.45 10.46 15.70
N ASP B 616 0.76 10.04 16.04
CA ASP B 616 1.08 9.60 17.39
C ASP B 616 1.85 10.69 18.14
N ASN B 617 1.13 11.40 19.01
CA ASN B 617 1.69 12.56 19.72
C ASN B 617 2.90 12.23 20.62
N SER B 618 3.02 10.97 21.05
CA SER B 618 4.12 10.60 21.93
C SER B 618 5.47 10.63 21.22
N THR B 619 5.44 10.60 19.87
CA THR B 619 6.66 10.62 19.07
C THR B 619 7.27 12.00 19.03
N MET B 620 6.52 13.00 19.50
CA MET B 620 6.97 14.36 19.50
C MET B 620 8.05 14.60 20.53
N GLY B 621 8.23 13.66 21.46
CA GLY B 621 9.33 13.75 22.41
C GLY B 621 10.69 13.65 21.69
N TYR B 622 10.67 13.18 20.44
CA TYR B 622 11.83 13.03 19.62
C TYR B 622 11.87 14.07 18.49
N MET B 623 10.81 14.89 18.38
CA MET B 623 10.68 15.80 17.26
C MET B 623 10.50 17.27 17.65
N MET B 624 10.31 17.54 18.93
CA MET B 624 10.16 18.92 19.38
C MET B 624 11.48 19.68 19.36
N ALA B 625 11.79 20.25 18.19
CA ALA B 625 13.00 21.04 18.01
C ALA B 625 13.02 22.24 18.92
N LYS B 626 14.22 22.60 19.34
CA LYS B 626 14.41 23.73 20.23
C LYS B 626 14.16 25.05 19.52
N LYS B 627 13.54 25.97 20.25
CA LYS B 627 13.28 27.29 19.72
C LYS B 627 14.26 28.27 20.31
N HIS B 628 14.81 29.13 19.48
CA HIS B 628 15.78 30.09 19.97
C HIS B 628 15.39 31.48 19.51
N LEU B 629 15.68 32.46 20.35
CA LEU B 629 15.31 33.82 20.05
C LEU B 629 16.46 34.57 19.46
N GLU B 630 16.36 34.88 18.17
CA GLU B 630 17.35 35.66 17.50
C GLU B 630 17.07 37.09 17.76
N ILE B 631 18.11 37.88 17.89
CA ILE B 631 17.95 39.30 18.14
C ILE B 631 18.68 40.12 17.12
N ASN B 632 18.02 41.14 16.65
CA ASN B 632 18.64 42.01 15.73
C ASN B 632 19.07 43.29 16.44
N PRO B 633 20.35 43.35 16.85
CA PRO B 633 21.00 44.39 17.62
C PRO B 633 20.96 45.77 16.99
N ASP B 634 20.59 45.85 15.71
CA ASP B 634 20.56 47.11 15.03
C ASP B 634 19.27 47.92 15.25
N HIS B 635 18.26 47.31 15.88
CA HIS B 635 17.02 48.04 16.10
C HIS B 635 17.03 48.87 17.35
N PRO B 636 16.34 50.02 17.32
CA PRO B 636 16.09 50.96 18.39
C PRO B 636 15.42 50.30 19.55
N ILE B 637 14.56 49.32 19.26
CA ILE B 637 13.88 48.58 20.30
C ILE B 637 14.85 47.75 21.08
N VAL B 638 15.70 47.02 20.37
CA VAL B 638 16.70 46.17 20.99
C VAL B 638 17.70 47.00 21.76
N GLU B 639 18.11 48.12 21.16
CA GLU B 639 19.02 49.05 21.79
C GLU B 639 18.40 49.68 23.01
N THR B 640 17.12 50.04 22.90
CA THR B 640 16.39 50.59 24.02
C THR B 640 16.37 49.60 25.14
N LEU B 641 16.08 48.34 24.82
CA LEU B 641 16.02 47.31 25.84
C LEU B 641 17.34 47.14 26.53
N ARG B 642 18.44 47.22 25.77
CA ARG B 642 19.76 47.15 26.36
C ARG B 642 19.94 48.25 27.37
N GLN B 643 19.55 49.47 26.97
CA GLN B 643 19.62 50.63 27.82
C GLN B 643 18.71 50.48 29.02
N LYS B 644 17.56 49.85 28.81
CA LYS B 644 16.60 49.63 29.87
C LYS B 644 17.11 48.60 30.84
N ALA B 645 17.88 47.64 30.35
CA ALA B 645 18.51 46.66 31.22
C ALA B 645 19.53 47.35 32.08
N GLU B 646 20.28 48.28 31.50
CA GLU B 646 21.26 49.03 32.25
C GLU B 646 20.58 49.92 33.29
N ALA B 647 19.46 50.52 32.91
CA ALA B 647 18.69 51.37 33.81
C ALA B 647 18.11 50.57 34.96
N ASP B 648 17.51 49.42 34.63
CA ASP B 648 16.92 48.56 35.62
C ASP B 648 16.51 47.24 35.02
N LYS B 649 17.34 46.21 35.20
CA LYS B 649 17.03 44.87 34.70
C LYS B 649 15.76 44.28 35.32
N ASN B 650 15.33 44.84 36.46
CA ASN B 650 14.16 44.36 37.16
C ASN B 650 12.90 45.16 36.81
N ASP B 651 12.98 46.02 35.80
CA ASP B 651 11.83 46.80 35.38
C ASP B 651 10.76 45.92 34.76
N LYS B 652 9.65 45.79 35.47
CA LYS B 652 8.52 44.96 35.05
C LYS B 652 8.02 45.28 33.67
N ALA B 653 7.82 46.57 33.38
CA ALA B 653 7.30 46.98 32.09
C ALA B 653 8.20 46.52 30.98
N VAL B 654 9.50 46.59 31.22
CA VAL B 654 10.47 46.11 30.26
C VAL B 654 10.35 44.63 30.10
N LYS B 655 10.20 43.91 31.21
CA LYS B 655 10.07 42.47 31.17
C LYS B 655 8.81 42.06 30.42
N ASP B 656 7.73 42.80 30.64
CA ASP B 656 6.48 42.55 29.96
C ASP B 656 6.65 42.71 28.48
N LEU B 657 7.39 43.76 28.09
CA LEU B 657 7.69 44.01 26.70
C LEU B 657 8.44 42.85 26.09
N VAL B 658 9.45 42.35 26.81
CA VAL B 658 10.24 41.20 26.34
C VAL B 658 9.35 40.01 26.05
N VAL B 659 8.41 39.74 26.95
CA VAL B 659 7.46 38.67 26.74
C VAL B 659 6.60 38.90 25.51
N LEU B 660 6.12 40.12 25.36
CA LEU B 660 5.29 40.51 24.23
C LEU B 660 6.04 40.36 22.92
N LEU B 661 7.32 40.75 22.94
CA LEU B 661 8.19 40.66 21.79
C LEU B 661 8.42 39.23 21.38
N PHE B 662 8.63 38.37 22.36
CA PHE B 662 8.82 36.97 22.10
C PHE B 662 7.64 36.33 21.46
N GLU B 663 6.47 36.54 22.04
CA GLU B 663 5.26 35.94 21.49
C GLU B 663 4.98 36.52 20.12
N THR B 664 5.25 37.80 19.95
CA THR B 664 5.11 38.46 18.67
C THR B 664 6.02 37.80 17.62
N ALA B 665 7.27 37.57 18.01
CA ALA B 665 8.25 36.91 17.16
C ALA B 665 7.87 35.47 16.89
N LEU B 666 7.49 34.77 17.95
CA LEU B 666 7.16 33.36 17.89
C LEU B 666 6.04 33.13 16.89
N LEU B 667 4.96 33.90 17.07
CA LEU B 667 3.80 33.85 16.23
C LEU B 667 4.12 34.21 14.79
N SER B 668 4.76 35.36 14.59
CA SER B 668 5.11 35.83 13.25
C SER B 668 6.18 34.98 12.58
N SER B 669 6.90 34.18 13.37
CA SER B 669 7.91 33.28 12.84
C SER B 669 7.29 31.95 12.39
N GLY B 670 5.96 31.79 12.59
CA GLY B 670 5.26 30.62 12.13
C GLY B 670 5.13 29.53 13.20
N PHE B 671 5.42 29.88 14.45
CA PHE B 671 5.37 28.90 15.53
C PHE B 671 4.07 28.99 16.27
N SER B 672 3.64 27.86 16.81
CA SER B 672 2.39 27.79 17.54
C SER B 672 2.35 28.72 18.73
N LEU B 673 1.25 29.44 18.86
CA LEU B 673 1.04 30.35 19.96
C LEU B 673 0.35 29.60 21.10
N GLU B 674 0.99 29.58 22.27
CA GLU B 674 0.51 28.80 23.41
C GLU B 674 -0.88 29.19 23.86
N ASP B 675 -1.16 30.48 23.86
CA ASP B 675 -2.47 30.94 24.27
C ASP B 675 -2.85 32.27 23.63
N PRO B 676 -3.47 32.21 22.45
CA PRO B 676 -4.00 33.29 21.63
C PRO B 676 -4.96 34.17 22.40
N GLN B 677 -5.67 33.60 23.38
CA GLN B 677 -6.61 34.37 24.17
C GLN B 677 -5.84 35.31 25.05
N THR B 678 -4.95 34.76 25.88
CA THR B 678 -4.12 35.57 26.77
C THR B 678 -3.27 36.55 26.01
N HIS B 679 -2.71 36.11 24.89
CA HIS B 679 -1.92 36.97 24.05
C HIS B 679 -2.74 38.17 23.61
N SER B 680 -3.94 37.91 23.10
CA SER B 680 -4.82 38.97 22.67
C SER B 680 -5.31 39.77 23.85
N ASN B 681 -5.39 39.15 25.02
CA ASN B 681 -5.81 39.86 26.22
C ASN B 681 -4.79 40.89 26.60
N ARG B 682 -3.52 40.55 26.44
CA ARG B 682 -2.45 41.50 26.70
C ARG B 682 -2.56 42.63 25.74
N ILE B 683 -2.92 42.30 24.52
CA ILE B 683 -3.14 43.30 23.52
C ILE B 683 -4.30 44.18 23.89
N TYR B 684 -5.40 43.57 24.34
CA TYR B 684 -6.58 44.32 24.72
C TYR B 684 -6.23 45.28 25.81
N ARG B 685 -5.39 44.84 26.74
CA ARG B 685 -4.91 45.69 27.81
C ARG B 685 -4.19 46.88 27.25
N MET B 686 -3.28 46.65 26.31
CA MET B 686 -2.52 47.72 25.70
C MET B 686 -3.42 48.65 24.91
N ILE B 687 -4.46 48.09 24.30
CA ILE B 687 -5.44 48.87 23.60
C ILE B 687 -6.19 49.76 24.55
N LYS B 688 -6.61 49.20 25.68
CA LYS B 688 -7.31 49.96 26.70
C LYS B 688 -6.43 51.08 27.22
N LEU B 689 -5.14 50.81 27.34
CA LEU B 689 -4.20 51.82 27.79
C LEU B 689 -4.10 52.95 26.77
N GLY B 690 -4.12 52.59 25.48
CA GLY B 690 -4.10 53.59 24.41
C GLY B 690 -5.42 54.35 24.34
N LEU B 691 -6.51 53.66 24.64
CA LEU B 691 -7.83 54.27 24.63
C LEU B 691 -8.11 55.07 25.90
N GLY B 692 -7.38 54.76 26.96
CA GLY B 692 -7.55 55.43 28.23
C GLY B 692 -8.71 54.81 29.01
N ILE B 693 -9.04 53.56 28.68
CA ILE B 693 -10.12 52.85 29.33
C ILE B 693 -9.78 52.51 30.78
N ASP B 694 -8.57 51.99 30.99
CA ASP B 694 -8.13 51.59 32.32
C ASP B 694 -6.67 51.14 32.31
N VAL C 2 2.79 -26.53 -19.18
CA VAL C 2 3.16 -27.83 -18.62
C VAL C 2 4.56 -27.79 -18.00
N ASP C 3 5.32 -26.74 -18.30
CA ASP C 3 6.64 -26.54 -17.72
C ASP C 3 7.04 -25.08 -17.68
N TYR C 4 6.83 -24.43 -16.53
CA TYR C 4 7.22 -23.04 -16.36
C TYR C 4 8.44 -22.91 -15.46
N SER C 5 9.23 -24.00 -15.33
CA SER C 5 10.39 -24.03 -14.44
C SER C 5 11.47 -23.06 -14.88
N VAL C 6 11.40 -22.64 -16.15
CA VAL C 6 12.32 -21.67 -16.68
C VAL C 6 12.27 -20.32 -15.93
N TRP C 7 11.15 -20.04 -15.24
CA TRP C 7 11.03 -18.81 -14.50
C TRP C 7 11.03 -19.03 -12.99
N ASP C 8 11.54 -20.17 -12.54
CA ASP C 8 11.60 -20.43 -11.09
C ASP C 8 12.81 -19.80 -10.41
N HIS C 9 13.68 -19.16 -11.19
CA HIS C 9 14.88 -18.58 -10.62
C HIS C 9 15.07 -17.16 -11.03
N ILE C 10 14.18 -16.30 -10.60
CA ILE C 10 14.25 -14.88 -10.91
C ILE C 10 14.71 -14.10 -9.69
N GLU C 11 15.78 -13.35 -9.86
CA GLU C 11 16.30 -12.51 -8.78
C GLU C 11 15.91 -11.05 -8.96
N VAL C 12 15.21 -10.51 -7.97
CA VAL C 12 14.79 -9.11 -7.99
C VAL C 12 15.41 -8.36 -6.80
N SEP C 13 16.33 -7.43 -7.10
CA SEP C 13 17.07 -6.72 -6.06
CB SEP C 13 18.20 -5.91 -6.67
OG SEP C 13 17.69 -4.85 -7.45
C SEP C 13 16.18 -5.79 -5.22
O SEP C 13 16.44 -5.56 -4.06
P SEP C 13 18.22 -4.83 -8.98
O1P SEP C 13 17.88 -3.37 -9.58
O2P SEP C 13 17.46 -5.98 -9.78
O3P SEP C 13 19.80 -5.08 -8.99
H SEP C 13 16.54 -7.24 -8.07
HA SEP C 13 17.50 -7.46 -5.38
HB2 SEP C 13 18.84 -5.51 -5.89
HB3 SEP C 13 18.81 -6.55 -7.30
N ASP C 14 15.10 -5.31 -5.81
CA ASP C 14 14.19 -4.44 -5.10
C ASP C 14 12.92 -5.16 -4.67
N ASP C 15 13.04 -6.45 -4.36
CA ASP C 15 11.86 -7.20 -4.00
C ASP C 15 11.34 -6.74 -2.63
N GLU C 16 10.32 -5.87 -2.68
CA GLU C 16 9.67 -5.31 -1.49
C GLU C 16 8.90 -6.33 -0.65
N ASP C 17 8.77 -7.56 -1.14
CA ASP C 17 8.11 -8.60 -0.39
C ASP C 17 9.13 -9.45 0.40
N GLU C 18 10.41 -9.09 0.28
CA GLU C 18 11.47 -9.77 1.02
C GLU C 18 12.22 -8.76 1.88
N THR C 19 11.59 -8.37 2.98
CA THR C 19 12.11 -7.33 3.87
C THR C 19 12.20 -7.80 5.32
N HIS C 20 12.55 -6.87 6.22
CA HIS C 20 12.68 -7.19 7.63
C HIS C 20 12.45 -5.94 8.48
N PRO C 21 11.73 -6.07 9.61
CA PRO C 21 11.37 -5.02 10.56
C PRO C 21 12.56 -4.28 11.13
N ASN C 22 13.69 -4.94 11.24
CA ASN C 22 14.85 -4.30 11.81
C ASN C 22 15.84 -3.84 10.75
N ILE C 23 15.43 -3.89 9.49
CA ILE C 23 16.29 -3.49 8.39
C ILE C 23 15.70 -2.37 7.54
N ASP C 24 16.51 -1.37 7.23
CA ASP C 24 16.08 -0.30 6.35
C ASP C 24 16.37 -0.64 4.89
N THR C 25 15.32 -1.06 4.19
CA THR C 25 15.42 -1.53 2.81
C THR C 25 15.72 -0.43 1.80
N ALA C 26 15.65 0.82 2.24
CA ALA C 26 16.00 1.92 1.37
C ALA C 26 17.44 1.78 0.90
N SER C 27 18.31 1.22 1.77
CA SER C 27 19.69 1.00 1.43
C SER C 27 19.96 -0.48 1.12
N LEU C 28 19.14 -1.38 1.69
CA LEU C 28 19.33 -2.81 1.44
C LEU C 28 19.21 -3.14 -0.02
N PHE C 29 18.18 -2.58 -0.67
CA PHE C 29 17.97 -2.84 -2.07
C PHE C 29 19.13 -2.37 -2.89
N ARG C 30 19.73 -1.26 -2.46
CA ARG C 30 20.89 -0.75 -3.12
C ARG C 30 22.06 -1.71 -2.95
N TRP C 31 22.17 -2.31 -1.75
CA TRP C 31 23.19 -3.30 -1.50
C TRP C 31 23.02 -4.49 -2.42
N ARG C 32 21.77 -4.93 -2.57
CA ARG C 32 21.45 -6.08 -3.41
C ARG C 32 21.85 -5.85 -4.83
N HIS C 33 21.58 -4.64 -5.31
CA HIS C 33 21.98 -4.25 -6.64
C HIS C 33 23.46 -4.38 -6.80
N GLN C 34 24.19 -3.84 -5.85
CA GLN C 34 25.63 -3.88 -5.87
C GLN C 34 26.17 -5.27 -5.91
N ALA C 35 25.62 -6.13 -5.06
CA ALA C 35 26.05 -7.49 -5.00
C ALA C 35 25.84 -8.19 -6.31
N ARG C 36 24.71 -7.93 -6.95
CA ARG C 36 24.41 -8.55 -8.22
C ARG C 36 25.43 -8.15 -9.25
N VAL C 37 25.76 -6.87 -9.27
CA VAL C 37 26.74 -6.35 -10.19
C VAL C 37 28.12 -6.95 -9.96
N GLU C 38 28.54 -6.99 -8.69
CA GLU C 38 29.85 -7.53 -8.35
C GLU C 38 29.96 -8.98 -8.72
N ARG C 39 28.88 -9.74 -8.49
CA ARG C 39 28.84 -11.13 -8.87
C ARG C 39 28.98 -11.32 -10.37
N MET C 40 28.33 -10.46 -11.15
CA MET C 40 28.43 -10.55 -12.59
C MET C 40 29.83 -10.20 -13.06
N GLU C 41 30.46 -9.23 -12.40
CA GLU C 41 31.81 -8.83 -12.72
C GLU C 41 32.80 -9.94 -12.47
N GLN C 42 32.64 -10.61 -11.33
CA GLN C 42 33.50 -11.71 -10.96
C GLN C 42 33.31 -12.88 -11.89
N PHE C 43 32.06 -13.16 -12.21
CA PHE C 43 31.73 -14.23 -13.12
C PHE C 43 32.37 -14.01 -14.47
N GLN C 44 32.19 -12.81 -15.01
CA GLN C 44 32.67 -12.47 -16.31
C GLN C 44 34.16 -12.53 -16.38
N LYS C 45 34.82 -12.05 -15.33
CA LYS C 45 36.26 -12.09 -15.25
C LYS C 45 36.77 -13.49 -15.28
N GLU C 46 36.15 -14.37 -14.49
CA GLU C 46 36.57 -15.74 -14.44
C GLU C 46 36.43 -16.41 -15.78
N LYS C 47 35.30 -16.19 -16.44
CA LYS C 47 35.04 -16.79 -17.72
C LYS C 47 36.06 -16.37 -18.75
N GLU C 48 36.39 -15.07 -18.78
CA GLU C 48 37.35 -14.55 -19.71
C GLU C 48 38.73 -15.10 -19.48
N GLU C 49 39.11 -15.26 -18.22
CA GLU C 49 40.42 -15.78 -17.90
C GLU C 49 40.51 -17.25 -18.23
N LEU C 50 39.42 -17.98 -18.06
CA LEU C 50 39.39 -19.38 -18.40
C LEU C 50 39.48 -19.56 -19.91
N ASP C 51 38.80 -18.67 -20.64
CA ASP C 51 38.84 -18.69 -22.09
C ASP C 51 40.23 -18.37 -22.58
N ARG C 52 40.85 -17.36 -21.97
CA ARG C 52 42.20 -16.98 -22.29
C ARG C 52 43.15 -18.14 -22.11
N GLY C 53 43.11 -18.77 -20.94
CA GLY C 53 43.98 -19.87 -20.63
C GLY C 53 43.79 -21.02 -21.61
N CYS C 54 42.52 -21.30 -21.95
CA CYS C 54 42.20 -22.35 -22.91
C CYS C 54 42.85 -22.09 -24.23
N ARG C 55 42.68 -20.86 -24.72
CA ARG C 55 43.24 -20.46 -26.00
C ARG C 55 44.75 -20.48 -25.99
N GLU C 56 45.36 -20.12 -24.85
CA GLU C 56 46.81 -20.16 -24.74
C GLU C 56 47.33 -21.56 -24.87
N CYS C 57 46.72 -22.50 -24.13
CA CYS C 57 47.14 -23.89 -24.19
C CYS C 57 46.82 -24.48 -25.55
N LYS C 58 45.71 -24.03 -26.15
CA LYS C 58 45.33 -24.43 -27.49
C LYS C 58 46.39 -24.06 -28.48
N ARG C 59 46.84 -22.82 -28.43
CA ARG C 59 47.87 -22.35 -29.33
C ARG C 59 49.19 -23.04 -29.07
N LYS C 60 49.49 -23.26 -27.78
CA LYS C 60 50.73 -23.93 -27.42
C LYS C 60 50.77 -25.34 -27.97
N VAL C 61 49.69 -26.10 -27.80
CA VAL C 61 49.67 -27.44 -28.31
C VAL C 61 49.56 -27.47 -29.81
N ALA C 62 48.90 -26.47 -30.40
CA ALA C 62 48.79 -26.40 -31.86
C ALA C 62 50.17 -26.22 -32.47
N GLU C 63 50.97 -25.35 -31.86
CA GLU C 63 52.32 -25.11 -32.34
C GLU C 63 53.19 -26.30 -32.06
N CYS C 64 52.97 -26.97 -30.93
CA CYS C 64 53.74 -28.16 -30.61
C CYS C 64 53.43 -29.25 -31.59
N GLN C 65 52.16 -29.37 -32.00
CA GLN C 65 51.75 -30.36 -32.98
C GLN C 65 52.39 -30.10 -34.32
N ARG C 66 52.49 -28.83 -34.71
CA ARG C 66 53.25 -28.46 -35.89
C ARG C 66 54.69 -28.93 -35.75
N LYS C 67 55.26 -28.67 -34.56
CA LYS C 67 56.61 -29.09 -34.27
C LYS C 67 56.73 -30.61 -34.23
N LEU C 68 55.66 -31.31 -33.82
CA LEU C 68 55.70 -32.76 -33.79
C LEU C 68 55.86 -33.28 -35.19
N LYS C 69 55.18 -32.64 -36.15
CA LYS C 69 55.29 -33.02 -37.53
C LYS C 69 56.70 -32.79 -38.02
N GLU C 70 57.27 -31.65 -37.61
CA GLU C 70 58.61 -31.27 -37.99
C GLU C 70 59.66 -32.21 -37.39
N LEU C 71 59.46 -32.61 -36.13
CA LEU C 71 60.36 -33.51 -35.44
C LEU C 71 60.29 -34.91 -36.01
N GLU C 72 59.09 -35.31 -36.42
CA GLU C 72 58.91 -36.57 -37.10
C GLU C 72 59.73 -36.61 -38.38
N VAL C 73 59.63 -35.54 -39.16
CA VAL C 73 60.40 -35.39 -40.39
C VAL C 73 61.89 -35.32 -40.14
N ALA C 74 62.29 -34.60 -39.09
CA ALA C 74 63.70 -34.42 -38.75
C ALA C 74 64.44 -35.76 -38.60
N GLU C 75 65.62 -35.84 -39.19
CA GLU C 75 66.44 -37.05 -39.21
C GLU C 75 67.05 -37.36 -37.84
N GLY C 76 66.23 -37.96 -36.97
CA GLY C 76 66.66 -38.31 -35.62
C GLY C 76 65.95 -37.46 -34.59
N GLY C 77 65.07 -36.56 -35.08
CA GLY C 77 64.32 -35.68 -34.21
C GLY C 77 63.17 -36.40 -33.55
N LYS C 78 62.98 -37.69 -33.90
CA LYS C 78 61.95 -38.51 -33.31
C LYS C 78 62.21 -38.78 -31.82
N ALA C 79 63.47 -38.66 -31.38
CA ALA C 79 63.76 -38.77 -29.95
C ALA C 79 63.14 -37.57 -29.23
N GLU C 80 63.27 -36.40 -29.84
CA GLU C 80 62.70 -35.18 -29.33
C GLU C 80 61.22 -35.17 -29.51
N LEU C 81 60.78 -35.79 -30.59
CA LEU C 81 59.37 -35.93 -30.90
C LEU C 81 58.65 -36.55 -29.77
N GLU C 82 59.14 -37.70 -29.30
CA GLU C 82 58.55 -38.38 -28.17
C GLU C 82 58.39 -37.47 -26.98
N ARG C 83 59.47 -36.76 -26.63
CA ARG C 83 59.45 -35.79 -25.55
C ARG C 83 58.39 -34.72 -25.77
N LEU C 84 58.37 -34.15 -26.97
CA LEU C 84 57.45 -33.10 -27.28
C LEU C 84 56.02 -33.60 -27.31
N GLN C 85 55.82 -34.83 -27.79
CA GLN C 85 54.48 -35.41 -27.83
C GLN C 85 53.89 -35.42 -26.47
N ALA C 86 54.69 -35.85 -25.50
CA ALA C 86 54.25 -35.87 -24.11
C ALA C 86 53.90 -34.48 -23.65
N GLU C 87 54.77 -33.51 -23.99
CA GLU C 87 54.52 -32.13 -23.62
C GLU C 87 53.29 -31.57 -24.31
N ALA C 88 53.09 -31.97 -25.57
CA ALA C 88 51.94 -31.56 -26.33
C ALA C 88 50.69 -32.13 -25.73
N GLN C 89 50.77 -33.37 -25.25
CA GLN C 89 49.62 -33.98 -24.62
C GLN C 89 49.30 -33.28 -23.34
N GLN C 90 50.34 -32.84 -22.63
CA GLN C 90 50.13 -32.08 -21.41
C GLN C 90 49.43 -30.77 -21.71
N LEU C 91 49.86 -30.13 -22.79
CA LEU C 91 49.24 -28.87 -23.22
C LEU C 91 47.81 -29.08 -23.64
N ARG C 92 47.55 -30.19 -24.32
CA ARG C 92 46.20 -30.56 -24.70
C ARG C 92 45.34 -30.78 -23.48
N LYS C 93 45.89 -31.51 -22.51
CA LYS C 93 45.17 -31.80 -21.27
C LYS C 93 44.88 -30.54 -20.52
N GLU C 94 45.81 -29.58 -20.56
CA GLU C 94 45.60 -28.31 -19.94
C GLU C 94 44.48 -27.58 -20.64
N GLU C 95 44.54 -27.54 -21.99
CA GLU C 95 43.50 -26.93 -22.80
C GLU C 95 42.16 -27.49 -22.44
N ARG C 96 42.11 -28.80 -22.41
CA ARG C 96 40.93 -29.53 -22.04
C ARG C 96 40.41 -29.09 -20.70
N SER C 97 41.29 -29.02 -19.70
CA SER C 97 40.86 -28.65 -18.37
C SER C 97 40.35 -27.22 -18.32
N TRP C 98 40.91 -26.35 -19.17
CA TRP C 98 40.39 -24.98 -19.24
C TRP C 98 38.99 -25.01 -19.83
N GLU C 99 38.79 -25.88 -20.81
CA GLU C 99 37.49 -26.06 -21.45
C GLU C 99 36.49 -26.69 -20.51
N GLN C 100 36.96 -27.63 -19.68
CA GLN C 100 36.12 -28.25 -18.68
C GLN C 100 35.67 -27.20 -17.69
N LYS C 101 36.57 -26.29 -17.35
CA LYS C 101 36.24 -25.20 -16.47
C LYS C 101 35.23 -24.27 -17.15
N LEU C 102 35.41 -24.05 -18.45
CA LEU C 102 34.45 -23.26 -19.22
C LEU C 102 33.10 -23.96 -19.28
N GLU C 103 33.11 -25.29 -19.30
CA GLU C 103 31.88 -26.04 -19.27
C GLU C 103 31.20 -25.85 -17.93
N GLU C 104 32.00 -25.77 -16.88
CA GLU C 104 31.46 -25.49 -15.58
C GLU C 104 30.89 -24.07 -15.54
N MET C 105 31.52 -23.15 -16.28
CA MET C 105 31.00 -21.80 -16.36
C MET C 105 29.68 -21.80 -17.08
N ARG C 106 29.56 -22.66 -18.09
CA ARG C 106 28.31 -22.81 -18.82
C ARG C 106 27.24 -23.33 -17.88
N LYS C 107 27.63 -24.27 -17.00
CA LYS C 107 26.71 -24.80 -16.00
C LYS C 107 26.28 -23.70 -15.05
N LYS C 108 27.23 -22.82 -14.71
CA LYS C 108 26.96 -21.69 -13.86
C LYS C 108 25.97 -20.74 -14.52
N GLU C 109 26.11 -20.56 -15.84
CA GLU C 109 25.19 -19.73 -16.59
C GLU C 109 23.81 -20.32 -16.58
N LYS C 110 23.75 -21.65 -16.68
CA LYS C 110 22.48 -22.35 -16.62
C LYS C 110 21.81 -22.16 -15.26
N SER C 111 22.63 -22.14 -14.20
CA SER C 111 22.13 -21.91 -12.84
C SER C 111 21.91 -20.42 -12.51
N MET C 112 22.33 -19.53 -13.42
CA MET C 112 22.28 -18.10 -13.16
C MET C 112 20.84 -17.59 -13.04
N PRO C 113 20.55 -16.81 -11.99
CA PRO C 113 19.29 -16.16 -11.71
C PRO C 113 18.89 -15.20 -12.80
N TRP C 114 17.62 -15.13 -13.05
CA TRP C 114 17.06 -14.27 -14.05
C TRP C 114 16.88 -12.88 -13.53
N ASN C 115 17.20 -11.89 -14.33
CA ASN C 115 17.04 -10.51 -13.90
C ASN C 115 16.84 -9.58 -15.09
N VAL C 116 16.71 -8.28 -14.82
CA VAL C 116 16.44 -7.30 -15.89
C VAL C 116 17.54 -7.25 -16.96
N ASP C 117 18.72 -7.80 -16.68
CA ASP C 117 19.81 -7.80 -17.61
C ASP C 117 19.92 -9.14 -18.37
N THR C 118 19.22 -10.18 -17.89
CA THR C 118 19.33 -11.49 -18.55
C THR C 118 17.99 -11.94 -19.14
N LEU C 119 16.89 -11.53 -18.53
CA LEU C 119 15.57 -11.86 -19.04
C LEU C 119 15.26 -11.21 -20.35
N SER C 120 15.65 -9.97 -20.52
CA SER C 120 15.30 -9.32 -21.76
C SER C 120 16.12 -8.10 -22.07
N LYS C 121 15.90 -7.60 -23.26
CA LYS C 121 16.56 -6.41 -23.76
C LYS C 121 15.52 -5.43 -24.24
N ASP C 122 15.94 -4.22 -24.53
CA ASP C 122 15.04 -3.20 -25.03
C ASP C 122 14.72 -3.48 -26.49
N GLY C 123 13.71 -4.31 -26.71
CA GLY C 123 13.29 -4.73 -28.03
C GLY C 123 12.83 -3.56 -28.86
N PHE C 124 12.07 -2.66 -28.25
CA PHE C 124 11.61 -1.50 -28.96
C PHE C 124 11.20 -0.39 -28.03
N SER C 125 11.54 0.84 -28.38
CA SER C 125 11.14 1.97 -27.59
C SER C 125 10.87 3.18 -28.49
N LYS C 126 9.69 3.79 -28.32
CA LYS C 126 9.36 4.97 -29.10
C LYS C 126 8.50 5.92 -28.32
N SER C 127 9.07 7.05 -27.99
CA SER C 127 8.36 8.08 -27.25
C SER C 127 7.67 9.05 -28.17
N MET C 128 6.81 9.87 -27.59
CA MET C 128 6.13 10.90 -28.33
C MET C 128 5.38 11.83 -27.39
N VAL C 129 5.62 13.11 -27.52
CA VAL C 129 4.89 14.08 -26.72
C VAL C 129 3.86 14.73 -27.59
N ASN C 130 2.61 14.70 -27.15
CA ASN C 130 1.51 15.23 -27.94
C ASN C 130 1.39 16.74 -27.86
N THR C 131 2.39 17.41 -28.38
CA THR C 131 2.44 18.83 -28.51
C THR C 131 1.77 19.14 -29.76
N LYS C 132 1.06 20.30 -29.81
CA LYS C 132 0.26 20.77 -30.97
C LYS C 132 -1.27 20.68 -30.54
N PRO C 133 -2.26 20.31 -31.42
CA PRO C 133 -2.31 19.97 -32.86
C PRO C 133 -2.32 21.19 -33.78
N GLU C 134 -1.35 22.12 -33.63
CA GLU C 134 -1.19 23.31 -34.46
C GLU C 134 -2.17 24.36 -34.05
N LYS C 135 -1.67 25.46 -33.50
CA LYS C 135 -2.56 26.51 -33.06
C LYS C 135 -3.48 26.89 -34.20
N THR C 136 -4.77 26.67 -33.99
CA THR C 136 -5.77 26.91 -35.00
C THR C 136 -7.10 27.22 -34.38
N GLU C 137 -8.13 27.22 -35.21
CA GLU C 137 -9.46 27.51 -34.74
C GLU C 137 -10.50 27.15 -35.78
N GLU C 138 -11.59 26.56 -35.32
CA GLU C 138 -12.67 26.19 -36.21
C GLU C 138 -13.89 27.02 -35.90
N ASP C 139 -14.67 27.33 -36.93
CA ASP C 139 -15.87 28.09 -36.73
C ASP C 139 -16.89 27.22 -36.08
N SER C 140 -17.17 27.48 -34.80
CA SER C 140 -18.07 26.65 -34.04
C SER C 140 -19.50 26.70 -34.58
N GLU C 141 -19.84 27.72 -35.35
CA GLU C 141 -21.16 27.78 -35.97
C GLU C 141 -21.27 26.76 -37.07
N GLU C 142 -20.19 26.61 -37.85
CA GLU C 142 -20.13 25.60 -38.89
C GLU C 142 -20.08 24.22 -38.28
N VAL C 143 -19.36 24.11 -37.16
CA VAL C 143 -19.27 22.86 -36.43
C VAL C 143 -20.64 22.46 -35.94
N ARG C 144 -21.37 23.41 -35.34
CA ARG C 144 -22.72 23.18 -34.85
C ARG C 144 -23.69 22.86 -35.97
N GLU C 145 -23.51 23.48 -37.13
CA GLU C 145 -24.36 23.19 -38.28
C GLU C 145 -24.41 21.68 -38.55
N GLN C 146 -23.26 21.02 -38.42
CA GLN C 146 -23.20 19.57 -38.59
C GLN C 146 -23.46 18.82 -37.27
N LYS C 147 -22.86 19.32 -36.19
CA LYS C 147 -22.91 18.68 -34.88
C LYS C 147 -24.26 18.77 -34.24
N HIS C 148 -24.78 19.96 -34.06
CA HIS C 148 -26.07 20.12 -33.40
C HIS C 148 -27.15 19.25 -34.06
N LYS C 149 -27.11 19.16 -35.39
CA LYS C 149 -28.06 18.36 -36.12
C LYS C 149 -27.89 16.83 -35.90
N THR C 150 -26.63 16.34 -35.88
CA THR C 150 -26.40 14.89 -35.77
C THR C 150 -25.99 14.42 -34.36
N PHE C 151 -25.17 15.21 -33.67
CA PHE C 151 -24.74 14.93 -32.29
C PHE C 151 -25.93 14.86 -31.34
N VAL C 152 -26.80 15.87 -31.38
CA VAL C 152 -27.95 15.90 -30.50
C VAL C 152 -28.85 14.72 -30.71
N GLU C 153 -29.11 14.37 -31.98
CA GLU C 153 -29.94 13.20 -32.26
C GLU C 153 -29.25 11.91 -31.82
N LYS C 154 -27.94 11.81 -32.10
CA LYS C 154 -27.14 10.65 -31.70
C LYS C 154 -27.20 10.42 -30.21
N TYR C 155 -27.09 11.49 -29.46
CA TYR C 155 -27.11 11.43 -28.02
C TYR C 155 -28.38 11.96 -27.41
N GLU C 156 -29.48 12.02 -28.19
CA GLU C 156 -30.72 12.61 -27.66
C GLU C 156 -31.16 11.92 -26.41
N LYS C 157 -31.18 10.60 -26.44
CA LYS C 157 -31.54 9.81 -25.27
C LYS C 157 -30.61 10.08 -24.10
N GLN C 158 -29.32 10.21 -24.38
CA GLN C 158 -28.32 10.45 -23.34
C GLN C 158 -28.45 11.87 -22.75
N ILE C 159 -28.81 12.83 -23.61
CA ILE C 159 -29.04 14.18 -23.15
C ILE C 159 -30.23 14.18 -22.22
N LYS C 160 -31.27 13.45 -22.63
CA LYS C 160 -32.47 13.31 -21.83
C LYS C 160 -32.16 12.62 -20.49
N HIS C 161 -31.27 11.63 -20.50
CA HIS C 161 -30.87 10.95 -19.26
C HIS C 161 -30.26 11.91 -18.29
N PHE C 162 -29.43 12.82 -18.80
CA PHE C 162 -28.86 13.84 -17.94
C PHE C 162 -29.97 14.71 -17.34
N GLY C 163 -30.94 15.11 -18.20
CA GLY C 163 -32.09 15.91 -17.76
C GLY C 163 -32.96 15.19 -16.70
N MET C 164 -32.91 13.85 -16.69
CA MET C 164 -33.67 13.05 -15.72
C MET C 164 -32.91 12.79 -14.40
N LEU C 165 -31.76 13.44 -14.21
CA LEU C 165 -31.00 13.24 -12.97
C LEU C 165 -31.36 14.30 -11.92
N ARG C 166 -30.96 14.06 -10.68
CA ARG C 166 -31.28 14.98 -9.59
C ARG C 166 -30.12 15.15 -8.60
N ARG C 167 -29.47 14.05 -8.24
CA ARG C 167 -28.35 14.14 -7.31
C ARG C 167 -27.10 14.63 -8.00
N TRP C 168 -26.29 15.38 -7.26
CA TRP C 168 -25.10 16.02 -7.80
C TRP C 168 -24.05 15.04 -8.26
N ASP C 169 -23.90 13.96 -7.51
CA ASP C 169 -22.93 12.93 -7.87
C ASP C 169 -23.42 12.09 -9.03
N ASP C 170 -24.73 11.90 -9.13
CA ASP C 170 -25.28 11.23 -10.30
C ASP C 170 -24.99 12.04 -11.54
N SER C 171 -25.15 13.37 -11.44
CA SER C 171 -24.88 14.26 -12.57
C SER C 171 -23.39 14.30 -12.90
N GLN C 172 -22.54 14.37 -11.86
CA GLN C 172 -21.10 14.41 -12.03
C GLN C 172 -20.59 13.17 -12.70
N LYS C 173 -20.96 12.01 -12.13
CA LYS C 173 -20.51 10.73 -12.62
C LYS C 173 -21.12 10.41 -13.97
N TYR C 174 -22.34 10.88 -14.22
CA TYR C 174 -22.97 10.71 -15.49
C TYR C 174 -22.13 11.36 -16.58
N LEU C 175 -21.76 12.62 -16.37
CA LEU C 175 -20.95 13.36 -17.31
C LEU C 175 -19.52 12.86 -17.33
N SER C 176 -19.06 12.27 -16.23
CA SER C 176 -17.76 11.62 -16.20
C SER C 176 -17.71 10.50 -17.22
N ASP C 177 -18.78 9.72 -17.29
CA ASP C 177 -18.91 8.68 -18.29
C ASP C 177 -19.24 9.25 -19.67
N ASN C 178 -20.06 10.29 -19.70
CA ASN C 178 -20.49 10.89 -20.94
C ASN C 178 -19.93 12.30 -21.10
N VAL C 179 -18.60 12.39 -21.05
CA VAL C 179 -17.88 13.65 -21.15
C VAL C 179 -18.13 14.43 -22.41
N HIS C 180 -18.51 13.76 -23.47
CA HIS C 180 -18.74 14.46 -24.71
C HIS C 180 -20.06 15.22 -24.72
N LEU C 181 -20.89 15.02 -23.69
CA LEU C 181 -22.14 15.74 -23.59
C LEU C 181 -21.98 17.09 -22.93
N VAL C 182 -20.80 17.38 -22.41
CA VAL C 182 -20.61 18.65 -21.75
C VAL C 182 -20.40 19.77 -22.76
N CYS C 183 -21.51 20.23 -23.35
CA CYS C 183 -21.45 21.26 -24.38
C CYS C 183 -22.77 22.01 -24.51
N GLU C 184 -22.75 23.05 -25.35
CA GLU C 184 -23.91 23.90 -25.58
C GLU C 184 -25.03 23.18 -26.27
N GLU C 185 -24.70 22.30 -27.21
CA GLU C 185 -25.71 21.54 -27.96
C GLU C 185 -26.59 20.73 -27.00
N THR C 186 -25.99 20.20 -25.94
CA THR C 186 -26.70 19.47 -24.91
C THR C 186 -27.62 20.38 -24.14
N ALA C 187 -27.08 21.51 -23.69
CA ALA C 187 -27.85 22.48 -22.93
C ALA C 187 -29.00 23.03 -23.75
N ASN C 188 -28.76 23.26 -25.04
CA ASN C 188 -29.77 23.80 -25.94
C ASN C 188 -30.91 22.83 -26.09
N TYR C 189 -30.59 21.53 -26.24
CA TYR C 189 -31.62 20.53 -26.31
C TYR C 189 -32.45 20.52 -25.07
N LEU C 190 -31.79 20.58 -23.91
CA LEU C 190 -32.48 20.54 -22.63
C LEU C 190 -33.49 21.69 -22.51
N VAL C 191 -33.11 22.89 -23.00
CA VAL C 191 -34.04 24.02 -23.06
C VAL C 191 -35.24 23.71 -23.94
N ILE C 192 -34.97 23.18 -25.12
CA ILE C 192 -36.00 22.80 -26.07
C ILE C 192 -36.90 21.74 -25.48
N TRP C 193 -36.30 20.78 -24.81
CA TRP C 193 -37.02 19.70 -24.19
C TRP C 193 -37.98 20.23 -23.14
N CYS C 194 -37.50 21.18 -22.32
CA CYS C 194 -38.36 21.81 -21.31
C CYS C 194 -39.58 22.44 -21.95
N ILE C 195 -39.38 23.09 -23.10
CA ILE C 195 -40.46 23.71 -23.85
C ILE C 195 -41.46 22.66 -24.31
N ASP C 196 -40.94 21.56 -24.87
CA ASP C 196 -41.79 20.47 -25.31
C ASP C 196 -42.55 19.84 -24.14
N LEU C 197 -41.89 19.73 -22.99
CA LEU C 197 -42.52 19.19 -21.79
C LEU C 197 -43.65 20.10 -21.34
N GLU C 198 -43.45 21.41 -21.45
CA GLU C 198 -44.52 22.36 -21.13
C GLU C 198 -45.74 22.10 -22.00
N VAL C 199 -45.50 21.97 -23.31
CA VAL C 199 -46.55 21.70 -24.29
C VAL C 199 -47.28 20.39 -23.99
N GLU C 200 -46.51 19.36 -23.60
CA GLU C 200 -47.06 18.05 -23.28
C GLU C 200 -47.67 17.97 -21.86
N GLU C 201 -47.68 19.10 -21.12
CA GLU C 201 -48.22 19.17 -19.77
C GLU C 201 -47.43 18.33 -18.78
N LYS C 202 -46.12 18.24 -19.01
CA LYS C 202 -45.20 17.53 -18.16
C LYS C 202 -44.34 18.53 -17.39
N CYS C 203 -44.99 19.40 -16.63
CA CYS C 203 -44.33 20.47 -15.91
C CYS C 203 -43.37 19.98 -14.82
N ALA C 204 -43.70 18.84 -14.21
CA ALA C 204 -42.83 18.26 -13.20
C ALA C 204 -41.49 17.90 -13.81
N LEU C 205 -41.54 17.29 -14.99
CA LEU C 205 -40.34 16.93 -15.70
C LEU C 205 -39.65 18.16 -16.21
N MET C 206 -40.43 19.13 -16.66
CA MET C 206 -39.90 20.38 -17.16
C MET C 206 -39.00 21.04 -16.14
N GLU C 207 -39.46 21.12 -14.90
CA GLU C 207 -38.69 21.72 -13.83
C GLU C 207 -37.42 20.92 -13.52
N GLN C 208 -37.52 19.58 -13.56
CA GLN C 208 -36.34 18.73 -13.32
C GLN C 208 -35.31 18.90 -14.43
N VAL C 209 -35.78 18.96 -15.65
CA VAL C 209 -34.92 19.16 -16.80
C VAL C 209 -34.34 20.55 -16.78
N ALA C 210 -35.14 21.55 -16.38
CA ALA C 210 -34.70 22.93 -16.26
C ALA C 210 -33.56 23.04 -15.25
N HIS C 211 -33.68 22.27 -14.17
CA HIS C 211 -32.61 22.20 -13.18
C HIS C 211 -31.34 21.66 -13.82
N GLN C 212 -31.46 20.57 -14.56
CA GLN C 212 -30.32 19.99 -15.21
C GLN C 212 -29.82 20.86 -16.36
N THR C 213 -30.72 21.64 -16.95
CA THR C 213 -30.37 22.59 -17.98
C THR C 213 -29.40 23.58 -17.44
N ILE C 214 -29.73 24.15 -16.29
CA ILE C 214 -28.86 25.14 -15.70
C ILE C 214 -27.59 24.49 -15.15
N VAL C 215 -27.62 23.19 -14.84
CA VAL C 215 -26.39 22.52 -14.43
C VAL C 215 -25.38 22.51 -15.57
N MET C 216 -25.85 22.15 -16.78
CA MET C 216 -24.98 22.15 -17.95
C MET C 216 -24.59 23.55 -18.33
N GLN C 217 -25.52 24.49 -18.19
CA GLN C 217 -25.24 25.89 -18.45
C GLN C 217 -24.24 26.44 -17.45
N PHE C 218 -24.26 25.91 -16.23
CA PHE C 218 -23.33 26.36 -15.19
C PHE C 218 -21.96 25.93 -15.55
N ILE C 219 -21.85 24.71 -16.05
CA ILE C 219 -20.58 24.19 -16.50
C ILE C 219 -20.03 25.05 -17.62
N LEU C 220 -20.89 25.37 -18.57
CA LEU C 220 -20.53 26.21 -19.67
C LEU C 220 -20.19 27.63 -19.22
N GLU C 221 -20.90 28.12 -18.19
CA GLU C 221 -20.72 29.47 -17.68
C GLU C 221 -19.32 29.76 -17.23
N LEU C 222 -18.79 28.95 -16.33
CA LEU C 222 -17.48 29.28 -15.83
C LEU C 222 -16.40 28.64 -16.67
N ALA C 223 -16.75 27.68 -17.53
CA ALA C 223 -15.76 27.17 -18.48
C ALA C 223 -15.35 28.30 -19.40
N LYS C 224 -16.33 29.10 -19.81
CA LYS C 224 -16.07 30.26 -20.62
C LYS C 224 -15.31 31.32 -19.82
N SER C 225 -15.71 31.52 -18.56
CA SER C 225 -15.01 32.47 -17.68
C SER C 225 -13.54 32.08 -17.46
N LEU C 226 -13.30 30.78 -17.35
CA LEU C 226 -11.96 30.23 -17.13
C LEU C 226 -11.18 30.05 -18.44
N LYS C 227 -11.84 30.29 -19.58
CA LYS C 227 -11.23 30.09 -20.89
C LYS C 227 -10.72 28.67 -21.09
N VAL C 228 -11.51 27.70 -20.65
CA VAL C 228 -11.15 26.29 -20.80
C VAL C 228 -12.28 25.50 -21.41
N ASP C 229 -11.96 24.35 -21.94
CA ASP C 229 -12.96 23.45 -22.48
C ASP C 229 -13.79 22.90 -21.32
N PRO C 230 -15.12 23.07 -21.35
CA PRO C 230 -16.12 22.63 -20.38
C PRO C 230 -15.90 21.18 -19.95
N ARG C 231 -15.47 20.34 -20.86
CA ARG C 231 -15.26 18.93 -20.58
C ARG C 231 -14.03 18.69 -19.70
N ALA C 232 -13.14 19.67 -19.62
CA ALA C 232 -11.93 19.56 -18.81
C ALA C 232 -12.15 20.11 -17.41
N CYS C 233 -13.31 20.69 -17.15
CA CYS C 233 -13.51 21.31 -15.86
C CYS C 233 -14.91 21.13 -15.30
N PHE C 234 -15.78 20.36 -15.98
CA PHE C 234 -17.16 20.17 -15.50
C PHE C 234 -17.25 19.57 -14.08
N ARG C 235 -16.25 18.80 -13.69
CA ARG C 235 -16.24 18.19 -12.37
C ARG C 235 -16.03 19.22 -11.27
N GLN C 236 -15.46 20.37 -11.64
CA GLN C 236 -15.19 21.42 -10.69
C GLN C 236 -16.45 22.17 -10.38
N PHE C 237 -17.46 22.02 -11.21
CA PHE C 237 -18.72 22.66 -10.98
C PHE C 237 -19.45 21.92 -9.97
N PHE C 238 -19.33 20.61 -10.01
CA PHE C 238 -19.94 19.78 -9.02
C PHE C 238 -19.19 19.91 -7.72
N THR C 239 -17.88 20.10 -7.80
CA THR C 239 -17.07 20.35 -6.63
C THR C 239 -17.49 21.66 -5.96
N LYS C 240 -17.72 22.69 -6.78
CA LYS C 240 -18.19 23.97 -6.27
C LYS C 240 -19.58 23.89 -5.68
N ILE C 241 -20.50 23.26 -6.39
CA ILE C 241 -21.89 23.15 -5.95
C ILE C 241 -22.03 22.43 -4.63
N LYS C 242 -21.31 21.34 -4.47
CA LYS C 242 -21.38 20.53 -3.27
C LYS C 242 -20.69 21.15 -2.05
N THR C 243 -19.91 22.21 -2.27
CA THR C 243 -19.12 22.79 -1.19
C THR C 243 -19.48 24.24 -0.90
N ALA C 244 -20.11 24.91 -1.85
CA ALA C 244 -20.48 26.31 -1.71
C ALA C 244 -21.40 26.56 -0.54
N ASP C 245 -21.12 27.61 0.21
CA ASP C 245 -22.01 28.05 1.27
C ASP C 245 -23.33 28.40 0.66
N ARG C 246 -24.41 27.91 1.26
CA ARG C 246 -25.77 28.09 0.74
C ARG C 246 -26.06 29.50 0.21
N GLN C 247 -25.57 30.54 0.91
CA GLN C 247 -25.84 31.91 0.49
C GLN C 247 -25.19 32.22 -0.85
N TYR C 248 -24.01 31.69 -1.07
CA TYR C 248 -23.27 31.92 -2.29
C TYR C 248 -23.75 31.01 -3.35
N MET C 249 -24.18 29.81 -2.96
CA MET C 249 -24.73 28.84 -3.87
C MET C 249 -25.96 29.41 -4.55
N GLU C 250 -26.82 30.04 -3.76
CA GLU C 250 -28.01 30.70 -4.29
C GLU C 250 -27.63 31.82 -5.24
N GLY C 251 -26.60 32.58 -4.87
CA GLY C 251 -26.10 33.65 -5.73
C GLY C 251 -25.60 33.09 -7.06
N PHE C 252 -24.89 31.96 -7.00
CA PHE C 252 -24.37 31.32 -8.20
C PHE C 252 -25.50 30.82 -9.06
N ASN C 253 -26.56 30.31 -8.42
CA ASN C 253 -27.73 29.82 -9.12
C ASN C 253 -28.48 30.95 -9.83
N ASP C 254 -28.48 32.14 -9.24
CA ASP C 254 -29.10 33.29 -9.87
C ASP C 254 -28.29 33.76 -11.08
N GLU C 255 -26.96 33.78 -10.93
CA GLU C 255 -26.06 34.14 -12.02
C GLU C 255 -26.19 33.13 -13.14
N LEU C 256 -26.31 31.89 -12.73
CA LEU C 256 -26.54 30.77 -13.60
C LEU C 256 -27.82 30.87 -14.40
N GLU C 257 -28.92 31.14 -13.72
CA GLU C 257 -30.20 31.31 -14.39
C GLU C 257 -30.10 32.38 -15.45
N ALA C 258 -29.40 33.47 -15.13
CA ALA C 258 -29.16 34.52 -16.09
C ALA C 258 -28.29 34.04 -17.28
N PHE C 259 -27.27 33.21 -16.98
CA PHE C 259 -26.39 32.68 -18.03
C PHE C 259 -27.15 31.79 -19.02
N LYS C 260 -27.95 30.84 -18.49
CA LYS C 260 -28.75 29.95 -19.34
C LYS C 260 -29.28 30.66 -20.57
N ARG D 12 -27.80 6.16 -9.18
CA ARG D 12 -28.87 6.07 -10.16
C ARG D 12 -30.24 5.99 -9.50
N TYR D 13 -30.26 5.82 -8.18
CA TYR D 13 -31.51 5.72 -7.45
C TYR D 13 -31.95 7.07 -6.94
N GLU D 14 -33.26 7.25 -6.78
CA GLU D 14 -33.82 8.55 -6.41
C GLU D 14 -34.47 8.57 -5.03
N PRO D 15 -33.82 9.13 -4.02
CA PRO D 15 -34.31 9.34 -2.68
C PRO D 15 -35.55 10.22 -2.71
N VAL D 16 -36.65 9.73 -2.16
CA VAL D 16 -37.89 10.49 -2.08
C VAL D 16 -38.24 10.79 -0.65
N ALA D 17 -37.65 10.01 0.24
CA ALA D 17 -37.87 10.17 1.67
C ALA D 17 -36.69 9.57 2.38
N GLU D 18 -36.63 9.76 3.68
CA GLU D 18 -35.54 9.18 4.44
C GLU D 18 -36.04 8.21 5.46
N ILE D 19 -35.22 7.22 5.73
CA ILE D 19 -35.49 6.20 6.72
C ILE D 19 -34.76 6.57 8.00
N GLY D 20 -35.44 6.40 9.14
CA GLY D 20 -34.92 6.85 10.42
C GLY D 20 -33.48 6.41 10.68
N VAL D 21 -32.77 7.21 11.47
CA VAL D 21 -31.36 6.97 11.77
C VAL D 21 -31.18 5.89 12.81
N GLY D 22 -30.37 4.90 12.48
CA GLY D 22 -30.12 3.79 13.38
C GLY D 22 -28.68 3.36 13.30
N ALA D 23 -28.45 2.06 13.40
CA ALA D 23 -27.10 1.53 13.31
C ALA D 23 -26.50 1.90 11.97
N TYR D 24 -27.37 1.91 10.94
CA TYR D 24 -26.96 2.22 9.58
C TYR D 24 -26.88 3.72 9.26
N GLY D 25 -26.91 4.58 10.31
CA GLY D 25 -26.75 6.02 10.11
C GLY D 25 -27.90 6.55 9.28
N THR D 26 -27.57 7.37 8.29
CA THR D 26 -28.58 7.94 7.43
C THR D 26 -28.92 6.98 6.33
N VAL D 27 -30.19 6.61 6.27
CA VAL D 27 -30.68 5.68 5.28
C VAL D 27 -31.77 6.38 4.48
N TYR D 28 -31.76 6.20 3.17
CA TYR D 28 -32.72 6.91 2.37
C TYR D 28 -33.73 5.96 1.76
N LYS D 29 -34.95 6.43 1.62
CA LYS D 29 -35.95 5.67 0.92
C LYS D 29 -35.86 6.06 -0.52
N ALA D 30 -35.14 5.25 -1.30
CA ALA D 30 -34.88 5.61 -2.68
C ALA D 30 -35.65 4.76 -3.64
N ARG D 31 -36.14 5.40 -4.69
CA ARG D 31 -36.95 4.79 -5.71
C ARG D 31 -36.14 4.18 -6.81
N ASP D 32 -36.53 3.00 -7.23
CA ASP D 32 -35.97 2.37 -8.40
C ASP D 32 -36.62 2.95 -9.64
N PRO D 33 -35.94 3.81 -10.39
CA PRO D 33 -36.40 4.49 -11.60
C PRO D 33 -37.00 3.51 -12.65
N HIS D 34 -36.68 2.21 -12.54
CA HIS D 34 -37.20 1.22 -13.45
C HIS D 34 -38.47 0.52 -12.92
N SER D 35 -38.41 -0.02 -11.69
CA SER D 35 -39.56 -0.75 -11.12
C SER D 35 -40.43 0.09 -10.19
N GLY D 36 -39.85 1.10 -9.57
CA GLY D 36 -40.55 1.97 -8.63
C GLY D 36 -40.43 1.47 -7.19
N HIS D 37 -39.73 0.36 -6.99
CA HIS D 37 -39.55 -0.23 -5.67
C HIS D 37 -38.68 0.65 -4.80
N PHE D 38 -39.03 0.73 -3.53
CA PHE D 38 -38.27 1.54 -2.62
C PHE D 38 -37.41 0.67 -1.73
N VAL D 39 -36.11 0.96 -1.70
CA VAL D 39 -35.17 0.15 -0.94
C VAL D 39 -34.33 1.01 -0.02
N ALA D 40 -33.99 0.47 1.13
CA ALA D 40 -33.24 1.18 2.13
C ALA D 40 -31.86 1.51 1.61
N LEU D 41 -31.74 2.68 1.01
CA LEU D 41 -30.52 3.15 0.44
C LEU D 41 -29.55 3.48 1.56
N LYS D 42 -28.52 2.67 1.69
CA LYS D 42 -27.54 2.78 2.75
C LYS D 42 -26.17 2.94 2.14
N SER D 43 -25.20 3.40 2.91
CA SER D 43 -23.82 3.43 2.40
C SER D 43 -22.80 3.63 3.43
N VAL D 44 -21.66 3.01 3.18
CA VAL D 44 -20.50 3.07 4.00
C VAL D 44 -19.38 3.70 3.19
N ARG D 45 -18.60 4.60 3.80
CA ARG D 45 -17.53 5.22 3.04
C ARG D 45 -16.42 4.22 2.82
N VAL D 46 -15.77 4.31 1.68
CA VAL D 46 -14.80 3.31 1.32
C VAL D 46 -13.40 3.87 1.02
N PRO D 47 -12.38 3.06 1.38
CA PRO D 47 -11.00 3.13 0.89
C PRO D 47 -10.81 2.17 -0.29
N ASN D 48 -9.60 1.57 -0.39
CA ASN D 48 -9.24 0.60 -1.47
C ASN D 48 -7.76 0.21 -1.39
N GLY D 49 -7.20 0.32 -0.18
CA GLY D 49 -5.78 0.03 0.03
C GLY D 49 -5.03 1.33 0.39
N GLY D 50 -3.89 1.12 1.05
CA GLY D 50 -3.07 -0.06 0.77
C GLY D 50 -1.75 0.32 0.09
N GLY D 51 -0.65 0.24 0.83
CA GLY D 51 0.68 0.60 0.29
C GLY D 51 1.27 -0.49 -0.57
N GLY D 52 0.57 -1.63 -0.64
CA GLY D 52 0.97 -2.69 -1.53
C GLY D 52 0.42 -2.42 -2.94
N GLY D 53 -0.29 -1.29 -3.11
CA GLY D 53 -0.86 -0.90 -4.38
C GLY D 53 -2.38 -0.93 -4.31
N GLY D 54 -3.03 -0.06 -5.08
CA GLY D 54 -4.48 0.01 -5.06
C GLY D 54 -5.09 -1.30 -5.50
N GLY D 55 -6.12 -1.70 -4.80
CA GLY D 55 -6.78 -2.96 -5.03
C GLY D 55 -7.47 -3.36 -3.75
N LEU D 56 -8.80 -3.28 -3.76
CA LEU D 56 -9.63 -3.52 -2.59
C LEU D 56 -9.03 -4.56 -1.66
N PRO D 57 -12.18 -0.52 0.42
CA PRO D 57 -11.75 -1.67 1.12
C PRO D 57 -12.61 -2.77 0.68
N ILE D 58 -12.04 -3.91 0.43
CA ILE D 58 -12.85 -5.01 -0.01
C ILE D 58 -13.90 -5.35 1.05
N SER D 59 -13.64 -5.09 2.34
CA SER D 59 -14.63 -5.35 3.40
C SER D 59 -15.97 -4.58 3.20
N THR D 60 -15.92 -3.42 2.51
CA THR D 60 -17.12 -2.63 2.33
C THR D 60 -17.72 -2.78 0.96
N VAL D 61 -16.88 -2.86 -0.06
CA VAL D 61 -17.37 -3.11 -1.40
C VAL D 61 -18.02 -4.46 -1.42
N ARG D 62 -17.45 -5.40 -0.68
CA ARG D 62 -18.06 -6.68 -0.49
C ARG D 62 -19.39 -6.56 0.29
N GLU D 63 -19.43 -5.65 1.26
CA GLU D 63 -20.64 -5.47 2.09
C GLU D 63 -21.82 -5.03 1.26
N VAL D 64 -21.61 -4.05 0.40
CA VAL D 64 -22.67 -3.57 -0.43
C VAL D 64 -23.04 -4.61 -1.49
N ALA D 65 -22.08 -5.47 -1.83
CA ALA D 65 -22.29 -6.54 -2.77
C ALA D 65 -23.07 -7.72 -2.16
N LEU D 66 -22.83 -8.05 -0.88
CA LEU D 66 -23.63 -9.09 -0.19
C LEU D 66 -25.02 -8.66 -0.15
N LEU D 67 -25.20 -7.43 0.28
CA LEU D 67 -26.49 -6.88 0.45
C LEU D 67 -27.18 -6.78 -0.90
N ARG D 68 -26.41 -6.49 -1.96
CA ARG D 68 -26.98 -6.51 -3.30
C ARG D 68 -27.44 -7.92 -3.67
N ARG D 69 -26.62 -8.94 -3.32
CA ARG D 69 -26.95 -10.34 -3.60
C ARG D 69 -28.26 -10.77 -2.96
N LEU D 70 -28.57 -10.20 -1.79
CA LEU D 70 -29.81 -10.50 -1.09
C LEU D 70 -31.06 -10.19 -1.94
N GLU D 71 -30.93 -9.22 -2.86
CA GLU D 71 -32.02 -8.85 -3.74
C GLU D 71 -32.46 -10.01 -4.62
N ALA D 72 -31.50 -10.86 -5.00
CA ALA D 72 -31.75 -12.00 -5.84
C ALA D 72 -32.65 -13.03 -5.16
N PHE D 73 -32.66 -13.03 -3.82
CA PHE D 73 -33.49 -13.96 -3.09
C PHE D 73 -34.90 -13.44 -2.97
N GLU D 74 -35.05 -12.11 -3.00
CA GLU D 74 -36.35 -11.44 -2.98
C GLU D 74 -37.06 -11.57 -1.65
N HIS D 75 -35.93 -14.77 0.13
CA HIS D 75 -35.64 -14.13 1.41
C HIS D 75 -36.32 -12.78 1.48
N PRO D 76 -37.54 -12.74 2.05
CA PRO D 76 -38.42 -11.59 2.20
C PRO D 76 -38.22 -10.87 3.53
N ASN D 77 -37.02 -11.00 4.10
CA ASN D 77 -36.70 -10.37 5.36
C ASN D 77 -35.23 -10.04 5.42
N VAL D 78 -34.77 -9.35 4.40
CA VAL D 78 -33.37 -9.01 4.29
C VAL D 78 -33.25 -7.60 3.72
N VAL D 79 -33.77 -6.61 4.46
CA VAL D 79 -33.72 -5.22 4.01
C VAL D 79 -32.28 -4.78 3.81
N ARG D 80 -31.82 -4.94 2.60
CA ARG D 80 -30.48 -4.68 2.18
C ARG D 80 -30.17 -3.23 1.95
N LEU D 81 -28.89 -2.96 1.82
CA LEU D 81 -28.39 -1.71 1.32
C LEU D 81 -28.73 -1.64 -0.15
N MET D 82 -29.26 -0.50 -0.56
CA MET D 82 -29.71 -0.41 -1.93
C MET D 82 -28.59 -0.23 -2.93
N ASP D 83 -28.10 -1.38 -3.42
CA ASP D 83 -27.17 -1.49 -4.55
C ASP D 83 -25.74 -1.82 -4.18
N VAL D 84 -25.08 -2.59 -5.06
CA VAL D 84 -23.66 -2.95 -4.95
C VAL D 84 -22.75 -1.75 -4.99
N CYS D 85 -23.25 -0.64 -5.49
CA CYS D 85 -22.48 0.55 -5.62
C CYS D 85 -22.02 1.08 -4.27
N ALA D 86 -20.86 1.72 -4.29
CA ALA D 86 -20.31 2.38 -3.13
C ALA D 86 -20.20 3.86 -3.42
N THR D 87 -21.37 4.48 -3.65
CA THR D 87 -21.49 5.89 -3.98
C THR D 87 -22.31 6.62 -2.93
N SER D 88 -22.68 7.87 -3.24
CA SER D 88 -23.44 8.72 -2.32
C SER D 88 -24.97 8.66 -2.58
N ARG D 89 -25.76 9.11 -1.55
CA ARG D 89 -25.52 8.85 -0.08
C ARG D 89 -24.52 9.91 0.47
N THR D 90 -24.96 11.17 0.48
CA THR D 90 -24.11 12.35 0.76
C THR D 90 -23.19 12.22 1.96
N ASP D 91 -21.91 11.96 1.70
CA ASP D 91 -20.90 11.85 2.72
C ASP D 91 -19.48 12.00 2.10
N ARG D 92 -18.77 13.10 2.44
CA ARG D 92 -17.44 13.46 1.85
C ARG D 92 -17.70 14.06 0.39
N GLU D 93 -16.64 14.58 -0.30
CA GLU D 93 -15.29 14.01 -0.34
C GLU D 93 -14.44 15.03 -1.10
N ILE D 94 -13.60 15.82 -0.39
CA ILE D 94 -12.73 15.40 0.72
C ILE D 94 -12.17 13.98 0.56
N LYS D 95 -11.23 13.80 -0.37
CA LYS D 95 -10.65 12.47 -0.54
C LYS D 95 -9.57 12.16 0.46
N VAL D 96 -9.48 10.88 0.82
CA VAL D 96 -8.54 10.44 1.84
C VAL D 96 -7.26 9.90 1.29
N THR D 97 -6.15 10.36 1.85
CA THR D 97 -4.83 9.84 1.50
C THR D 97 -3.85 10.07 2.65
N LEU D 98 -2.91 9.14 2.81
CA LEU D 98 -1.95 9.21 3.90
C LEU D 98 -0.52 9.39 3.43
N VAL D 99 0.27 10.03 4.26
CA VAL D 99 1.69 10.24 4.03
C VAL D 99 2.41 10.04 5.34
N PHE D 100 3.56 9.40 5.31
CA PHE D 100 4.23 9.08 6.55
C PHE D 100 5.64 9.65 6.63
N GLU D 101 6.03 10.05 7.83
CA GLU D 101 7.33 10.64 8.09
C GLU D 101 8.42 9.61 8.32
N HIS D 102 9.59 9.85 7.74
CA HIS D 102 10.72 8.97 7.95
C HIS D 102 11.39 9.32 9.27
N VAL D 103 11.92 8.30 9.94
CA VAL D 103 12.56 8.49 11.23
C VAL D 103 14.06 8.73 11.09
N ASP D 104 14.52 9.86 11.60
CA ASP D 104 15.91 10.26 11.52
C ASP D 104 16.64 10.11 12.86
N GLN D 105 16.02 9.42 13.81
CA GLN D 105 16.58 9.25 15.15
C GLN D 105 17.78 8.32 15.17
N ASP D 106 18.91 8.84 14.75
CA ASP D 106 20.15 8.11 14.69
C ASP D 106 20.55 7.58 16.06
N LEU D 107 21.02 6.33 16.13
CA LEU D 107 21.56 5.77 17.38
C LEU D 107 22.43 6.75 18.13
N ARG D 108 23.28 7.49 17.41
CA ARG D 108 24.12 8.47 18.04
C ARG D 108 23.29 9.53 18.75
N THR D 109 22.20 9.96 18.09
CA THR D 109 21.27 10.90 18.68
C THR D 109 20.62 10.29 19.90
N TYR D 110 20.23 9.02 19.78
CA TYR D 110 19.68 8.28 20.89
C TYR D 110 20.59 8.33 22.08
N LEU D 111 21.87 8.04 21.84
CA LEU D 111 22.87 8.05 22.87
C LEU D 111 23.08 9.44 23.45
N ASP D 112 22.97 10.47 22.61
CA ASP D 112 23.06 11.84 23.07
C ASP D 112 21.85 12.19 23.95
N LYS D 113 20.70 11.61 23.64
CA LYS D 113 19.48 11.81 24.41
C LYS D 113 19.44 10.89 25.64
N ALA D 114 20.21 9.80 25.58
CA ALA D 114 20.27 8.80 26.64
C ALA D 114 20.92 9.34 27.92
N PRO D 115 20.56 8.76 29.08
CA PRO D 115 21.04 9.03 30.42
C PRO D 115 22.45 8.46 30.66
N PRO D 116 23.12 8.93 31.75
CA PRO D 116 24.44 8.61 32.24
C PRO D 116 24.64 7.09 32.38
N PRO D 117 25.90 6.66 32.45
CA PRO D 117 26.37 5.29 32.54
C PRO D 117 25.48 4.48 33.45
N GLY D 118 24.92 3.43 32.90
CA GLY D 118 23.96 2.59 33.58
C GLY D 118 22.65 2.60 32.83
N LEU D 119 22.74 2.69 31.49
CA LEU D 119 21.56 2.76 30.65
C LEU D 119 20.77 1.45 30.82
N PRO D 120 19.49 1.54 31.28
CA PRO D 120 18.60 0.40 31.54
C PRO D 120 18.94 -0.80 30.68
N ALA D 121 19.47 -1.83 31.34
CA ALA D 121 19.88 -3.04 30.67
C ALA D 121 18.74 -3.65 29.89
N GLU D 122 17.51 -3.56 30.42
CA GLU D 122 16.37 -4.17 29.77
C GLU D 122 16.06 -3.50 28.45
N THR D 123 16.25 -2.18 28.39
CA THR D 123 16.06 -1.44 27.16
C THR D 123 17.09 -1.87 26.16
N ILE D 124 18.33 -1.99 26.63
CA ILE D 124 19.42 -2.41 25.79
C ILE D 124 19.22 -3.83 25.32
N LYS D 125 18.73 -4.71 26.20
CA LYS D 125 18.43 -6.09 25.83
C LYS D 125 17.47 -6.14 24.67
N ASP D 126 16.43 -5.32 24.73
CA ASP D 126 15.48 -5.29 23.65
C ASP D 126 16.11 -4.78 22.38
N LEU D 127 16.88 -3.71 22.48
CA LEU D 127 17.55 -3.15 21.32
C LEU D 127 18.60 -4.12 20.79
N MET D 128 19.23 -4.86 21.70
CA MET D 128 20.22 -5.85 21.34
C MET D 128 19.64 -6.97 20.55
N ARG D 129 18.53 -7.52 21.02
CA ARG D 129 17.89 -8.61 20.32
C ARG D 129 17.24 -8.14 19.04
N GLN D 130 16.87 -6.87 18.97
CA GLN D 130 16.40 -6.33 17.71
C GLN D 130 17.52 -6.26 16.72
N PHE D 131 18.68 -5.80 17.18
CA PHE D 131 19.84 -5.67 16.34
C PHE D 131 20.26 -7.02 15.81
N LEU D 132 20.34 -8.00 16.72
CA LEU D 132 20.79 -9.34 16.39
C LEU D 132 19.79 -10.04 15.49
N ARG D 133 18.49 -9.77 15.71
CA ARG D 133 17.47 -10.30 14.83
C ARG D 133 17.67 -9.78 13.44
N GLY D 134 17.94 -8.47 13.34
CA GLY D 134 18.24 -7.85 12.08
C GLY D 134 19.45 -8.49 11.46
N LEU D 135 20.46 -8.81 12.28
CA LEU D 135 21.66 -9.44 11.76
C LEU D 135 21.37 -10.79 11.18
N ASP D 136 20.51 -11.57 11.84
CA ASP D 136 20.19 -12.88 11.33
C ASP D 136 19.62 -12.79 9.94
N PHE D 137 18.76 -11.81 9.72
CA PHE D 137 18.23 -11.56 8.40
C PHE D 137 19.35 -11.20 7.45
N LEU D 138 20.21 -10.29 7.87
CA LEU D 138 21.30 -9.83 7.05
C LEU D 138 22.28 -10.96 6.76
N HIS D 139 22.46 -11.87 7.70
CA HIS D 139 23.36 -12.98 7.49
C HIS D 139 22.71 -13.98 6.57
N ALA D 140 21.39 -14.12 6.70
CA ALA D 140 20.62 -14.98 5.82
C ALA D 140 20.71 -14.47 4.38
N ASN D 141 20.77 -13.16 4.22
CA ASN D 141 20.88 -12.55 2.92
C ASN D 141 22.32 -12.24 2.55
N CYS D 142 23.27 -12.74 3.35
CA CYS D 142 24.70 -12.54 3.11
C CYS D 142 25.03 -11.09 2.87
N ILE D 143 24.57 -10.22 3.75
CA ILE D 143 24.80 -8.82 3.60
C ILE D 143 26.14 -8.47 4.21
N VAL D 144 27.01 -7.91 3.41
CA VAL D 144 28.35 -7.57 3.82
C VAL D 144 28.45 -6.11 4.18
N HIS D 145 28.88 -5.84 5.40
CA HIS D 145 28.95 -4.49 5.90
C HIS D 145 29.82 -4.33 7.12
N ARG D 146 31.11 -4.68 7.00
CA ARG D 146 32.05 -4.51 8.11
C ARG D 146 32.24 -3.04 8.48
N ASP D 147 31.78 -2.14 7.61
CA ASP D 147 31.91 -0.71 7.79
C ASP D 147 30.73 -0.15 8.60
N LEU D 148 29.80 -1.02 9.02
CA LEU D 148 28.65 -0.61 9.83
C LEU D 148 29.14 0.00 11.15
N LYS D 149 28.73 1.23 11.43
CA LYS D 149 29.16 1.90 12.65
C LYS D 149 27.89 2.45 13.37
N PRO D 150 27.99 2.81 14.67
CA PRO D 150 26.90 3.35 15.51
C PRO D 150 25.92 4.22 14.73
N GLU D 151 26.46 5.14 13.93
CA GLU D 151 25.66 6.10 13.16
C GLU D 151 24.89 5.49 11.99
N ASN D 152 25.13 4.21 11.71
CA ASN D 152 24.42 3.52 10.66
C ASN D 152 23.26 2.72 11.28
N ILE D 153 23.07 2.89 12.59
CA ILE D 153 22.02 2.23 13.31
C ILE D 153 20.95 3.25 13.68
N LEU D 154 19.71 2.95 13.30
CA LEU D 154 18.59 3.85 13.60
C LEU D 154 17.82 3.35 14.81
N VAL D 155 17.56 4.24 15.76
CA VAL D 155 16.72 3.88 16.91
C VAL D 155 15.49 4.77 16.89
N THR D 156 14.36 4.21 16.47
CA THR D 156 13.17 5.02 16.26
C THR D 156 12.55 5.50 17.54
N SER D 157 11.51 6.31 17.38
CA SER D 157 10.74 6.84 18.50
C SER D 157 10.02 5.73 19.27
N GLY D 158 9.87 4.55 18.65
CA GLY D 158 9.23 3.43 19.29
C GLY D 158 10.28 2.46 19.83
N GLY D 159 11.56 2.85 19.73
CA GLY D 159 12.64 2.00 20.20
C GLY D 159 12.95 0.90 19.20
N THR D 160 12.70 1.15 17.92
CA THR D 160 12.95 0.15 16.90
C THR D 160 14.31 0.30 16.27
N VAL D 161 15.08 -0.77 16.29
CA VAL D 161 16.39 -0.78 15.66
C VAL D 161 16.25 -1.05 14.19
N LYS D 162 16.74 -0.14 13.37
CA LYS D 162 16.77 -0.38 11.95
C LYS D 162 18.16 -0.19 11.40
N LEU D 163 18.61 -1.17 10.62
CA LEU D 163 19.96 -1.12 10.12
C LEU D 163 20.02 -0.63 8.70
N ALA D 164 21.03 0.18 8.43
CA ALA D 164 21.18 0.74 7.11
C ALA D 164 22.62 0.97 6.80
N ASP D 165 22.91 1.22 5.54
CA ASP D 165 24.26 1.56 5.11
C ASP D 165 25.17 0.35 5.18
N PHE D 166 25.02 -0.53 4.22
CA PHE D 166 25.70 -1.79 4.28
C PHE D 166 27.02 -1.81 3.55
N GLY D 167 28.04 -1.19 4.16
CA GLY D 167 29.38 -1.21 3.58
C GLY D 167 29.63 -0.02 2.66
N LEU D 168 30.90 0.39 2.56
CA LEU D 168 31.31 1.57 1.75
C LEU D 168 30.87 1.51 0.29
N ALA D 169 30.73 0.30 -0.25
CA ALA D 169 30.35 0.11 -1.65
C ALA D 169 29.06 0.83 -2.05
N ARG D 170 28.12 1.00 -1.11
CA ARG D 170 26.85 1.66 -1.44
C ARG D 170 26.46 2.74 -0.47
N ILE D 171 27.44 3.35 0.19
CA ILE D 171 27.13 4.41 1.14
C ILE D 171 28.03 5.60 0.92
N TYR D 172 27.67 6.71 1.54
CA TYR D 172 28.42 7.95 1.39
C TYR D 172 28.54 8.39 -0.05
N SER D 173 27.43 8.32 -0.80
CA SER D 173 27.40 8.79 -2.18
C SER D 173 27.42 10.32 -2.25
N TYR D 174 27.22 10.96 -1.10
CA TYR D 174 27.28 12.41 -0.97
C TYR D 174 28.33 12.78 0.07
N GLN D 175 28.48 14.08 0.36
CA GLN D 175 29.50 14.56 1.32
C GLN D 175 29.64 13.63 2.53
N MET D 176 30.88 13.25 2.84
CA MET D 176 31.16 12.32 3.92
C MET D 176 32.38 12.71 4.73
N ALA D 177 32.80 11.81 5.64
CA ALA D 177 33.95 12.02 6.49
C ALA D 177 35.24 11.86 5.71
N LEU D 178 36.25 12.64 6.10
CA LEU D 178 37.57 12.54 5.49
C LEU D 178 38.43 11.54 6.24
N THR D 179 37.98 11.15 7.44
CA THR D 179 38.66 10.16 8.25
C THR D 179 37.74 9.05 8.75
N PRO D 180 36.90 8.46 7.87
CA PRO D 180 35.97 7.36 8.15
C PRO D 180 36.69 6.12 8.72
N VAL D 181 37.99 6.02 8.44
CA VAL D 181 38.81 4.93 8.89
C VAL D 181 39.83 5.41 9.91
N VAL D 182 40.50 6.52 9.60
CA VAL D 182 41.50 7.08 10.49
C VAL D 182 40.94 7.34 11.89
N VAL D 183 39.69 7.81 11.96
CA VAL D 183 39.00 8.02 13.23
C VAL D 183 39.12 6.80 14.11
N THR D 184 39.13 7.01 15.42
CA THR D 184 39.24 5.89 16.33
C THR D 184 38.24 4.82 16.02
N LEU D 185 38.73 3.64 15.64
CA LEU D 185 37.88 2.55 15.26
C LEU D 185 37.59 1.61 16.40
N TRP D 186 37.09 2.17 17.50
CA TRP D 186 36.73 1.40 18.67
C TRP D 186 35.50 0.54 18.44
N TYR D 187 34.81 0.80 17.33
CA TYR D 187 33.64 0.08 16.96
C TYR D 187 33.91 -0.83 15.78
N ARG D 188 35.17 -1.06 15.47
CA ARG D 188 35.48 -1.97 14.39
C ARG D 188 36.17 -3.18 14.91
N ALA D 189 35.81 -4.33 14.39
CA ALA D 189 36.36 -5.57 14.83
C ALA D 189 37.82 -5.62 14.58
N PRO D 190 38.54 -6.44 15.34
CA PRO D 190 39.92 -6.72 15.17
C PRO D 190 40.19 -7.13 13.77
N GLU D 191 39.28 -7.92 13.21
CA GLU D 191 39.37 -8.34 11.82
C GLU D 191 39.40 -7.18 10.83
N VAL D 192 38.83 -6.05 11.21
CA VAL D 192 38.93 -4.85 10.42
C VAL D 192 40.29 -4.26 10.64
N LEU D 193 40.71 -4.24 11.91
CA LEU D 193 41.97 -3.66 12.32
C LEU D 193 43.16 -4.50 11.81
N LEU D 194 42.89 -5.80 11.57
CA LEU D 194 43.86 -6.75 11.05
C LEU D 194 43.85 -6.73 9.51
N GLN D 195 42.95 -5.92 8.93
CA GLN D 195 42.74 -5.83 7.49
C GLN D 195 42.41 -7.18 6.86
N SER D 196 41.41 -7.87 7.41
CA SER D 196 40.95 -9.13 6.86
C SER D 196 39.66 -8.93 6.05
N THR D 197 38.50 -9.30 6.63
CA THR D 197 37.22 -9.19 5.94
C THR D 197 36.02 -9.08 6.87
N TYR D 198 34.83 -9.19 6.28
CA TYR D 198 33.57 -9.17 7.00
C TYR D 198 33.06 -10.57 7.33
N ALA D 199 32.51 -10.69 8.52
CA ALA D 199 31.93 -11.93 8.98
C ALA D 199 30.93 -11.66 10.09
N THR D 200 30.14 -12.66 10.44
CA THR D 200 29.20 -12.56 11.55
C THR D 200 29.87 -12.04 12.84
N PRO D 201 31.07 -12.55 13.21
CA PRO D 201 31.84 -12.15 14.37
C PRO D 201 32.37 -10.74 14.25
N VAL D 202 32.63 -10.30 13.03
CA VAL D 202 33.12 -8.96 12.78
C VAL D 202 32.05 -7.95 13.10
N ASP D 203 30.88 -8.23 12.59
CA ASP D 203 29.74 -7.41 12.75
C ASP D 203 29.36 -7.29 14.22
N MET D 204 29.31 -8.44 14.88
CA MET D 204 28.96 -8.47 16.26
C MET D 204 30.00 -7.85 17.16
N TRP D 205 31.28 -7.95 16.79
CA TRP D 205 32.29 -7.31 17.58
C TRP D 205 32.04 -5.82 17.60
N SER D 206 31.73 -5.27 16.41
CA SER D 206 31.44 -3.86 16.23
C SER D 206 30.34 -3.42 17.13
N VAL D 207 29.20 -4.07 17.05
CA VAL D 207 28.09 -3.68 17.85
C VAL D 207 28.25 -4.05 19.29
N GLY D 208 29.08 -5.07 19.59
CA GLY D 208 29.33 -5.44 20.96
C GLY D 208 29.86 -4.25 21.73
N CYS D 209 30.82 -3.55 21.13
CA CYS D 209 31.33 -2.36 21.75
C CYS D 209 30.30 -1.27 21.80
N ILE D 210 29.46 -1.21 20.77
CA ILE D 210 28.37 -0.26 20.75
C ILE D 210 27.40 -0.52 21.88
N PHE D 211 27.13 -1.79 22.17
CA PHE D 211 26.23 -2.12 23.25
C PHE D 211 26.82 -1.67 24.57
N ALA D 212 28.14 -1.83 24.73
CA ALA D 212 28.83 -1.34 25.90
C ALA D 212 28.78 0.19 25.94
N GLU D 213 28.95 0.82 24.77
CA GLU D 213 28.75 2.26 24.65
C GLU D 213 27.39 2.66 25.11
N MET D 214 26.38 1.89 24.73
CA MET D 214 25.02 2.18 25.16
C MET D 214 24.91 2.15 26.67
N PHE D 215 25.46 1.12 27.29
CA PHE D 215 25.46 1.03 28.74
C PHE D 215 26.19 2.19 29.40
N ARG D 216 27.31 2.58 28.82
CA ARG D 216 28.14 3.65 29.36
C ARG D 216 27.72 5.02 28.87
N ARG D 217 26.95 5.04 27.78
CA ARG D 217 26.72 6.26 27.02
C ARG D 217 28.09 6.84 26.62
N LYS D 218 29.02 5.95 26.29
CA LYS D 218 30.41 6.32 26.04
C LYS D 218 31.20 5.12 25.47
N PRO D 219 31.80 5.29 24.26
CA PRO D 219 32.63 4.29 23.56
C PRO D 219 33.37 3.38 24.50
N LEU D 220 33.31 2.09 24.19
CA LEU D 220 33.95 1.10 25.03
C LEU D 220 35.47 1.24 25.01
N PHE D 221 36.05 1.26 23.82
CA PHE D 221 37.48 1.39 23.68
C PHE D 221 37.83 2.71 23.00
N CYS D 222 39.13 3.03 22.96
CA CYS D 222 39.58 4.21 22.24
C CYS D 222 41.10 4.23 22.00
N GLY D 223 41.54 3.75 20.83
CA GLY D 223 42.96 3.75 20.51
C GLY D 223 43.29 4.72 19.36
N ASN D 224 44.54 4.69 18.90
CA ASN D 224 44.97 5.57 17.81
C ASN D 224 45.05 4.82 16.48
N SER D 225 46.10 4.00 16.33
CA SER D 225 46.24 3.16 15.15
C SER D 225 45.48 1.89 15.36
N GLU D 226 45.48 1.04 14.35
CA GLU D 226 44.79 -0.23 14.44
C GLU D 226 45.41 -1.11 15.53
N ALA D 227 46.74 -1.06 15.63
CA ALA D 227 47.47 -1.81 16.66
C ALA D 227 47.20 -1.21 18.04
N ASP D 228 47.05 0.12 18.10
CA ASP D 228 46.78 0.78 19.37
C ASP D 228 45.36 0.56 19.77
N GLN D 229 44.48 0.45 18.78
CA GLN D 229 43.10 0.17 19.05
C GLN D 229 42.98 -1.20 19.65
N LEU D 230 43.73 -2.16 19.10
CA LEU D 230 43.78 -3.47 19.72
C LEU D 230 44.39 -3.42 21.08
N GLY D 231 45.37 -2.54 21.27
CA GLY D 231 46.02 -2.37 22.57
C GLY D 231 45.03 -1.91 23.66
N LYS D 232 43.88 -1.35 23.26
CA LYS D 232 42.85 -0.93 24.19
C LYS D 232 41.83 -2.03 24.32
N ILE D 233 41.57 -2.71 23.22
CA ILE D 233 40.64 -3.82 23.17
C ILE D 233 41.10 -4.95 24.08
N PHE D 234 42.38 -5.24 23.98
CA PHE D 234 43.04 -6.30 24.72
C PHE D 234 42.97 -6.11 26.22
N ASP D 235 42.88 -4.88 26.66
CA ASP D 235 42.78 -4.61 28.09
C ASP D 235 41.51 -5.17 28.72
N LEU D 236 40.48 -5.38 27.92
CA LEU D 236 39.22 -5.90 28.44
C LEU D 236 39.05 -7.38 28.17
N ILE D 237 39.43 -7.80 26.97
CA ILE D 237 39.21 -9.18 26.56
C ILE D 237 40.39 -10.10 26.84
N GLY D 238 41.56 -9.53 27.11
CA GLY D 238 42.74 -10.33 27.37
C GLY D 238 43.58 -10.45 26.10
N LEU D 239 44.83 -10.81 26.26
CA LEU D 239 45.72 -10.89 25.14
C LEU D 239 46.71 -12.03 25.21
N PRO D 240 46.84 -12.75 24.11
CA PRO D 240 47.82 -13.81 23.94
C PRO D 240 48.81 -13.40 22.85
N PRO D 241 49.97 -14.08 22.77
CA PRO D 241 51.04 -13.94 21.81
C PRO D 241 50.62 -14.53 20.46
N GLU D 242 51.58 -14.71 19.57
CA GLU D 242 51.28 -15.21 18.23
C GLU D 242 50.98 -16.71 18.23
N ASP D 243 49.84 -17.06 18.81
CA ASP D 243 49.35 -18.42 18.83
C ASP D 243 47.81 -18.46 18.89
N ASP D 244 47.19 -17.29 18.94
CA ASP D 244 45.74 -17.19 18.90
C ASP D 244 45.32 -16.07 17.97
N TRP D 245 46.11 -15.87 16.94
CA TRP D 245 45.83 -14.88 15.93
C TRP D 245 45.50 -15.60 14.63
N PRO D 246 44.56 -15.06 13.86
CA PRO D 246 44.08 -15.56 12.60
C PRO D 246 45.14 -15.39 11.55
N ARG D 247 45.01 -16.12 10.47
CA ARG D 247 45.97 -16.02 9.38
C ARG D 247 46.00 -14.61 8.77
N ASP D 248 44.83 -14.03 8.54
CA ASP D 248 44.73 -12.72 7.87
C ASP D 248 45.02 -11.57 8.83
N VAL D 249 46.30 -11.39 9.12
CA VAL D 249 46.76 -10.33 10.00
C VAL D 249 47.81 -9.43 9.39
N SER D 250 47.47 -8.15 9.24
CA SER D 250 48.40 -7.15 8.73
C SER D 250 49.22 -6.51 9.87
N LEU D 251 48.70 -6.63 11.09
CA LEU D 251 49.35 -6.07 12.28
C LEU D 251 50.42 -7.06 12.82
N PRO D 252 51.54 -6.55 13.38
CA PRO D 252 52.69 -7.31 13.91
C PRO D 252 52.33 -8.29 15.05
N ARG D 253 51.46 -9.27 14.76
CA ARG D 253 51.05 -10.25 15.76
C ARG D 253 52.24 -10.87 16.44
N GLY D 254 52.16 -11.00 17.75
CA GLY D 254 53.29 -11.50 18.54
C GLY D 254 54.03 -10.34 19.22
N ALA D 255 53.85 -9.11 18.70
CA ALA D 255 54.43 -7.89 19.28
C ALA D 255 53.41 -7.18 20.15
N PHE D 256 52.44 -7.93 20.67
CA PHE D 256 51.39 -7.44 21.52
C PHE D 256 51.46 -8.14 22.88
N PRO D 257 52.35 -7.66 23.77
CA PRO D 257 52.58 -8.17 25.12
C PRO D 257 51.27 -8.57 25.80
N PRO D 258 51.11 -9.88 26.11
CA PRO D 258 49.98 -10.56 26.73
C PRO D 258 49.53 -9.93 28.05
N ARG D 259 48.24 -10.02 28.31
CA ARG D 259 47.64 -9.43 29.48
C ARG D 259 46.29 -10.07 29.78
N GLY D 260 45.77 -9.87 30.97
CA GLY D 260 44.50 -10.48 31.33
C GLY D 260 43.32 -9.61 30.91
N PRO D 261 42.12 -10.18 31.00
CA PRO D 261 40.81 -9.60 30.77
C PRO D 261 40.34 -8.84 32.00
N ARG D 262 39.34 -8.00 31.83
CA ARG D 262 38.80 -7.26 32.95
C ARG D 262 37.30 -7.42 33.05
N PRO D 263 36.84 -8.51 33.71
CA PRO D 263 35.38 -8.78 33.94
C PRO D 263 34.46 -7.71 33.36
N VAL D 264 33.98 -7.96 32.14
CA VAL D 264 33.08 -7.05 31.41
C VAL D 264 31.91 -6.61 32.28
N GLN D 265 31.42 -7.52 33.12
CA GLN D 265 30.33 -7.27 34.05
C GLN D 265 30.59 -6.03 34.91
N SER D 266 31.83 -5.86 35.37
CA SER D 266 32.18 -4.77 36.26
C SER D 266 32.63 -3.54 35.49
N VAL D 267 33.19 -3.75 34.31
CA VAL D 267 33.67 -2.65 33.48
C VAL D 267 32.54 -1.86 32.86
N VAL D 268 31.59 -2.57 32.28
CA VAL D 268 30.47 -1.93 31.64
C VAL D 268 29.26 -1.83 32.61
N PRO D 269 28.74 -0.61 32.86
CA PRO D 269 27.62 -0.24 33.72
C PRO D 269 26.41 -1.08 33.43
N GLU D 270 25.78 -1.56 34.49
CA GLU D 270 24.59 -2.42 34.40
C GLU D 270 24.73 -3.60 33.44
N MET D 271 25.96 -4.08 33.23
CA MET D 271 26.14 -5.23 32.38
C MET D 271 25.94 -6.51 33.15
N GLU D 272 24.72 -7.00 33.15
CA GLU D 272 24.40 -8.28 33.78
C GLU D 272 25.33 -9.37 33.26
N GLU D 273 25.88 -10.14 34.20
CA GLU D 273 26.85 -11.22 33.92
C GLU D 273 26.56 -12.02 32.64
N SER D 274 25.29 -12.38 32.40
CA SER D 274 24.93 -13.13 31.21
C SER D 274 25.29 -12.35 29.93
N GLY D 275 25.03 -11.05 29.97
CA GLY D 275 25.35 -10.17 28.85
C GLY D 275 26.82 -9.86 28.83
N ALA D 276 27.45 -9.90 29.99
CA ALA D 276 28.88 -9.70 30.09
C ALA D 276 29.58 -10.82 29.37
N GLN D 277 29.03 -12.03 29.52
CA GLN D 277 29.54 -13.19 28.84
C GLN D 277 29.31 -13.09 27.36
N LEU D 278 28.11 -12.68 26.96
CA LEU D 278 27.80 -12.51 25.55
C LEU D 278 28.67 -11.46 24.92
N LEU D 279 28.89 -10.36 25.64
CA LEU D 279 29.72 -9.31 25.13
C LEU D 279 31.14 -9.72 25.04
N LEU D 280 31.65 -10.32 26.10
CA LEU D 280 33.02 -10.80 26.10
C LEU D 280 33.25 -11.74 24.93
N GLU D 281 32.27 -12.61 24.65
CA GLU D 281 32.33 -13.49 23.51
C GLU D 281 32.37 -12.70 22.22
N MET D 282 31.55 -11.66 22.12
CA MET D 282 31.56 -10.79 20.94
C MET D 282 32.86 -10.03 20.82
N LEU D 283 33.43 -9.65 21.95
CA LEU D 283 34.64 -8.86 21.96
C LEU D 283 35.90 -9.69 21.79
N THR D 284 35.82 -10.98 22.12
CA THR D 284 36.97 -11.88 21.99
C THR D 284 37.71 -11.63 20.68
N PHE D 285 39.02 -11.55 20.78
CA PHE D 285 39.86 -11.24 19.63
C PHE D 285 39.69 -12.22 18.49
N ASN D 286 39.74 -13.50 18.81
CA ASN D 286 39.59 -14.53 17.82
C ASN D 286 38.12 -14.66 17.39
N PRO D 287 37.82 -14.34 16.10
CA PRO D 287 36.49 -14.34 15.46
C PRO D 287 35.78 -15.69 15.52
N HIS D 288 36.53 -16.75 15.80
CA HIS D 288 35.95 -18.08 15.84
C HIS D 288 35.62 -18.47 17.27
N LYS D 289 36.01 -17.62 18.22
CA LYS D 289 35.67 -17.80 19.61
C LYS D 289 34.52 -16.90 19.99
N ARG D 290 33.94 -16.24 18.99
CA ARG D 290 32.85 -15.35 19.24
C ARG D 290 31.54 -16.06 19.07
N ILE D 291 30.48 -15.41 19.46
CA ILE D 291 29.15 -15.98 19.39
C ILE D 291 28.41 -15.43 18.20
N SER D 292 27.62 -16.28 17.51
CA SER D 292 26.88 -15.83 16.34
C SER D 292 25.69 -15.01 16.75
N ALA D 293 25.14 -14.25 15.79
CA ALA D 293 24.02 -13.35 16.04
C ALA D 293 22.84 -14.14 16.52
N PHE D 294 22.62 -15.29 15.90
CA PHE D 294 21.56 -16.17 16.26
C PHE D 294 21.72 -16.69 17.67
N ARG D 295 22.90 -17.20 17.99
CA ARG D 295 23.14 -17.77 19.31
C ARG D 295 22.95 -16.73 20.41
N ALA D 296 23.47 -15.53 20.19
CA ALA D 296 23.33 -14.46 21.15
C ALA D 296 21.87 -14.03 21.24
N LEU D 297 21.21 -13.93 20.09
CA LEU D 297 19.79 -13.57 20.01
C LEU D 297 18.93 -14.50 20.83
N GLN D 298 19.22 -15.79 20.73
CA GLN D 298 18.44 -16.81 21.42
C GLN D 298 18.89 -17.04 22.86
N HIS D 299 19.93 -16.34 23.30
CA HIS D 299 20.41 -16.47 24.67
C HIS D 299 19.40 -15.87 25.64
N SER D 300 19.19 -16.55 26.78
CA SER D 300 18.19 -16.15 27.77
C SER D 300 18.38 -14.73 28.32
N TYR D 301 19.61 -14.20 28.20
CA TYR D 301 19.88 -12.81 28.53
C TYR D 301 18.90 -11.85 27.86
N LEU D 302 18.50 -12.17 26.62
CA LEU D 302 17.68 -11.29 25.83
C LEU D 302 16.21 -11.71 25.85
PG ATP E . -6.27 -33.16 -1.37
O1G ATP E . -6.24 -33.89 -2.70
O2G ATP E . -5.06 -33.29 -0.46
O3G ATP E . -6.84 -31.80 -1.45
PB ATP E . -6.99 -35.39 -0.24
O1B ATP E . -8.20 -36.23 0.00
O2B ATP E . -5.90 -35.24 0.76
O3B ATP E . -7.42 -33.94 -0.64
PA ATP E . -4.80 -36.18 -1.52
O1A ATP E . -4.21 -36.33 -2.90
O2A ATP E . -4.27 -35.12 -0.63
O3A ATP E . -6.36 -35.90 -1.60
O5' ATP E . -4.88 -37.59 -0.78
C5' ATP E . -6.04 -38.41 -0.84
C4' ATP E . -5.58 -39.86 -0.66
O4' ATP E . -4.18 -40.00 -0.86
C3' ATP E . -5.78 -40.40 0.73
O3' ATP E . -7.11 -40.85 0.89
C2' ATP E . -4.81 -41.57 0.73
O2' ATP E . -5.38 -42.69 0.06
C1' ATP E . -3.67 -41.11 -0.13
N9 ATP E . -2.53 -40.68 0.70
C8 ATP E . -1.67 -39.71 0.37
N7 ATP E . -0.71 -39.52 1.31
C5 ATP E . -0.96 -40.43 2.28
C6 ATP E . -0.34 -40.80 3.57
N6 ATP E . 0.73 -40.13 4.03
N1 ATP E . -0.89 -41.81 4.26
C2 ATP E . -2.00 -42.45 3.83
N3 ATP E . -2.62 -42.16 2.68
C4 ATP E . -2.15 -41.20 1.86
MG MG F . -4.04 -34.93 1.40
PG ATP G . -7.20 -23.96 -22.52
O1G ATP G . -7.87 -24.81 -21.46
O2G ATP G . -7.98 -22.84 -23.17
O3G ATP G . -5.79 -23.61 -22.16
PB ATP G . -8.05 -25.07 -24.77
O1B ATP G . -7.44 -25.07 -26.14
O2B ATP G . -9.09 -24.06 -24.37
O3B ATP G . -6.93 -25.02 -23.66
PA ATP G . -10.13 -26.57 -25.08
O1A ATP G . -11.03 -27.08 -23.98
O2A ATP G . -10.38 -25.22 -25.67
O3A ATP G . -8.65 -26.49 -24.58
O5' ATP G . -9.93 -27.69 -26.21
C5' ATP G . -10.90 -28.69 -26.48
C4' ATP G . -11.04 -28.81 -27.99
O4' ATP G . -12.06 -27.96 -28.49
C3' ATP G . -9.81 -28.41 -28.76
O3' ATP G . -9.11 -29.60 -29.13
C2' ATP G . -10.34 -27.69 -29.99
O2' ATP G . -10.03 -28.39 -31.19
C1' ATP G . -11.83 -27.73 -29.87
N9 ATP G . -12.48 -26.46 -30.29
C8 ATP G . -12.92 -25.52 -29.45
N7 ATP G . -13.48 -24.48 -30.11
C5 ATP G . -13.39 -24.76 -31.41
C6 ATP G . -13.78 -24.08 -32.66
N6 ATP G . -14.37 -22.87 -32.64
N1 ATP G . -13.51 -24.71 -33.82
C2 ATP G . -12.89 -25.90 -33.86
N3 ATP G . -12.52 -26.57 -32.75
C4 ATP G . -12.73 -26.07 -31.52
MG MG H . -9.32 -23.62 -26.32
#